data_2XQA
#
_entry.id   2XQA
#
_cell.length_a   183.314
_cell.length_b   128.310
_cell.length_c   164.374
_cell.angle_alpha   90.00
_cell.angle_beta   104.04
_cell.angle_gamma   90.00
#
_symmetry.space_group_name_H-M   'C 1 2 1'
#
loop_
_entity.id
_entity.type
_entity.pdbx_description
1 polymer 'GLR4197 PROTEIN'
2 non-polymer 'ANTIMONY (III) ION'
#
_entity_poly.entity_id   1
_entity_poly.type   'polypeptide(L)'
_entity_poly.pdbx_seq_one_letter_code
;GQDMVSPPPPIADEPLTVNTGIYLIECYSLDDKAETFKVNAFLSLSWKDRRLAFDPVRSGVRVKTYEPEAIWIPEIRFVN
VENARDADVVDISVSPDGTVQYLERFSARVLSPLDFRRYPFDSQTLHIYLIVRSVDTRNIVLAVDLEKVGKNDDVFLTGW
DIESFTAVVKPANFALEDRLESKLDYQLRISRQYFSYIPNIILPMLFILFISWTAFWSTSYEANVTLVVSTLIAHIAFNI
LVETNLPKTPYMTYTGAIIFMIYLFYFVAVIEVTVQHYLKVESQPARAASITRASRIAFPVVFLLANIILAFLFFGF
;
_entity_poly.pdbx_strand_id   A,B,C,D,E
#
# COMPACT_ATOMS: atom_id res chain seq x y z
N PRO A 8 -26.47 -25.34 24.50
CA PRO A 8 -26.75 -26.48 25.39
C PRO A 8 -25.49 -27.08 26.07
N PRO A 9 -24.93 -26.39 27.09
CA PRO A 9 -23.64 -26.73 27.74
C PRO A 9 -23.71 -27.92 28.70
N PRO A 10 -22.58 -28.61 28.91
CA PRO A 10 -22.54 -29.91 29.60
C PRO A 10 -22.78 -29.78 31.10
N ILE A 11 -23.79 -30.50 31.58
CA ILE A 11 -24.22 -30.45 32.96
C ILE A 11 -23.14 -31.06 33.86
N ALA A 12 -22.26 -30.20 34.36
CA ALA A 12 -21.13 -30.66 35.16
C ALA A 12 -21.54 -30.75 36.62
N ASP A 13 -20.57 -30.97 37.51
CA ASP A 13 -20.78 -30.85 38.96
C ASP A 13 -19.78 -29.83 39.52
N GLU A 14 -18.81 -29.45 38.67
CA GLU A 14 -17.90 -28.33 38.93
C GLU A 14 -17.36 -27.67 37.63
N PRO A 15 -16.54 -26.61 37.79
CA PRO A 15 -15.95 -25.95 36.61
C PRO A 15 -15.38 -26.93 35.61
N LEU A 16 -16.06 -27.03 34.46
CA LEU A 16 -15.60 -27.86 33.35
C LEU A 16 -14.30 -27.35 32.76
N THR A 17 -13.28 -28.18 32.84
CA THR A 17 -11.99 -27.92 32.23
C THR A 17 -12.07 -28.15 30.72
N VAL A 18 -11.45 -27.26 29.95
CA VAL A 18 -11.31 -27.42 28.50
C VAL A 18 -9.83 -27.52 28.18
N ASN A 19 -9.43 -28.60 27.51
CA ASN A 19 -8.01 -28.79 27.21
C ASN A 19 -7.56 -28.24 25.85
N THR A 20 -6.65 -27.27 25.87
CA THR A 20 -6.22 -26.57 24.66
C THR A 20 -4.86 -27.05 24.13
N GLY A 21 -4.44 -26.53 22.97
CA GLY A 21 -3.19 -26.93 22.34
C GLY A 21 -3.03 -26.40 20.92
N ILE A 22 -1.96 -25.67 20.67
CA ILE A 22 -1.72 -25.08 19.36
C ILE A 22 -0.55 -25.69 18.60
N TYR A 23 -0.80 -26.14 17.37
CA TYR A 23 0.27 -26.63 16.52
C TYR A 23 0.61 -25.66 15.37
N LEU A 24 1.53 -24.73 15.61
CA LEU A 24 2.03 -23.87 14.54
C LEU A 24 2.36 -24.67 13.26
N ILE A 25 1.72 -24.31 12.16
CA ILE A 25 1.98 -24.96 10.91
C ILE A 25 2.79 -23.99 10.09
N GLU A 26 2.37 -22.73 10.12
CA GLU A 26 3.09 -21.69 9.43
C GLU A 26 3.31 -20.46 10.32
N CYS A 27 4.42 -19.78 10.09
CA CYS A 27 4.66 -18.46 10.67
C CYS A 27 5.22 -17.54 9.59
N TYR A 28 4.85 -16.25 9.65
CA TYR A 28 5.26 -15.34 8.59
C TYR A 28 4.86 -13.89 8.80
N SER A 29 5.19 -13.04 7.82
CA SER A 29 4.89 -11.60 7.79
C SER A 29 4.88 -10.91 9.18
N LEU A 30 5.98 -11.09 9.92
CA LEU A 30 6.22 -10.32 11.14
C LEU A 30 6.47 -8.85 10.76
N ASP A 31 5.50 -8.01 11.09
CA ASP A 31 5.54 -6.61 10.69
C ASP A 31 6.03 -5.74 11.84
N ASP A 32 7.31 -5.37 11.82
CA ASP A 32 7.94 -4.53 12.87
C ASP A 32 7.25 -3.18 13.11
N LYS A 33 6.94 -2.46 12.03
CA LYS A 33 6.19 -1.20 12.14
C LYS A 33 4.85 -1.43 12.83
N ALA A 34 4.13 -2.46 12.37
CA ALA A 34 2.76 -2.75 12.82
C ALA A 34 2.69 -3.41 14.19
N GLU A 35 3.76 -4.12 14.55
CA GLU A 35 3.83 -4.91 15.77
C GLU A 35 2.83 -6.08 15.75
N THR A 36 2.81 -6.78 14.62
CA THR A 36 1.95 -7.92 14.46
C THR A 36 2.68 -8.98 13.67
N PHE A 37 2.13 -10.19 13.67
CA PHE A 37 2.64 -11.23 12.82
C PHE A 37 1.48 -12.16 12.47
N LYS A 38 1.61 -12.89 11.38
CA LYS A 38 0.55 -13.78 10.99
C LYS A 38 0.98 -15.24 11.32
N VAL A 39 0.04 -16.00 11.89
CA VAL A 39 0.26 -17.43 12.14
C VAL A 39 -0.91 -18.31 11.65
N ASN A 40 -0.55 -19.43 11.03
CA ASN A 40 -1.49 -20.47 10.67
C ASN A 40 -1.08 -21.69 11.51
N ALA A 41 -2.05 -22.33 12.16
CA ALA A 41 -1.75 -23.36 13.16
C ALA A 41 -2.98 -24.14 13.58
N PHE A 42 -2.75 -25.29 14.24
CA PHE A 42 -3.80 -26.18 14.75
C PHE A 42 -4.27 -25.71 16.10
N LEU A 43 -5.57 -25.83 16.36
CA LEU A 43 -6.09 -25.57 17.71
C LEU A 43 -6.85 -26.78 18.25
N SER A 44 -6.27 -27.41 19.27
CA SER A 44 -6.81 -28.66 19.81
C SER A 44 -7.55 -28.42 21.11
N LEU A 45 -8.81 -28.83 21.17
CA LEU A 45 -9.63 -28.65 22.37
C LEU A 45 -10.20 -30.01 22.83
N SER A 46 -10.61 -30.09 24.09
CA SER A 46 -11.25 -31.31 24.62
C SER A 46 -12.01 -31.10 25.97
N TRP A 47 -13.01 -31.94 26.23
CA TRP A 47 -13.79 -31.80 27.47
C TRP A 47 -14.75 -32.96 27.72
N LYS A 48 -15.04 -33.25 29.00
CA LYS A 48 -16.04 -34.28 29.33
C LYS A 48 -17.45 -33.72 29.29
N ASP A 49 -18.16 -34.11 28.24
CA ASP A 49 -19.55 -33.80 28.07
C ASP A 49 -20.25 -35.12 28.30
N ARG A 50 -20.16 -35.62 29.54
CA ARG A 50 -20.69 -36.93 29.94
C ARG A 50 -22.05 -37.18 29.30
N ARG A 51 -22.69 -36.08 28.93
CA ARG A 51 -24.02 -36.03 28.33
C ARG A 51 -24.16 -36.84 27.04
N LEU A 52 -23.05 -37.10 26.36
CA LEU A 52 -23.13 -37.88 25.14
C LEU A 52 -22.13 -39.03 25.19
N ALA A 53 -22.09 -39.68 26.35
CA ALA A 53 -21.42 -40.96 26.49
C ALA A 53 -22.22 -42.03 25.71
N PHE A 54 -21.59 -43.14 25.33
CA PHE A 54 -22.28 -43.99 24.38
C PHE A 54 -21.96 -45.47 24.20
N ASP A 55 -22.13 -46.25 25.26
CA ASP A 55 -22.32 -47.68 25.15
C ASP A 55 -21.55 -48.32 23.99
N PRO A 56 -20.21 -48.36 24.09
CA PRO A 56 -19.35 -48.89 23.01
C PRO A 56 -19.94 -50.09 22.25
N VAL A 57 -20.09 -51.19 22.97
CA VAL A 57 -20.61 -52.41 22.39
C VAL A 57 -22.03 -52.22 21.85
N ARG A 58 -22.90 -51.67 22.68
CA ARG A 58 -24.32 -51.52 22.39
C ARG A 58 -24.68 -50.94 21.01
N SER A 59 -23.84 -50.03 20.49
CA SER A 59 -24.08 -49.47 19.15
C SER A 59 -22.78 -49.04 18.48
N GLY A 60 -22.86 -48.74 17.19
CA GLY A 60 -21.73 -48.21 16.44
C GLY A 60 -20.35 -48.73 16.82
N VAL A 61 -19.41 -47.80 17.01
CA VAL A 61 -17.99 -48.14 17.13
C VAL A 61 -17.21 -47.39 18.22
N ARG A 62 -15.88 -47.54 18.19
CA ARG A 62 -14.96 -46.96 19.16
C ARG A 62 -15.28 -45.51 19.52
N VAL A 63 -15.41 -44.67 18.50
CA VAL A 63 -15.64 -43.24 18.68
C VAL A 63 -16.60 -42.70 17.62
N LYS A 64 -17.48 -41.79 18.04
CA LYS A 64 -18.49 -41.23 17.12
C LYS A 64 -18.17 -39.78 16.66
N THR A 65 -18.16 -39.61 15.33
CA THR A 65 -17.87 -38.33 14.70
C THR A 65 -19.12 -37.45 14.58
N TYR A 66 -19.03 -36.24 15.13
CA TYR A 66 -20.09 -35.22 15.03
C TYR A 66 -19.72 -34.00 14.19
N GLU A 67 -20.74 -33.28 13.75
CA GLU A 67 -20.56 -32.00 13.10
C GLU A 67 -20.82 -30.99 14.22
N PRO A 68 -20.15 -29.82 14.16
CA PRO A 68 -20.23 -28.74 15.16
C PRO A 68 -21.66 -28.32 15.58
N GLU A 69 -22.62 -28.43 14.67
CA GLU A 69 -24.00 -28.08 14.99
C GLU A 69 -24.55 -28.99 16.07
N ALA A 70 -24.19 -30.27 16.01
CA ALA A 70 -24.69 -31.26 16.97
C ALA A 70 -24.23 -31.00 18.41
N ILE A 71 -22.94 -31.15 18.66
CA ILE A 71 -22.37 -31.01 20.01
C ILE A 71 -22.46 -29.59 20.54
N TRP A 72 -22.41 -29.46 21.85
CA TRP A 72 -22.11 -28.18 22.46
C TRP A 72 -20.60 -27.97 22.42
N ILE A 73 -20.16 -26.84 21.84
CA ILE A 73 -18.73 -26.55 21.75
C ILE A 73 -18.37 -25.22 22.42
N PRO A 74 -17.24 -25.20 23.14
CA PRO A 74 -16.82 -24.03 23.90
C PRO A 74 -16.29 -22.92 22.99
N GLU A 75 -16.77 -21.70 23.21
CA GLU A 75 -16.31 -20.56 22.42
C GLU A 75 -14.92 -20.11 22.87
N ILE A 76 -13.91 -20.44 22.06
CA ILE A 76 -12.54 -20.07 22.36
C ILE A 76 -12.04 -18.95 21.46
N ARG A 77 -12.19 -17.72 21.93
CA ARG A 77 -11.81 -16.54 21.18
C ARG A 77 -10.37 -16.20 21.51
N PHE A 78 -9.60 -15.82 20.48
CA PHE A 78 -8.22 -15.35 20.62
C PHE A 78 -8.28 -13.91 21.07
N VAL A 79 -7.45 -13.56 22.05
CA VAL A 79 -7.54 -12.25 22.70
C VAL A 79 -6.99 -11.09 21.85
N ASN A 80 -5.71 -11.16 21.58
CA ASN A 80 -5.01 -10.12 20.82
C ASN A 80 -4.98 -10.38 19.30
N VAL A 81 -6.13 -10.26 18.66
CA VAL A 81 -6.15 -10.44 17.22
C VAL A 81 -6.88 -9.30 16.54
N GLU A 82 -6.39 -8.92 15.37
CA GLU A 82 -7.01 -7.85 14.63
C GLU A 82 -8.46 -8.18 14.32
N ASN A 83 -8.68 -9.29 13.62
CA ASN A 83 -10.03 -9.68 13.23
C ASN A 83 -10.46 -11.06 13.70
N ALA A 84 -11.71 -11.38 13.46
CA ALA A 84 -12.21 -12.73 13.73
C ALA A 84 -11.22 -13.75 13.17
N ARG A 85 -10.52 -14.44 14.07
CA ARG A 85 -9.67 -15.57 13.73
C ARG A 85 -10.27 -16.45 12.62
N ASP A 86 -9.51 -16.72 11.56
CA ASP A 86 -10.10 -17.35 10.38
C ASP A 86 -9.85 -18.86 10.28
N ALA A 87 -10.71 -19.65 10.93
CA ALA A 87 -10.47 -21.09 11.05
C ALA A 87 -11.52 -22.02 10.42
N ASP A 88 -11.05 -23.12 9.84
CA ASP A 88 -11.90 -24.21 9.33
C ASP A 88 -11.75 -25.37 10.31
N VAL A 89 -12.80 -26.18 10.48
CA VAL A 89 -12.78 -27.32 11.42
C VAL A 89 -12.27 -28.60 10.79
N VAL A 90 -11.57 -29.42 11.58
CA VAL A 90 -10.91 -30.58 11.00
C VAL A 90 -11.54 -31.92 11.40
N ASP A 91 -11.84 -32.06 12.69
CA ASP A 91 -12.35 -33.33 13.18
C ASP A 91 -12.97 -33.12 14.56
N ILE A 92 -14.12 -33.74 14.80
CA ILE A 92 -14.70 -33.75 16.14
C ILE A 92 -14.98 -35.20 16.50
N SER A 93 -14.38 -35.70 17.58
CA SER A 93 -14.43 -37.14 17.88
C SER A 93 -14.73 -37.44 19.34
N VAL A 94 -15.99 -37.68 19.66
CA VAL A 94 -16.43 -37.95 21.04
C VAL A 94 -16.09 -39.36 21.51
N SER A 95 -15.32 -39.44 22.60
CA SER A 95 -14.99 -40.72 23.22
C SER A 95 -16.19 -41.28 24.00
N PRO A 96 -16.14 -42.58 24.35
CA PRO A 96 -17.20 -43.22 25.16
C PRO A 96 -17.60 -42.46 26.42
N ASP A 97 -16.66 -42.20 27.31
CA ASP A 97 -17.00 -41.59 28.59
C ASP A 97 -17.63 -40.20 28.47
N GLY A 98 -17.84 -39.75 27.24
CA GLY A 98 -18.42 -38.44 26.99
C GLY A 98 -17.37 -37.40 26.71
N THR A 99 -16.14 -37.88 26.46
CA THR A 99 -14.97 -37.03 26.18
C THR A 99 -14.89 -36.58 24.71
N VAL A 100 -14.96 -35.27 24.47
CA VAL A 100 -14.97 -34.76 23.09
C VAL A 100 -13.56 -34.38 22.62
N GLN A 101 -13.27 -34.67 21.36
CA GLN A 101 -11.96 -34.38 20.75
C GLN A 101 -12.06 -33.44 19.54
N TYR A 102 -11.71 -32.17 19.76
CA TYR A 102 -11.91 -31.11 18.76
C TYR A 102 -10.57 -30.64 18.17
N LEU A 103 -10.56 -30.39 16.87
CA LEU A 103 -9.39 -29.90 16.17
C LEU A 103 -9.76 -28.97 14.99
N GLU A 104 -9.18 -27.78 15.00
CA GLU A 104 -9.37 -26.81 13.90
C GLU A 104 -8.01 -26.30 13.41
N ARG A 105 -8.02 -25.55 12.31
CA ARG A 105 -6.79 -25.05 11.73
C ARG A 105 -6.87 -23.59 11.32
N PHE A 106 -6.77 -22.71 12.31
CA PHE A 106 -6.92 -21.27 12.12
C PHE A 106 -5.70 -20.55 11.52
N SER A 107 -5.98 -19.36 10.99
CA SER A 107 -4.98 -18.52 10.41
C SER A 107 -5.43 -17.13 10.76
N ALA A 108 -4.77 -16.53 11.74
CA ALA A 108 -5.14 -15.20 12.17
C ALA A 108 -3.88 -14.37 12.45
N ARG A 109 -3.95 -13.06 12.18
CA ARG A 109 -2.78 -12.19 12.45
C ARG A 109 -2.83 -11.62 13.85
N VAL A 110 -1.82 -11.98 14.64
CA VAL A 110 -1.76 -11.69 16.08
C VAL A 110 -1.16 -10.31 16.34
N LEU A 111 -1.60 -9.65 17.39
CA LEU A 111 -1.04 -8.34 17.69
C LEU A 111 -0.12 -8.37 18.91
N SER A 112 1.04 -9.03 18.78
CA SER A 112 2.02 -9.03 19.88
C SER A 112 2.95 -7.83 19.77
N PRO A 113 3.27 -7.21 20.93
CA PRO A 113 4.17 -6.06 20.96
C PRO A 113 5.64 -6.52 20.94
N LEU A 114 6.54 -5.61 20.58
CA LEU A 114 7.95 -5.95 20.51
C LEU A 114 8.80 -4.86 21.17
N ASP A 115 9.97 -5.25 21.66
CA ASP A 115 10.86 -4.33 22.34
C ASP A 115 12.12 -4.03 21.52
N PHE A 116 12.09 -2.92 20.80
CA PHE A 116 13.18 -2.53 19.91
C PHE A 116 14.34 -1.88 20.63
N ARG A 117 14.47 -2.14 21.92
CA ARG A 117 15.46 -1.44 22.72
C ARG A 117 16.89 -1.84 22.32
N ARG A 118 17.01 -3.00 21.68
CA ARG A 118 18.30 -3.43 21.13
C ARG A 118 18.21 -3.67 19.62
N TYR A 119 17.53 -2.76 18.93
CA TYR A 119 16.93 -3.03 17.60
C TYR A 119 17.60 -4.14 16.79
N PRO A 120 18.72 -3.84 16.12
CA PRO A 120 19.09 -4.86 15.12
C PRO A 120 19.48 -6.17 15.77
N PHE A 121 19.82 -6.11 17.05
CA PHE A 121 20.26 -7.26 17.83
C PHE A 121 19.30 -7.47 18.97
N ASP A 122 18.08 -7.88 18.64
CA ASP A 122 17.03 -7.99 19.64
C ASP A 122 16.39 -9.36 19.62
N SER A 123 15.99 -9.85 20.79
CA SER A 123 15.23 -11.08 20.86
C SER A 123 13.83 -10.78 21.33
N GLN A 124 12.85 -11.48 20.76
CA GLN A 124 11.45 -11.19 21.03
C GLN A 124 10.74 -12.37 21.62
N THR A 125 9.59 -12.09 22.23
CA THR A 125 8.72 -13.12 22.78
C THR A 125 7.27 -12.80 22.39
N LEU A 126 6.76 -13.53 21.38
CA LEU A 126 5.44 -13.25 20.83
C LEU A 126 4.36 -13.97 21.63
N HIS A 127 3.11 -13.50 21.55
CA HIS A 127 2.01 -14.10 22.32
C HIS A 127 0.74 -14.41 21.54
N ILE A 128 0.13 -15.56 21.86
CA ILE A 128 -1.18 -15.97 21.38
C ILE A 128 -2.03 -16.20 22.65
N TYR A 129 -3.34 -15.99 22.60
CA TYR A 129 -4.04 -15.93 23.88
C TYR A 129 -5.19 -16.90 24.28
N LEU A 130 -6.34 -16.84 23.62
CA LEU A 130 -7.42 -17.76 24.02
C LEU A 130 -8.17 -17.64 25.36
N ILE A 131 -8.98 -16.59 25.51
CA ILE A 131 -9.95 -16.54 26.60
C ILE A 131 -11.14 -17.45 26.37
N VAL A 132 -12.03 -17.48 27.36
CA VAL A 132 -13.26 -18.27 27.25
C VAL A 132 -14.20 -17.89 28.40
N ARG A 133 -15.40 -17.42 28.04
CA ARG A 133 -16.32 -16.86 29.00
C ARG A 133 -17.20 -17.96 29.56
N SER A 134 -17.56 -17.86 30.85
CA SER A 134 -18.39 -18.88 31.48
C SER A 134 -19.90 -18.53 31.33
N VAL A 135 -20.80 -19.45 31.67
CA VAL A 135 -22.24 -19.23 31.39
C VAL A 135 -22.99 -19.44 32.72
N ASP A 136 -23.10 -20.72 33.11
CA ASP A 136 -23.74 -21.14 34.36
C ASP A 136 -23.01 -22.36 34.93
N THR A 137 -22.06 -22.87 34.14
CA THR A 137 -20.90 -23.60 34.66
C THR A 137 -19.69 -22.69 34.41
N ARG A 138 -18.69 -22.77 35.29
CA ARG A 138 -17.47 -22.01 35.10
C ARG A 138 -16.60 -22.75 34.11
N ASN A 139 -15.84 -22.00 33.33
CA ASN A 139 -14.87 -22.59 32.40
C ASN A 139 -13.46 -22.19 32.71
N ILE A 140 -12.66 -23.21 32.98
CA ILE A 140 -11.23 -23.05 33.10
C ILE A 140 -10.76 -23.74 31.86
N VAL A 141 -9.78 -23.13 31.21
CA VAL A 141 -9.05 -23.68 30.07
C VAL A 141 -7.75 -24.23 30.66
N LEU A 142 -7.02 -25.06 29.91
CA LEU A 142 -5.69 -25.54 30.34
C LEU A 142 -5.00 -26.32 29.20
N ALA A 143 -3.67 -26.37 29.17
CA ALA A 143 -2.93 -26.94 28.02
C ALA A 143 -2.68 -28.47 28.07
N VAL A 144 -2.93 -29.17 26.95
CA VAL A 144 -2.53 -30.58 26.80
C VAL A 144 -1.31 -30.70 25.89
N ASP A 145 -0.18 -31.00 26.50
CA ASP A 145 1.14 -30.75 25.92
C ASP A 145 1.56 -31.65 24.75
N LEU A 146 0.64 -32.47 24.28
CA LEU A 146 0.94 -33.34 23.16
C LEU A 146 0.34 -32.77 21.87
N GLU A 147 -0.63 -31.88 22.03
CA GLU A 147 -1.13 -31.07 20.93
C GLU A 147 -0.59 -29.64 21.02
N LYS A 148 0.34 -29.42 21.97
CA LYS A 148 1.00 -28.12 22.17
C LYS A 148 2.45 -28.09 21.76
N VAL A 149 2.97 -29.23 21.30
CA VAL A 149 4.32 -29.29 20.72
C VAL A 149 4.21 -28.64 19.35
N GLY A 150 3.24 -27.73 19.23
CA GLY A 150 2.89 -27.08 17.99
C GLY A 150 4.00 -26.21 17.48
N LYS A 151 4.64 -26.70 16.44
CA LYS A 151 5.71 -26.00 15.75
C LYS A 151 6.23 -27.12 14.88
N ASN A 152 6.13 -26.95 13.57
CA ASN A 152 6.72 -27.92 12.69
C ASN A 152 8.23 -27.71 12.69
N ASP A 153 8.92 -28.51 11.89
CA ASP A 153 10.34 -28.29 11.70
C ASP A 153 10.47 -27.43 10.44
N ASP A 154 9.42 -26.65 10.20
CA ASP A 154 9.31 -25.82 9.01
C ASP A 154 8.91 -24.40 9.37
N VAL A 155 8.58 -24.15 10.63
CA VAL A 155 8.16 -22.83 11.04
C VAL A 155 9.14 -21.87 10.38
N PHE A 156 8.59 -20.88 9.69
CA PHE A 156 9.39 -20.00 8.86
C PHE A 156 9.82 -18.72 9.56
N LEU A 157 8.92 -17.73 9.56
CA LEU A 157 9.20 -16.40 10.11
C LEU A 157 10.49 -15.76 9.58
N THR A 158 10.38 -15.22 8.38
CA THR A 158 11.52 -14.72 7.62
C THR A 158 12.37 -13.73 8.41
N GLY A 159 13.67 -13.97 8.41
CA GLY A 159 14.61 -13.05 9.03
C GLY A 159 14.67 -13.09 10.55
N TRP A 160 14.02 -14.11 11.12
CA TRP A 160 14.11 -14.39 12.55
C TRP A 160 14.43 -15.86 12.80
N ASP A 161 15.37 -16.08 13.70
CA ASP A 161 15.64 -17.42 14.18
C ASP A 161 14.56 -17.69 15.21
N ILE A 162 13.96 -18.88 15.17
CA ILE A 162 12.92 -19.21 16.16
C ILE A 162 13.44 -20.12 17.25
N GLU A 163 13.29 -19.67 18.48
CA GLU A 163 13.94 -20.32 19.61
C GLU A 163 13.11 -21.44 20.24
N SER A 164 11.82 -21.20 20.46
CA SER A 164 10.97 -22.17 21.17
C SER A 164 9.49 -21.77 21.22
N PHE A 165 8.59 -22.70 20.85
CA PHE A 165 7.15 -22.50 21.10
C PHE A 165 6.76 -23.32 22.33
N THR A 166 6.35 -22.62 23.39
CA THR A 166 6.00 -23.19 24.69
C THR A 166 4.68 -22.56 25.18
N ALA A 167 4.19 -22.92 26.38
CA ALA A 167 3.00 -22.23 26.94
C ALA A 167 2.83 -22.21 28.48
N VAL A 168 2.21 -21.14 29.00
CA VAL A 168 2.01 -20.96 30.45
C VAL A 168 0.88 -21.82 30.98
N VAL A 169 1.26 -22.92 31.61
CA VAL A 169 0.32 -23.92 32.10
C VAL A 169 -0.85 -23.33 32.91
N LYS A 170 -0.53 -22.55 33.95
CA LYS A 170 -1.55 -21.98 34.82
C LYS A 170 -2.25 -20.79 34.18
N PRO A 171 -3.54 -20.96 33.84
CA PRO A 171 -4.29 -19.86 33.22
C PRO A 171 -4.56 -18.74 34.22
N ALA A 172 -4.91 -17.58 33.69
CA ALA A 172 -5.33 -16.49 34.54
C ALA A 172 -6.83 -16.39 34.39
N ASN A 173 -7.54 -16.52 35.50
CA ASN A 173 -8.98 -16.41 35.47
C ASN A 173 -9.46 -15.03 35.95
N PHE A 174 -10.15 -14.32 35.07
CA PHE A 174 -10.61 -12.96 35.35
C PHE A 174 -12.01 -13.00 35.87
N ALA A 175 -12.45 -11.84 36.31
CA ALA A 175 -13.87 -11.61 36.40
C ALA A 175 -14.07 -10.44 35.44
N LEU A 176 -14.68 -10.76 34.32
CA LEU A 176 -14.93 -9.73 33.35
C LEU A 176 -16.43 -9.60 33.09
N GLU A 177 -17.02 -8.54 33.62
CA GLU A 177 -18.47 -8.30 33.51
C GLU A 177 -19.32 -9.44 34.07
N ASP A 178 -19.29 -9.57 35.39
CA ASP A 178 -20.11 -10.56 36.08
C ASP A 178 -20.06 -11.92 35.41
N ARG A 179 -18.89 -12.32 34.94
CA ARG A 179 -18.67 -13.66 34.36
C ARG A 179 -17.19 -13.96 34.24
N LEU A 180 -16.68 -14.88 35.05
CA LEU A 180 -15.27 -15.19 34.99
C LEU A 180 -14.94 -15.73 33.62
N GLU A 181 -13.87 -15.22 33.04
CA GLU A 181 -13.30 -15.83 31.85
C GLU A 181 -11.99 -16.50 32.24
N SER A 182 -11.37 -17.17 31.28
CA SER A 182 -10.13 -17.87 31.53
C SER A 182 -9.25 -17.75 30.32
N LYS A 183 -8.05 -17.20 30.54
CA LYS A 183 -7.10 -16.85 29.48
C LYS A 183 -5.81 -17.66 29.62
N LEU A 184 -5.28 -18.11 28.49
CA LEU A 184 -4.03 -18.89 28.42
C LEU A 184 -2.94 -18.13 27.67
N ASP A 185 -1.67 -18.47 27.91
CA ASP A 185 -0.57 -17.70 27.28
C ASP A 185 0.39 -18.54 26.40
N TYR A 186 0.19 -18.52 25.08
CA TYR A 186 1.08 -19.24 24.18
C TYR A 186 2.25 -18.38 23.70
N GLN A 187 3.47 -18.85 23.97
CA GLN A 187 4.69 -18.06 23.82
C GLN A 187 5.63 -18.48 22.69
N LEU A 188 5.85 -17.58 21.74
CA LEU A 188 6.81 -17.81 20.66
C LEU A 188 8.05 -16.93 20.81
N ARG A 189 9.18 -17.56 21.16
CA ARG A 189 10.46 -16.86 21.37
C ARG A 189 11.30 -16.84 20.09
N ILE A 190 11.72 -15.65 19.68
CA ILE A 190 12.47 -15.48 18.44
C ILE A 190 13.62 -14.50 18.63
N SER A 191 14.76 -14.77 17.98
CA SER A 191 15.83 -13.79 17.88
C SER A 191 15.94 -13.28 16.45
N ARG A 192 16.24 -11.99 16.26
CA ARG A 192 16.37 -11.48 14.91
C ARG A 192 17.67 -11.98 14.31
N GLN A 193 17.64 -12.19 13.00
CA GLN A 193 18.84 -12.43 12.22
C GLN A 193 19.41 -11.08 11.81
N TYR A 194 20.05 -10.43 12.78
CA TYR A 194 20.89 -9.26 12.53
C TYR A 194 21.96 -9.80 11.64
N PHE A 195 22.45 -8.97 10.75
CA PHE A 195 23.50 -9.41 9.86
C PHE A 195 23.35 -8.59 8.63
N SER A 196 22.30 -8.89 7.87
CA SER A 196 21.98 -8.10 6.68
C SER A 196 22.02 -6.62 7.05
N TYR A 197 22.02 -6.39 8.37
CA TYR A 197 22.13 -5.07 8.98
C TYR A 197 23.56 -4.49 8.92
N ILE A 198 24.57 -5.35 8.90
CA ILE A 198 25.95 -4.87 8.80
C ILE A 198 26.39 -4.44 7.38
N PRO A 199 26.43 -5.38 6.43
CA PRO A 199 26.87 -5.07 5.05
C PRO A 199 26.04 -3.96 4.40
N ASN A 200 24.89 -3.67 4.99
CA ASN A 200 23.91 -2.78 4.37
C ASN A 200 23.64 -1.48 5.14
N ILE A 201 23.92 -1.51 6.46
CA ILE A 201 23.60 -0.37 7.33
C ILE A 201 24.76 -0.02 8.26
N ILE A 202 25.14 -0.96 9.11
CA ILE A 202 26.13 -0.71 10.15
C ILE A 202 27.41 -0.29 9.49
N LEU A 203 27.96 -1.19 8.69
CA LEU A 203 29.20 -0.89 7.99
C LEU A 203 29.05 0.34 7.12
N PRO A 204 28.24 0.28 6.05
CA PRO A 204 28.23 1.46 5.17
C PRO A 204 28.05 2.76 5.93
N MET A 205 27.31 2.71 7.03
CA MET A 205 27.03 3.90 7.84
C MET A 205 28.28 4.38 8.57
N LEU A 206 29.13 3.43 8.99
CA LEU A 206 30.46 3.72 9.54
C LEU A 206 31.46 4.31 8.51
N PHE A 207 31.64 3.62 7.39
CA PHE A 207 32.56 4.05 6.34
C PHE A 207 32.45 5.54 5.99
N ILE A 208 31.23 6.03 5.80
CA ILE A 208 31.03 7.44 5.45
C ILE A 208 31.57 8.33 6.55
N LEU A 209 31.35 7.92 7.81
CA LEU A 209 31.78 8.69 9.00
C LEU A 209 33.28 8.90 9.04
N PHE A 210 34.01 7.92 8.53
CA PHE A 210 35.46 7.98 8.45
C PHE A 210 35.93 8.95 7.37
N ILE A 211 35.61 8.65 6.12
CA ILE A 211 35.81 9.62 5.07
C ILE A 211 35.45 11.05 5.50
N SER A 212 34.37 11.21 6.27
CA SER A 212 33.96 12.52 6.80
C SER A 212 35.18 13.20 7.35
N TRP A 213 35.90 12.46 8.18
CA TRP A 213 36.99 13.06 8.92
C TRP A 213 38.39 12.70 8.37
N THR A 214 38.41 12.30 7.11
CA THR A 214 39.60 12.42 6.30
C THR A 214 39.98 13.90 6.25
N ALA A 215 38.99 14.78 6.33
CA ALA A 215 39.21 16.23 6.21
C ALA A 215 39.97 16.84 7.40
N PHE A 216 40.60 15.98 8.19
CA PHE A 216 41.55 16.43 9.19
C PHE A 216 42.93 16.57 8.53
N TRP A 217 43.29 15.60 7.70
CA TRP A 217 44.55 15.66 6.94
C TRP A 217 44.42 16.55 5.72
N SER A 218 43.65 17.63 5.85
CA SER A 218 43.40 18.51 4.73
C SER A 218 43.39 19.95 5.22
N THR A 219 43.73 20.87 4.33
CA THR A 219 43.79 22.29 4.66
C THR A 219 42.86 23.09 3.77
N SER A 220 42.36 22.45 2.72
CA SER A 220 41.40 23.07 1.82
C SER A 220 40.06 23.13 2.51
N TYR A 221 39.53 24.34 2.70
CA TYR A 221 38.20 24.47 3.27
C TYR A 221 37.19 24.01 2.21
N GLU A 222 37.42 24.42 0.97
CA GLU A 222 36.53 24.07 -0.12
C GLU A 222 36.26 22.57 -0.12
N ALA A 223 37.31 21.78 0.08
CA ALA A 223 37.24 20.32 -0.02
C ALA A 223 37.07 19.68 1.33
N ASN A 224 37.03 20.51 2.37
CA ASN A 224 36.82 20.01 3.72
C ASN A 224 35.36 20.09 4.06
N VAL A 225 34.66 21.00 3.40
CA VAL A 225 33.21 21.02 3.52
C VAL A 225 32.63 20.07 2.50
N THR A 226 33.04 20.21 1.25
CA THR A 226 32.74 19.23 0.21
C THR A 226 33.04 17.85 0.77
N LEU A 227 33.69 17.82 1.93
CA LEU A 227 34.01 16.56 2.58
C LEU A 227 33.06 16.24 3.74
N VAL A 228 33.29 16.85 4.89
CA VAL A 228 32.49 16.57 6.10
C VAL A 228 30.99 16.70 5.80
N VAL A 229 30.63 17.68 4.97
CA VAL A 229 29.22 17.94 4.65
C VAL A 229 28.60 16.90 3.70
N SER A 230 29.25 16.68 2.56
CA SER A 230 28.81 15.64 1.64
C SER A 230 28.48 14.30 2.37
N THR A 231 29.25 13.95 3.41
CA THR A 231 28.99 12.71 4.14
C THR A 231 27.83 12.83 5.12
N LEU A 232 27.70 13.98 5.78
CA LEU A 232 26.61 14.15 6.71
C LEU A 232 25.25 13.94 6.02
N ILE A 233 25.08 14.56 4.87
CA ILE A 233 23.95 14.26 4.03
C ILE A 233 23.69 12.73 4.02
N ALA A 234 24.65 11.97 3.50
CA ALA A 234 24.53 10.52 3.33
C ALA A 234 24.19 9.77 4.62
N HIS A 235 24.49 10.39 5.75
CA HIS A 235 24.15 9.80 7.05
C HIS A 235 22.64 9.87 7.23
N ILE A 236 22.10 11.04 6.95
CA ILE A 236 20.66 11.21 6.97
C ILE A 236 19.97 10.14 6.14
N ALA A 237 20.48 9.94 4.95
CA ALA A 237 19.98 8.93 4.06
C ALA A 237 20.05 7.55 4.73
N PHE A 238 20.81 7.41 5.81
CA PHE A 238 20.77 6.17 6.57
C PHE A 238 19.78 6.30 7.71
N ASN A 239 19.90 7.38 8.46
CA ASN A 239 18.93 7.68 9.49
C ASN A 239 17.50 7.57 8.95
N ILE A 240 17.30 7.96 7.70
CA ILE A 240 15.98 7.88 7.09
C ILE A 240 15.66 6.43 6.72
N LEU A 241 16.62 5.73 6.13
CA LEU A 241 16.44 4.34 5.74
C LEU A 241 15.98 3.50 6.92
N VAL A 242 16.54 3.80 8.09
CA VAL A 242 16.35 2.99 9.28
C VAL A 242 15.10 3.39 10.02
N GLU A 243 14.96 4.70 10.20
CA GLU A 243 13.81 5.26 10.87
C GLU A 243 12.50 4.86 10.18
N THR A 244 12.61 4.41 8.94
CA THR A 244 11.44 4.03 8.17
C THR A 244 10.96 2.60 8.48
N ASN A 245 11.84 1.60 8.37
CA ASN A 245 11.44 0.22 8.68
C ASN A 245 11.40 -0.04 10.20
N LEU A 246 10.90 0.97 10.94
CA LEU A 246 10.82 0.94 12.40
C LEU A 246 9.74 1.91 12.96
N PRO A 247 9.11 1.53 14.08
CA PRO A 247 8.01 2.32 14.67
C PRO A 247 8.40 3.48 15.59
N LYS A 248 7.40 4.28 15.99
CA LYS A 248 7.67 5.44 16.80
C LYS A 248 7.76 5.05 18.27
N THR A 249 8.92 4.54 18.63
CA THR A 249 9.24 4.17 20.00
C THR A 249 9.25 5.40 20.94
N PRO A 250 8.75 5.22 22.16
CA PRO A 250 8.73 6.27 23.17
C PRO A 250 10.01 6.21 23.99
N TYR A 251 10.90 5.30 23.59
CA TYR A 251 12.16 5.09 24.28
C TYR A 251 13.27 5.15 23.25
N MET A 252 14.49 4.85 23.67
CA MET A 252 15.57 4.89 22.69
C MET A 252 16.06 3.52 22.24
N THR A 253 16.16 3.39 20.91
CA THR A 253 16.72 2.22 20.25
C THR A 253 18.22 2.16 20.48
N TYR A 254 18.84 1.02 20.19
CA TYR A 254 20.30 0.96 20.18
C TYR A 254 20.87 1.71 18.97
N THR A 255 20.49 1.24 17.79
CA THR A 255 20.95 1.86 16.57
C THR A 255 20.45 3.30 16.43
N GLY A 256 19.38 3.63 17.14
CA GLY A 256 18.86 4.99 17.11
C GLY A 256 19.81 5.86 17.88
N ALA A 257 20.51 5.22 18.80
CA ALA A 257 21.53 5.84 19.62
C ALA A 257 22.73 6.10 18.78
N ILE A 258 23.44 5.03 18.45
CA ILE A 258 24.66 5.15 17.66
C ILE A 258 24.42 5.92 16.35
N ILE A 259 23.23 5.81 15.77
CA ILE A 259 22.89 6.63 14.61
C ILE A 259 22.75 8.11 14.95
N PHE A 260 22.38 8.37 16.20
CA PHE A 260 22.28 9.75 16.67
C PHE A 260 23.62 10.24 17.21
N MET A 261 24.29 9.42 18.01
CA MET A 261 25.63 9.73 18.51
C MET A 261 26.53 10.09 17.34
N ILE A 262 26.24 9.52 16.18
CA ILE A 262 26.98 9.81 14.96
C ILE A 262 26.79 11.27 14.59
N TYR A 263 25.54 11.69 14.52
CA TYR A 263 25.26 13.06 14.11
C TYR A 263 26.28 14.03 14.71
N LEU A 264 26.67 13.80 15.96
CA LEU A 264 27.53 14.72 16.70
C LEU A 264 28.95 14.83 16.16
N PHE A 265 29.55 13.69 15.86
CA PHE A 265 30.93 13.62 15.39
C PHE A 265 31.11 14.23 14.00
N TYR A 266 29.98 14.62 13.42
CA TYR A 266 29.94 15.34 12.15
C TYR A 266 29.86 16.81 12.44
N PHE A 267 29.15 17.15 13.51
CA PHE A 267 28.97 18.54 13.88
C PHE A 267 30.28 19.14 14.34
N VAL A 268 30.94 18.43 15.24
CA VAL A 268 32.20 18.89 15.77
C VAL A 268 33.31 18.70 14.76
N ALA A 269 33.14 17.75 13.85
CA ALA A 269 34.01 17.67 12.68
C ALA A 269 33.91 18.98 11.91
N VAL A 270 32.69 19.33 11.53
CA VAL A 270 32.40 20.58 10.86
C VAL A 270 32.89 21.76 11.69
N ILE A 271 32.61 21.75 12.99
CA ILE A 271 33.11 22.78 13.90
C ILE A 271 34.59 22.99 13.70
N GLU A 272 35.34 21.88 13.69
CA GLU A 272 36.79 21.97 13.56
C GLU A 272 37.23 22.52 12.21
N VAL A 273 36.85 21.87 11.10
CA VAL A 273 37.30 22.36 9.80
C VAL A 273 36.96 23.82 9.71
N THR A 274 35.80 24.16 10.29
CA THR A 274 35.30 25.51 10.22
C THR A 274 36.25 26.45 10.91
N VAL A 275 36.84 25.98 12.02
CA VAL A 275 37.71 26.82 12.83
C VAL A 275 39.20 26.65 12.53
N GLN A 276 39.56 25.54 11.90
CA GLN A 276 40.88 25.41 11.27
C GLN A 276 41.05 26.48 10.19
N HIS A 277 40.09 27.39 10.13
CA HIS A 277 40.08 28.40 9.09
C HIS A 277 39.97 29.84 9.55
N TYR A 278 38.94 30.21 10.31
CA TYR A 278 38.99 31.49 11.03
C TYR A 278 40.14 31.56 12.02
N LEU A 279 41.00 30.55 11.96
CA LEU A 279 42.21 30.45 12.77
C LEU A 279 43.44 30.19 11.93
N LYS A 280 43.23 29.96 10.64
CA LYS A 280 44.34 29.82 9.71
C LYS A 280 44.39 31.06 8.81
N VAL A 281 43.27 31.78 8.71
CA VAL A 281 43.25 33.05 7.98
C VAL A 281 43.64 34.16 8.93
N GLU A 282 43.25 34.00 10.20
CA GLU A 282 43.84 34.77 11.28
C GLU A 282 45.23 34.16 11.27
N SER A 283 46.26 34.96 11.00
CA SER A 283 47.59 34.40 10.75
C SER A 283 48.11 33.74 12.03
N GLN A 284 47.56 32.58 12.32
CA GLN A 284 47.86 31.82 13.52
C GLN A 284 47.84 30.32 13.18
N PRO A 285 48.36 29.94 11.99
CA PRO A 285 48.43 28.52 11.61
C PRO A 285 49.25 27.73 12.60
N ALA A 286 49.94 28.46 13.47
CA ALA A 286 50.47 27.87 14.68
C ALA A 286 49.41 26.92 15.24
N ARG A 287 48.29 27.50 15.66
CA ARG A 287 47.20 26.77 16.30
C ARG A 287 46.48 25.82 15.37
N ALA A 288 46.01 26.34 14.24
CA ALA A 288 45.17 25.55 13.34
C ALA A 288 45.74 24.16 13.14
N ALA A 289 46.97 24.11 12.65
CA ALA A 289 47.60 22.84 12.35
C ALA A 289 47.99 22.10 13.63
N SER A 290 47.64 22.69 14.77
CA SER A 290 47.76 22.00 16.03
C SER A 290 46.44 21.28 16.32
N ILE A 291 45.34 22.02 16.24
CA ILE A 291 43.99 21.45 16.38
C ILE A 291 43.74 20.32 15.38
N THR A 292 43.86 20.62 14.10
CA THR A 292 43.59 19.65 13.04
C THR A 292 44.40 18.39 13.32
N ARG A 293 45.65 18.58 13.74
CA ARG A 293 46.55 17.48 14.08
C ARG A 293 45.94 16.63 15.19
N ALA A 294 45.30 17.31 16.14
CA ALA A 294 44.70 16.66 17.29
C ALA A 294 43.48 15.83 16.93
N SER A 295 42.56 16.41 16.18
CA SER A 295 41.28 15.78 15.89
C SER A 295 41.48 14.40 15.26
N ARG A 296 42.64 14.23 14.60
CA ARG A 296 43.00 12.97 13.97
C ARG A 296 43.14 11.83 14.98
N ILE A 297 43.02 12.18 16.26
CA ILE A 297 43.04 11.19 17.34
C ILE A 297 41.79 11.36 18.23
N ALA A 298 41.54 12.60 18.65
CA ALA A 298 40.40 12.94 19.50
C ALA A 298 39.13 12.27 19.03
N PHE A 299 38.84 12.44 17.74
CA PHE A 299 37.58 11.95 17.22
C PHE A 299 37.43 10.44 17.29
N PRO A 300 38.23 9.70 16.52
CA PRO A 300 38.11 8.23 16.46
C PRO A 300 38.13 7.59 17.84
N VAL A 301 38.95 8.13 18.73
CA VAL A 301 39.02 7.60 20.08
C VAL A 301 37.72 7.83 20.86
N VAL A 302 37.28 9.08 20.94
CA VAL A 302 36.07 9.39 21.69
C VAL A 302 34.86 8.69 21.09
N PHE A 303 35.00 8.24 19.85
CA PHE A 303 33.97 7.47 19.20
C PHE A 303 34.01 6.04 19.70
N LEU A 304 35.16 5.40 19.51
CA LEU A 304 35.34 4.03 19.98
C LEU A 304 35.10 3.96 21.50
N LEU A 305 35.35 5.09 22.15
CA LEU A 305 35.09 5.21 23.57
C LEU A 305 33.60 5.31 23.81
N ALA A 306 32.93 6.22 23.11
CA ALA A 306 31.50 6.48 23.28
C ALA A 306 30.66 5.33 22.76
N ASN A 307 31.29 4.42 22.02
CA ASN A 307 30.60 3.23 21.53
C ASN A 307 30.70 2.10 22.53
N ILE A 308 31.88 1.97 23.10
CA ILE A 308 32.07 1.05 24.19
C ILE A 308 31.24 1.53 25.37
N ILE A 309 31.05 2.86 25.47
CA ILE A 309 30.25 3.44 26.52
C ILE A 309 28.80 3.17 26.19
N LEU A 310 28.40 3.48 24.96
CA LEU A 310 27.03 3.26 24.52
C LEU A 310 26.69 1.77 24.43
N ALA A 311 27.44 1.05 23.64
CA ALA A 311 27.21 -0.38 23.50
C ALA A 311 26.99 -1.02 24.85
N PHE A 312 27.93 -0.82 25.76
CA PHE A 312 27.82 -1.40 27.09
C PHE A 312 26.58 -0.92 27.84
N LEU A 313 26.19 0.34 27.59
CA LEU A 313 25.08 0.94 28.30
C LEU A 313 23.78 0.24 27.94
N PHE A 314 23.79 -0.52 26.84
CA PHE A 314 22.58 -1.21 26.31
C PHE A 314 22.57 -2.71 26.52
N PHE A 315 23.68 -3.36 26.21
CA PHE A 315 23.77 -4.83 26.34
C PHE A 315 24.38 -5.25 27.67
N GLY A 316 25.45 -4.57 28.08
CA GLY A 316 26.16 -4.93 29.30
C GLY A 316 25.39 -4.71 30.58
N PHE A 317 24.32 -3.91 30.51
CA PHE A 317 23.47 -3.62 31.68
C PHE A 317 22.02 -4.11 31.47
N PRO B 8 -19.75 -38.56 7.39
CA PRO B 8 -20.08 -39.96 7.03
C PRO B 8 -19.09 -40.60 6.04
N PRO B 9 -17.86 -40.97 6.49
CA PRO B 9 -16.72 -41.44 5.65
C PRO B 9 -16.86 -42.88 5.15
N PRO B 10 -16.23 -43.20 4.01
CA PRO B 10 -16.46 -44.43 3.26
C PRO B 10 -15.87 -45.63 3.95
N ILE B 11 -16.73 -46.61 4.19
CA ILE B 11 -16.39 -47.80 4.94
C ILE B 11 -15.44 -48.66 4.12
N ALA B 12 -14.14 -48.44 4.34
CA ALA B 12 -13.11 -49.14 3.57
C ALA B 12 -12.79 -50.48 4.22
N ASP B 13 -11.74 -51.14 3.74
CA ASP B 13 -11.18 -52.31 4.40
C ASP B 13 -9.69 -52.03 4.68
N GLU B 14 -9.19 -50.93 4.10
CA GLU B 14 -7.87 -50.38 4.42
C GLU B 14 -7.77 -48.86 4.17
N PRO B 15 -6.60 -48.27 4.46
CA PRO B 15 -6.39 -46.84 4.20
C PRO B 15 -6.89 -46.43 2.84
N LEU B 16 -7.97 -45.66 2.83
CA LEU B 16 -8.51 -45.06 1.61
C LEU B 16 -7.54 -44.04 0.98
N THR B 17 -7.13 -44.34 -0.25
CA THR B 17 -6.29 -43.45 -1.02
C THR B 17 -7.15 -42.33 -1.59
N VAL B 18 -6.62 -41.12 -1.56
CA VAL B 18 -7.24 -39.98 -2.22
C VAL B 18 -6.32 -39.49 -3.33
N ASN B 19 -6.83 -39.43 -4.56
CA ASN B 19 -5.97 -39.01 -5.68
C ASN B 19 -6.04 -37.51 -6.00
N THR B 20 -4.91 -36.82 -5.84
CA THR B 20 -4.83 -35.36 -5.97
C THR B 20 -4.28 -34.91 -7.33
N GLY B 21 -4.27 -33.59 -7.55
CA GLY B 21 -3.81 -33.02 -8.81
C GLY B 21 -4.10 -31.55 -9.01
N ILE B 22 -3.07 -30.75 -9.21
CA ILE B 22 -3.24 -29.29 -9.36
C ILE B 22 -2.95 -28.73 -10.77
N TYR B 23 -3.92 -28.00 -11.33
CA TYR B 23 -3.72 -27.37 -12.62
C TYR B 23 -3.59 -25.86 -12.51
N LEU B 24 -2.37 -25.37 -12.28
CA LEU B 24 -2.10 -23.93 -12.31
C LEU B 24 -2.77 -23.22 -13.51
N ILE B 25 -3.66 -22.29 -13.19
CA ILE B 25 -4.35 -21.54 -14.22
C ILE B 25 -3.71 -20.19 -14.31
N GLU B 26 -3.43 -19.61 -13.14
CA GLU B 26 -2.70 -18.35 -13.03
C GLU B 26 -1.59 -18.38 -11.98
N CYS B 27 -0.52 -17.64 -12.27
CA CYS B 27 0.55 -17.38 -11.29
C CYS B 27 0.87 -15.89 -11.31
N TYR B 28 1.21 -15.36 -10.14
CA TYR B 28 1.44 -13.92 -10.07
C TYR B 28 1.89 -13.41 -8.71
N SER B 29 2.06 -12.09 -8.61
CA SER B 29 2.48 -11.37 -7.40
C SER B 29 3.43 -12.15 -6.46
N LEU B 30 4.55 -12.58 -7.10
CA LEU B 30 5.65 -13.14 -6.33
C LEU B 30 6.32 -12.02 -5.52
N ASP B 31 6.13 -12.06 -4.21
CA ASP B 31 6.61 -11.00 -3.34
C ASP B 31 7.89 -11.42 -2.64
N ASP B 32 9.02 -10.96 -3.17
CA ASP B 32 10.34 -11.29 -2.63
C ASP B 32 10.49 -10.90 -1.14
N LYS B 33 10.12 -9.68 -0.80
CA LYS B 33 10.19 -9.23 0.60
C LYS B 33 9.40 -10.21 1.48
N ALA B 34 8.19 -10.55 1.05
CA ALA B 34 7.21 -11.32 1.82
C ALA B 34 7.47 -12.83 1.80
N GLU B 35 8.16 -13.28 0.76
CA GLU B 35 8.45 -14.68 0.54
C GLU B 35 7.16 -15.44 0.33
N THR B 36 6.30 -14.90 -0.50
CA THR B 36 5.03 -15.52 -0.84
C THR B 36 4.76 -15.30 -2.32
N PHE B 37 3.77 -16.00 -2.84
CA PHE B 37 3.29 -15.74 -4.17
C PHE B 37 1.83 -16.20 -4.26
N LYS B 38 1.08 -15.63 -5.18
CA LYS B 38 -0.33 -15.97 -5.32
C LYS B 38 -0.50 -16.94 -6.50
N VAL B 39 -1.28 -18.01 -6.32
CA VAL B 39 -1.65 -18.91 -7.42
C VAL B 39 -3.14 -19.18 -7.50
N ASN B 40 -3.64 -19.19 -8.72
CA ASN B 40 -5.01 -19.63 -9.00
C ASN B 40 -4.91 -20.89 -9.87
N ALA B 41 -5.63 -21.96 -9.50
CA ALA B 41 -5.40 -23.29 -10.08
C ALA B 41 -6.50 -24.29 -9.74
N PHE B 42 -6.58 -25.37 -10.51
CA PHE B 42 -7.53 -26.47 -10.30
C PHE B 42 -7.02 -27.43 -9.25
N LEU B 43 -7.93 -27.98 -8.45
CA LEU B 43 -7.58 -29.06 -7.53
C LEU B 43 -8.46 -30.29 -7.77
N SER B 44 -7.84 -31.36 -8.25
CA SER B 44 -8.57 -32.56 -8.64
C SER B 44 -8.35 -33.63 -7.60
N LEU B 45 -9.46 -34.15 -7.06
CA LEU B 45 -9.47 -35.23 -6.06
C LEU B 45 -10.28 -36.45 -6.53
N SER B 46 -10.03 -37.63 -5.95
CA SER B 46 -10.83 -38.83 -6.28
C SER B 46 -10.66 -39.98 -5.26
N TRP B 47 -11.68 -40.85 -5.15
CA TRP B 47 -11.66 -41.95 -4.16
C TRP B 47 -12.81 -42.95 -4.30
N LYS B 48 -12.56 -44.21 -3.94
CA LYS B 48 -13.61 -45.22 -3.98
C LYS B 48 -14.44 -45.15 -2.70
N ASP B 49 -15.65 -44.62 -2.88
CA ASP B 49 -16.67 -44.60 -1.85
C ASP B 49 -17.68 -45.64 -2.29
N ARG B 50 -17.27 -46.91 -2.30
CA ARG B 50 -18.07 -48.03 -2.80
C ARG B 50 -19.52 -47.91 -2.35
N ARG B 51 -19.68 -47.12 -1.30
CA ARG B 51 -20.94 -46.88 -0.64
C ARG B 51 -22.00 -46.25 -1.54
N LEU B 52 -21.59 -45.61 -2.62
CA LEU B 52 -22.58 -45.03 -3.52
C LEU B 52 -22.35 -45.49 -4.95
N ALA B 53 -22.05 -46.78 -5.06
CA ALA B 53 -22.06 -47.44 -6.37
C ALA B 53 -23.51 -47.51 -6.88
N PHE B 54 -23.71 -47.66 -8.18
CA PHE B 54 -25.07 -47.46 -8.66
C PHE B 54 -25.57 -48.02 -9.99
N ASP B 55 -25.56 -49.35 -10.10
CA ASP B 55 -26.41 -50.05 -11.05
C ASP B 55 -26.65 -49.28 -12.35
N PRO B 56 -25.61 -49.12 -13.17
CA PRO B 56 -25.70 -48.34 -14.43
C PRO B 56 -27.03 -48.45 -15.15
N VAL B 57 -27.32 -49.62 -15.63
CA VAL B 57 -28.54 -49.90 -16.39
C VAL B 57 -29.76 -49.61 -15.53
N ARG B 58 -29.77 -50.18 -14.33
CA ARG B 58 -30.93 -50.15 -13.43
C ARG B 58 -31.58 -48.77 -13.22
N SER B 59 -30.79 -47.71 -13.25
CA SER B 59 -31.34 -46.35 -13.12
C SER B 59 -30.47 -45.32 -13.82
N GLY B 60 -31.01 -44.11 -13.96
CA GLY B 60 -30.29 -42.99 -14.54
C GLY B 60 -29.29 -43.31 -15.64
N VAL B 61 -28.07 -42.78 -15.48
CA VAL B 61 -27.07 -42.77 -16.57
C VAL B 61 -25.63 -43.11 -16.16
N ARG B 62 -24.70 -42.89 -17.10
CA ARG B 62 -23.28 -43.24 -16.98
C ARG B 62 -22.72 -42.85 -15.61
N VAL B 63 -22.93 -41.58 -15.25
CA VAL B 63 -22.35 -41.02 -14.02
C VAL B 63 -23.29 -40.00 -13.38
N LYS B 64 -23.38 -40.04 -12.06
CA LYS B 64 -24.34 -39.22 -11.32
C LYS B 64 -23.65 -38.03 -10.63
N THR B 65 -24.17 -36.84 -10.91
CA THR B 65 -23.66 -35.58 -10.36
C THR B 65 -24.25 -35.23 -9.00
N TYR B 66 -23.39 -35.04 -8.00
CA TYR B 66 -23.82 -34.66 -6.66
C TYR B 66 -23.42 -33.24 -6.29
N GLU B 67 -24.06 -32.69 -5.27
CA GLU B 67 -23.61 -31.46 -4.65
C GLU B 67 -22.82 -31.92 -3.42
N PRO B 68 -21.82 -31.12 -3.01
CA PRO B 68 -20.93 -31.40 -1.87
C PRO B 68 -21.63 -31.81 -0.56
N GLU B 69 -22.84 -31.30 -0.34
CA GLU B 69 -23.59 -31.65 0.88
C GLU B 69 -23.92 -33.13 0.91
N ALA B 70 -24.25 -33.68 -0.26
CA ALA B 70 -24.62 -35.09 -0.38
C ALA B 70 -23.48 -36.05 -0.01
N ILE B 71 -22.44 -36.08 -0.85
CA ILE B 71 -21.31 -36.99 -0.67
C ILE B 71 -20.47 -36.73 0.58
N TRP B 72 -19.76 -37.74 1.04
CA TRP B 72 -18.67 -37.50 1.98
C TRP B 72 -17.44 -37.10 1.18
N ILE B 73 -16.86 -35.94 1.54
CA ILE B 73 -15.68 -35.41 0.85
C ILE B 73 -14.50 -35.19 1.80
N PRO B 74 -13.30 -35.55 1.35
CA PRO B 74 -12.09 -35.48 2.18
C PRO B 74 -11.62 -34.05 2.36
N GLU B 75 -11.31 -33.69 3.60
CA GLU B 75 -10.85 -32.35 3.87
C GLU B 75 -9.39 -32.22 3.46
N ILE B 76 -9.14 -31.50 2.36
CA ILE B 76 -7.78 -31.28 1.88
C ILE B 76 -7.31 -29.85 2.10
N ARG B 77 -6.64 -29.64 3.22
CA ARG B 77 -6.17 -28.32 3.60
C ARG B 77 -4.77 -28.12 3.05
N PHE B 78 -4.50 -26.92 2.54
CA PHE B 78 -3.17 -26.56 2.06
C PHE B 78 -2.37 -26.17 3.27
N VAL B 79 -1.14 -26.67 3.32
CA VAL B 79 -0.29 -26.51 4.50
C VAL B 79 0.23 -25.07 4.69
N ASN B 80 1.08 -24.63 3.76
CA ASN B 80 1.69 -23.33 3.86
C ASN B 80 0.88 -22.23 3.20
N VAL B 81 -0.23 -21.84 3.80
CA VAL B 81 -0.99 -20.75 3.24
C VAL B 81 -1.31 -19.71 4.28
N GLU B 82 -1.33 -18.46 3.86
CA GLU B 82 -1.66 -17.39 4.76
C GLU B 82 -3.06 -17.61 5.33
N ASN B 83 -4.06 -17.60 4.45
CA ASN B 83 -5.45 -17.77 4.89
C ASN B 83 -6.15 -19.01 4.33
N ALA B 84 -7.39 -19.18 4.83
CA ALA B 84 -8.24 -20.21 4.26
C ALA B 84 -8.22 -20.08 2.73
N ARG B 85 -7.57 -21.06 2.08
CA ARG B 85 -7.60 -21.22 0.63
C ARG B 85 -8.97 -20.90 0.01
N ASP B 86 -9.00 -20.02 -1.00
CA ASP B 86 -10.28 -19.46 -1.46
C ASP B 86 -10.84 -20.10 -2.74
N ALA B 87 -11.54 -21.23 -2.57
CA ALA B 87 -11.96 -22.05 -3.71
C ALA B 87 -13.48 -22.21 -3.93
N ASP B 88 -13.88 -22.20 -5.20
CA ASP B 88 -15.24 -22.53 -5.62
C ASP B 88 -15.21 -23.93 -6.26
N VAL B 89 -16.32 -24.69 -6.13
CA VAL B 89 -16.40 -26.06 -6.66
C VAL B 89 -16.88 -26.09 -8.08
N VAL B 90 -16.36 -27.02 -8.87
CA VAL B 90 -16.67 -27.04 -10.30
C VAL B 90 -17.56 -28.21 -10.74
N ASP B 91 -17.27 -29.41 -10.24
CA ASP B 91 -17.96 -30.62 -10.66
C ASP B 91 -17.69 -31.74 -9.66
N ILE B 92 -18.74 -32.50 -9.32
CA ILE B 92 -18.59 -33.74 -8.57
C ILE B 92 -19.27 -34.85 -9.34
N SER B 93 -18.53 -35.88 -9.74
CA SER B 93 -19.06 -36.91 -10.65
C SER B 93 -18.74 -38.34 -10.19
N VAL B 94 -19.68 -38.98 -9.47
CA VAL B 94 -19.49 -40.34 -8.97
C VAL B 94 -19.64 -41.42 -10.04
N SER B 95 -18.59 -42.23 -10.22
CA SER B 95 -18.62 -43.36 -11.14
C SER B 95 -19.43 -44.55 -10.58
N PRO B 96 -19.85 -45.47 -11.45
CA PRO B 96 -20.53 -46.68 -10.99
C PRO B 96 -19.87 -47.35 -9.80
N ASP B 97 -18.62 -47.78 -9.92
CA ASP B 97 -18.00 -48.61 -8.89
C ASP B 97 -17.88 -47.92 -7.55
N GLY B 98 -18.43 -46.72 -7.47
CA GLY B 98 -18.39 -45.92 -6.25
C GLY B 98 -17.25 -44.92 -6.24
N THR B 99 -16.65 -44.74 -7.41
CA THR B 99 -15.51 -43.85 -7.59
C THR B 99 -15.95 -42.40 -7.78
N VAL B 100 -15.54 -41.52 -6.86
CA VAL B 100 -15.93 -40.11 -6.92
C VAL B 100 -14.92 -39.21 -7.65
N GLN B 101 -15.43 -38.27 -8.46
CA GLN B 101 -14.58 -37.37 -9.27
C GLN B 101 -14.81 -35.90 -8.90
N TYR B 102 -13.88 -35.34 -8.13
CA TYR B 102 -14.02 -33.98 -7.59
C TYR B 102 -13.06 -32.96 -8.24
N LEU B 103 -13.58 -31.75 -8.49
CA LEU B 103 -12.76 -30.69 -9.07
C LEU B 103 -13.15 -29.31 -8.57
N GLU B 104 -12.18 -28.56 -8.09
CA GLU B 104 -12.42 -27.21 -7.61
C GLU B 104 -11.40 -26.26 -8.22
N ARG B 105 -11.58 -24.96 -7.99
CA ARG B 105 -10.68 -23.97 -8.59
C ARG B 105 -10.22 -22.85 -7.63
N PHE B 106 -9.27 -23.19 -6.78
CA PHE B 106 -8.85 -22.34 -5.69
C PHE B 106 -7.90 -21.22 -6.14
N SER B 107 -7.79 -20.20 -5.30
CA SER B 107 -6.92 -19.06 -5.50
C SER B 107 -6.47 -18.72 -4.10
N ALA B 108 -5.22 -19.07 -3.78
CA ALA B 108 -4.71 -18.82 -2.43
C ALA B 108 -3.27 -18.37 -2.49
N ARG B 109 -2.85 -17.49 -1.60
CA ARG B 109 -1.45 -17.06 -1.61
C ARG B 109 -0.59 -17.95 -0.74
N VAL B 110 0.41 -18.57 -1.37
CA VAL B 110 1.26 -19.58 -0.75
C VAL B 110 2.47 -18.96 -0.05
N LEU B 111 2.94 -19.60 1.00
CA LEU B 111 4.10 -19.05 1.71
C LEU B 111 5.31 -19.91 1.50
N SER B 112 5.85 -19.90 0.29
CA SER B 112 7.11 -20.59 0.01
C SER B 112 8.31 -19.68 0.29
N PRO B 113 9.37 -20.24 0.91
CA PRO B 113 10.61 -19.52 1.15
C PRO B 113 11.45 -19.42 -0.12
N LEU B 114 12.37 -18.45 -0.15
CA LEU B 114 13.28 -18.31 -1.28
C LEU B 114 14.73 -18.13 -0.80
N ASP B 115 15.69 -18.55 -1.63
CA ASP B 115 17.10 -18.46 -1.30
C ASP B 115 17.80 -17.36 -2.13
N PHE B 116 17.98 -16.19 -1.52
CA PHE B 116 18.55 -15.02 -2.20
C PHE B 116 20.08 -15.02 -2.20
N ARG B 117 20.67 -16.21 -2.11
CA ARG B 117 22.12 -16.33 -1.98
C ARG B 117 22.82 -15.94 -3.27
N ARG B 118 22.06 -15.95 -4.40
CA ARG B 118 22.60 -15.48 -5.68
C ARG B 118 21.83 -14.26 -6.23
N TYR B 119 21.21 -13.50 -5.33
CA TYR B 119 20.08 -12.61 -5.64
C TYR B 119 19.71 -12.40 -7.12
N PRO B 120 20.38 -11.47 -7.81
CA PRO B 120 19.73 -11.10 -9.08
C PRO B 120 19.74 -12.26 -10.07
N PHE B 121 20.62 -13.20 -9.80
CA PHE B 121 20.82 -14.37 -10.65
C PHE B 121 20.50 -15.62 -9.87
N ASP B 122 19.23 -15.80 -9.52
CA ASP B 122 18.84 -16.89 -8.62
C ASP B 122 17.73 -17.72 -9.21
N SER B 123 17.75 -19.02 -8.96
CA SER B 123 16.65 -19.87 -9.36
C SER B 123 15.95 -20.38 -8.12
N GLN B 124 14.63 -20.44 -8.18
CA GLN B 124 13.82 -20.81 -7.03
C GLN B 124 12.98 -22.05 -7.26
N THR B 125 12.60 -22.67 -6.15
CA THR B 125 11.72 -23.85 -6.14
C THR B 125 10.55 -23.65 -5.16
N LEU B 126 9.39 -23.28 -5.68
CA LEU B 126 8.26 -22.93 -4.82
C LEU B 126 7.49 -24.19 -4.41
N HIS B 127 6.71 -24.12 -3.33
CA HIS B 127 5.95 -25.29 -2.83
C HIS B 127 4.46 -25.06 -2.51
N ILE B 128 3.64 -26.02 -2.90
CA ILE B 128 2.24 -26.10 -2.53
C ILE B 128 2.08 -27.42 -1.78
N TYR B 129 1.16 -27.53 -0.83
CA TYR B 129 1.25 -28.70 0.05
C TYR B 129 0.13 -29.76 0.20
N LEU B 130 -1.03 -29.41 0.73
CA LEU B 130 -2.08 -30.43 0.88
C LEU B 130 -1.97 -31.63 1.84
N ILE B 131 -2.04 -31.36 3.14
CA ILE B 131 -2.24 -32.43 4.12
C ILE B 131 -3.67 -32.94 4.14
N VAL B 132 -3.86 -33.98 4.93
CA VAL B 132 -5.19 -34.55 5.11
C VAL B 132 -5.22 -35.48 6.33
N ARG B 133 -6.07 -35.15 7.30
CA ARG B 133 -6.08 -35.84 8.58
C ARG B 133 -6.99 -37.07 8.52
N SER B 134 -6.63 -38.13 9.24
CA SER B 134 -7.41 -39.36 9.24
C SER B 134 -8.46 -39.35 10.37
N VAL B 135 -9.44 -40.26 10.35
CA VAL B 135 -10.56 -40.20 11.31
C VAL B 135 -10.60 -41.56 12.04
N ASP B 136 -11.08 -42.56 11.32
CA ASP B 136 -11.18 -43.94 11.80
C ASP B 136 -10.89 -44.93 10.65
N THR B 137 -10.74 -44.38 9.46
CA THR B 137 -9.97 -45.01 8.39
C THR B 137 -8.77 -44.08 8.27
N ARG B 138 -7.65 -44.64 7.81
CA ARG B 138 -6.47 -43.85 7.52
C ARG B 138 -6.60 -43.22 6.12
N ASN B 139 -6.01 -42.05 5.94
CA ASN B 139 -6.00 -41.44 4.64
C ASN B 139 -4.60 -41.22 4.15
N ILE B 140 -4.33 -41.84 3.02
CA ILE B 140 -3.14 -41.53 2.27
C ILE B 140 -3.65 -40.71 1.08
N VAL B 141 -2.90 -39.66 0.73
CA VAL B 141 -3.11 -38.87 -0.46
C VAL B 141 -2.11 -39.42 -1.48
N LEU B 142 -2.29 -39.10 -2.77
CA LEU B 142 -1.30 -39.42 -3.80
C LEU B 142 -1.66 -38.73 -5.13
N ALA B 143 -0.68 -38.50 -6.01
CA ALA B 143 -0.92 -37.71 -7.23
C ALA B 143 -1.41 -38.51 -8.48
N VAL B 144 -2.43 -37.99 -9.19
CA VAL B 144 -2.84 -38.52 -10.51
C VAL B 144 -2.40 -37.56 -11.63
N ASP B 145 -1.38 -38.00 -12.34
CA ASP B 145 -0.55 -37.12 -13.13
C ASP B 145 -1.20 -36.57 -14.40
N LEU B 146 -2.50 -36.78 -14.57
CA LEU B 146 -3.19 -36.30 -15.76
C LEU B 146 -3.98 -35.02 -15.41
N GLU B 147 -4.23 -34.89 -14.11
CA GLU B 147 -4.78 -33.65 -13.58
C GLU B 147 -3.68 -32.88 -12.85
N LYS B 148 -2.43 -33.38 -12.97
CA LYS B 148 -1.25 -32.74 -12.38
C LYS B 148 -0.31 -32.09 -13.39
N VAL B 149 -0.65 -32.20 -14.67
CA VAL B 149 0.07 -31.51 -15.74
C VAL B 149 -0.35 -30.04 -15.63
N GLY B 150 -0.73 -29.65 -14.42
CA GLY B 150 -1.29 -28.36 -14.10
C GLY B 150 -0.29 -27.25 -14.33
N LYS B 151 -0.51 -26.52 -15.41
CA LYS B 151 0.30 -25.38 -15.79
C LYS B 151 -0.22 -25.15 -17.18
N ASN B 152 -0.80 -23.93 -17.35
CA ASN B 152 -1.22 -23.62 -18.70
C ASN B 152 0.01 -23.22 -19.52
N ASP B 153 -0.21 -22.85 -20.77
CA ASP B 153 0.87 -22.31 -21.58
C ASP B 153 0.76 -20.79 -21.43
N ASP B 154 0.24 -20.38 -20.28
CA ASP B 154 -0.03 -18.98 -19.99
C ASP B 154 0.47 -18.61 -18.61
N VAL B 155 0.93 -19.62 -17.84
CA VAL B 155 1.40 -19.34 -16.50
C VAL B 155 2.25 -18.09 -16.62
N PHE B 156 1.97 -17.10 -15.77
CA PHE B 156 2.58 -15.80 -15.91
C PHE B 156 3.82 -15.62 -15.03
N LEU B 157 3.59 -15.29 -13.76
CA LEU B 157 4.66 -14.97 -12.81
C LEU B 157 5.68 -13.95 -13.31
N THR B 158 5.28 -12.69 -13.22
CA THR B 158 6.01 -11.57 -13.81
C THR B 158 7.48 -11.54 -13.38
N GLY B 159 8.39 -11.39 -14.37
CA GLY B 159 9.79 -11.22 -14.05
C GLY B 159 10.50 -12.51 -13.65
N TRP B 160 9.82 -13.63 -13.82
CA TRP B 160 10.45 -14.93 -13.64
C TRP B 160 10.17 -15.83 -14.84
N ASP B 161 11.19 -16.55 -15.28
CA ASP B 161 10.99 -17.60 -16.24
C ASP B 161 10.53 -18.81 -15.43
N ILE B 162 9.50 -19.51 -15.89
CA ILE B 162 9.04 -20.69 -15.16
C ILE B 162 9.55 -21.97 -15.79
N GLU B 163 10.20 -22.81 -14.99
CA GLU B 163 10.92 -23.96 -15.53
C GLU B 163 10.09 -25.24 -15.63
N SER B 164 9.31 -25.55 -14.65
CA SER B 164 8.56 -26.82 -14.60
C SER B 164 7.64 -26.94 -13.38
N PHE B 165 6.40 -27.25 -13.55
CA PHE B 165 5.51 -27.66 -12.44
C PHE B 165 5.43 -29.19 -12.41
N THR B 166 5.91 -29.76 -11.30
CA THR B 166 5.99 -31.21 -11.12
C THR B 166 5.53 -31.51 -9.68
N ALA B 167 5.56 -32.79 -9.23
CA ALA B 167 5.22 -33.14 -7.82
C ALA B 167 5.80 -34.45 -7.25
N VAL B 168 6.01 -34.47 -5.93
CA VAL B 168 6.66 -35.60 -5.26
C VAL B 168 5.68 -36.72 -5.01
N VAL B 169 5.77 -37.75 -5.85
CA VAL B 169 4.81 -38.86 -5.84
C VAL B 169 4.55 -39.46 -4.45
N LYS B 170 5.62 -39.84 -3.75
CA LYS B 170 5.51 -40.47 -2.43
C LYS B 170 5.23 -39.47 -1.32
N PRO B 171 4.03 -39.55 -0.73
CA PRO B 171 3.66 -38.57 0.30
C PRO B 171 4.42 -38.88 1.58
N ALA B 172 4.42 -37.92 2.47
CA ALA B 172 5.01 -38.10 3.77
C ALA B 172 3.85 -38.21 4.70
N ASN B 173 3.79 -39.32 5.41
CA ASN B 173 2.73 -39.54 6.39
C ASN B 173 3.19 -39.34 7.84
N PHE B 174 2.61 -38.33 8.50
CA PHE B 174 2.99 -37.93 9.84
C PHE B 174 2.16 -38.67 10.85
N ALA B 175 2.52 -38.46 12.09
CA ALA B 175 1.60 -38.69 13.16
C ALA B 175 1.52 -37.33 13.83
N LEU B 176 0.39 -36.68 13.63
CA LEU B 176 0.21 -35.39 14.23
C LEU B 176 -0.99 -35.40 15.16
N GLU B 177 -0.71 -35.39 16.47
CA GLU B 177 -1.76 -35.44 17.49
C GLU B 177 -2.65 -36.69 17.38
N ASP B 178 -2.08 -37.84 17.67
CA ASP B 178 -2.81 -39.10 17.69
C ASP B 178 -3.72 -39.25 16.47
N ARG B 179 -3.22 -38.83 15.31
CA ARG B 179 -3.93 -39.02 14.04
C ARG B 179 -3.00 -38.79 12.86
N LEU B 180 -2.65 -39.84 12.14
CA LEU B 180 -1.74 -39.68 11.02
C LEU B 180 -2.39 -38.77 9.99
N GLU B 181 -1.56 -37.84 9.53
CA GLU B 181 -1.96 -37.06 8.38
C GLU B 181 -1.13 -37.48 7.19
N SER B 182 -1.43 -36.91 6.03
CA SER B 182 -0.70 -37.24 4.82
C SER B 182 -0.52 -35.98 3.96
N LYS B 183 0.75 -35.65 3.70
CA LYS B 183 1.15 -34.41 3.04
C LYS B 183 1.82 -34.69 1.69
N LEU B 184 1.48 -33.90 0.67
CA LEU B 184 2.07 -34.04 -0.67
C LEU B 184 2.89 -32.80 -1.02
N ASP B 185 3.82 -32.91 -1.95
CA ASP B 185 4.68 -31.77 -2.27
C ASP B 185 4.62 -31.31 -3.74
N TYR B 186 3.88 -30.24 -4.02
CA TYR B 186 3.80 -29.71 -5.40
C TYR B 186 4.85 -28.63 -5.66
N GLN B 187 5.67 -28.83 -6.68
CA GLN B 187 6.89 -28.04 -6.89
C GLN B 187 6.87 -27.15 -8.14
N LEU B 188 7.04 -25.84 -7.92
CA LEU B 188 7.16 -24.87 -9.00
C LEU B 188 8.57 -24.32 -9.11
N ARG B 189 9.30 -24.74 -10.15
CA ARG B 189 10.66 -24.27 -10.37
C ARG B 189 10.70 -23.02 -11.26
N ILE B 190 11.34 -21.97 -10.76
CA ILE B 190 11.45 -20.72 -11.51
C ILE B 190 12.86 -20.09 -11.46
N SER B 191 13.28 -19.50 -12.57
CA SER B 191 14.51 -18.72 -12.57
C SER B 191 14.12 -17.25 -12.72
N ARG B 192 14.82 -16.35 -12.04
CA ARG B 192 14.55 -14.93 -12.22
C ARG B 192 15.05 -14.41 -13.55
N GLN B 193 14.32 -13.43 -14.07
CA GLN B 193 14.77 -12.69 -15.23
C GLN B 193 15.62 -11.54 -14.74
N TYR B 194 16.87 -11.87 -14.38
CA TYR B 194 17.92 -10.89 -14.13
C TYR B 194 18.05 -10.24 -15.45
N PHE B 195 18.38 -9.00 -15.49
CA PHE B 195 18.58 -8.30 -16.73
C PHE B 195 18.24 -6.87 -16.44
N SER B 196 16.95 -6.57 -16.24
CA SER B 196 16.53 -5.24 -15.88
C SER B 196 17.42 -4.77 -14.74
N TYR B 197 18.12 -5.74 -14.13
CA TYR B 197 19.06 -5.47 -13.04
C TYR B 197 20.39 -4.87 -13.53
N ILE B 198 20.74 -5.08 -14.79
CA ILE B 198 21.99 -4.51 -15.30
C ILE B 198 21.86 -3.03 -15.69
N PRO B 199 21.03 -2.71 -16.70
CA PRO B 199 20.86 -1.34 -17.20
C PRO B 199 20.43 -0.37 -16.10
N ASN B 200 19.99 -0.91 -14.97
CA ASN B 200 19.37 -0.09 -13.95
C ASN B 200 20.07 -0.16 -12.59
N ILE B 201 20.92 -1.17 -12.39
CA ILE B 201 21.58 -1.36 -11.10
C ILE B 201 23.03 -1.73 -11.25
N ILE B 202 23.28 -2.85 -11.92
CA ILE B 202 24.61 -3.42 -12.03
C ILE B 202 25.51 -2.43 -12.75
N LEU B 203 25.10 -2.07 -13.96
CA LEU B 203 25.86 -1.10 -14.75
C LEU B 203 25.93 0.24 -14.07
N PRO B 204 24.80 0.97 -13.94
CA PRO B 204 24.90 2.31 -13.35
C PRO B 204 25.72 2.29 -12.04
N MET B 205 25.57 1.24 -11.23
CA MET B 205 26.29 1.13 -9.97
C MET B 205 27.82 1.01 -10.21
N LEU B 206 28.21 0.37 -11.31
CA LEU B 206 29.61 0.27 -11.73
C LEU B 206 30.12 1.61 -12.22
N PHE B 207 29.40 2.24 -13.15
CA PHE B 207 29.82 3.49 -13.76
C PHE B 207 30.27 4.56 -12.75
N ILE B 208 29.47 4.76 -11.70
CA ILE B 208 29.84 5.71 -10.65
C ILE B 208 31.18 5.37 -10.01
N LEU B 209 31.41 4.07 -9.76
CA LEU B 209 32.62 3.57 -9.11
C LEU B 209 33.86 3.95 -9.88
N PHE B 210 33.71 4.02 -11.20
CA PHE B 210 34.80 4.36 -12.10
C PHE B 210 35.12 5.86 -12.01
N ILE B 211 34.14 6.68 -12.38
CA ILE B 211 34.24 8.11 -12.16
C ILE B 211 34.83 8.42 -10.78
N SER B 212 34.44 7.67 -9.76
CA SER B 212 34.98 7.83 -8.40
C SER B 212 36.46 7.96 -8.51
N TRP B 213 37.06 7.02 -9.22
CA TRP B 213 38.49 6.94 -9.25
C TRP B 213 39.16 7.49 -10.54
N THR B 214 38.40 8.32 -11.23
CA THR B 214 38.97 9.32 -12.13
C THR B 214 39.93 10.20 -11.32
N ALA B 215 39.61 10.43 -10.05
CA ALA B 215 40.39 11.34 -9.19
C ALA B 215 41.80 10.82 -8.85
N PHE B 216 42.24 9.82 -9.61
CA PHE B 216 43.62 9.41 -9.57
C PHE B 216 44.44 10.29 -10.51
N TRP B 217 43.89 10.56 -11.69
CA TRP B 217 44.52 11.45 -12.66
C TRP B 217 44.27 12.92 -12.33
N SER B 218 44.20 13.23 -11.04
CA SER B 218 43.90 14.57 -10.61
C SER B 218 44.78 14.91 -9.43
N THR B 219 45.06 16.20 -9.26
CA THR B 219 45.89 16.68 -8.16
C THR B 219 45.13 17.67 -7.28
N SER B 220 43.96 18.09 -7.76
CA SER B 220 43.09 18.97 -7.00
C SER B 220 42.40 18.17 -5.90
N TYR B 221 42.64 18.55 -4.65
CA TYR B 221 41.98 17.86 -3.56
C TYR B 221 40.53 18.31 -3.62
N GLU B 222 40.29 19.61 -3.82
CA GLU B 222 38.95 20.15 -3.85
C GLU B 222 38.05 19.31 -4.76
N ALA B 223 38.58 18.97 -5.99
CA ALA B 223 37.81 18.26 -6.99
C ALA B 223 38.04 16.76 -6.93
N ASN B 224 38.87 16.32 -6.00
CA ASN B 224 39.11 14.89 -5.81
C ASN B 224 38.19 14.36 -4.74
N VAL B 225 37.74 15.26 -3.86
CA VAL B 225 36.74 14.88 -2.89
C VAL B 225 35.37 15.15 -3.51
N THR B 226 35.19 16.31 -4.04
CA THR B 226 34.04 16.59 -4.88
C THR B 226 33.90 15.45 -5.89
N LEU B 227 34.89 14.61 -5.97
CA LEU B 227 34.84 13.46 -6.87
C LEU B 227 34.53 12.13 -6.15
N VAL B 228 35.52 11.55 -5.48
CA VAL B 228 35.36 10.25 -4.83
C VAL B 228 34.16 10.26 -3.92
N VAL B 229 33.92 11.39 -3.25
CA VAL B 229 32.83 11.53 -2.28
C VAL B 229 31.44 11.66 -2.93
N SER B 230 31.32 12.59 -3.88
CA SER B 230 30.06 12.71 -4.63
C SER B 230 29.54 11.38 -5.21
N THR B 231 30.44 10.47 -5.57
CA THR B 231 30.04 9.14 -6.06
C THR B 231 29.63 8.17 -4.93
N LEU B 232 30.35 8.21 -3.82
CA LEU B 232 30.08 7.30 -2.74
C LEU B 232 28.66 7.50 -2.30
N ILE B 233 28.27 8.77 -2.15
CA ILE B 233 26.87 9.10 -1.90
C ILE B 233 25.93 8.28 -2.80
N ALA B 234 26.12 8.43 -4.11
CA ALA B 234 25.29 7.79 -5.13
C ALA B 234 25.32 6.27 -5.08
N HIS B 235 26.38 5.71 -4.52
CA HIS B 235 26.42 4.27 -4.30
C HIS B 235 25.40 3.89 -3.24
N ILE B 236 25.37 4.65 -2.15
CA ILE B 236 24.41 4.43 -1.08
C ILE B 236 23.02 4.43 -1.68
N ALA B 237 22.80 5.37 -2.60
CA ALA B 237 21.53 5.48 -3.30
C ALA B 237 21.21 4.24 -4.13
N PHE B 238 22.20 3.37 -4.31
CA PHE B 238 21.92 2.08 -4.90
C PHE B 238 21.80 1.01 -3.82
N ASN B 239 22.75 0.97 -2.90
CA ASN B 239 22.64 0.09 -1.76
C ASN B 239 21.26 0.22 -1.13
N ILE B 240 20.71 1.44 -1.15
CA ILE B 240 19.39 1.67 -0.58
C ILE B 240 18.30 1.15 -1.51
N LEU B 241 18.45 1.43 -2.80
CA LEU B 241 17.49 0.98 -3.79
C LEU B 241 17.32 -0.53 -3.75
N VAL B 242 18.41 -1.24 -3.55
CA VAL B 242 18.41 -2.70 -3.62
C VAL B 242 17.98 -3.32 -2.28
N GLU B 243 18.56 -2.81 -1.20
CA GLU B 243 18.30 -3.32 0.13
C GLU B 243 16.81 -3.23 0.38
N THR B 244 16.11 -2.41 -0.39
CA THR B 244 14.69 -2.18 -0.15
C THR B 244 13.82 -3.29 -0.77
N ASN B 245 14.00 -3.55 -2.06
CA ASN B 245 13.22 -4.61 -2.71
C ASN B 245 13.78 -6.00 -2.41
N LEU B 246 14.18 -6.20 -1.16
CA LEU B 246 14.78 -7.45 -0.67
C LEU B 246 14.67 -7.59 0.87
N PRO B 247 14.55 -8.84 1.37
CA PRO B 247 14.36 -9.14 2.80
C PRO B 247 15.62 -9.24 3.69
N LYS B 248 15.39 -9.33 4.99
CA LYS B 248 16.48 -9.35 5.95
C LYS B 248 17.04 -10.77 6.06
N THR B 249 17.83 -11.13 5.07
CA THR B 249 18.58 -12.37 5.04
C THR B 249 19.57 -12.49 6.22
N PRO B 250 19.71 -13.71 6.75
CA PRO B 250 20.65 -14.01 7.84
C PRO B 250 21.97 -14.48 7.27
N TYR B 251 22.05 -14.46 5.94
CA TYR B 251 23.25 -14.87 5.21
C TYR B 251 23.63 -13.78 4.22
N MET B 252 24.65 -14.01 3.41
CA MET B 252 25.03 -12.98 2.46
C MET B 252 24.56 -13.21 1.00
N THR B 253 23.92 -12.18 0.46
CA THR B 253 23.53 -12.11 -0.93
C THR B 253 24.77 -12.00 -1.83
N TYR B 254 24.59 -12.25 -3.11
CA TYR B 254 25.66 -11.99 -4.06
C TYR B 254 25.85 -10.49 -4.21
N THR B 255 24.78 -9.83 -4.65
CA THR B 255 24.86 -8.41 -4.92
C THR B 255 25.06 -7.65 -3.63
N GLY B 256 24.74 -8.30 -2.52
CA GLY B 256 24.92 -7.68 -1.22
C GLY B 256 26.40 -7.65 -0.92
N ALA B 257 27.08 -8.61 -1.55
CA ALA B 257 28.54 -8.74 -1.48
C ALA B 257 29.18 -7.66 -2.31
N ILE B 258 29.06 -7.79 -3.64
CA ILE B 258 29.68 -6.85 -4.55
C ILE B 258 29.23 -5.43 -4.27
N ILE B 259 28.02 -5.26 -3.73
CA ILE B 259 27.56 -3.93 -3.32
C ILE B 259 28.30 -3.45 -2.07
N PHE B 260 28.71 -4.40 -1.25
CA PHE B 260 29.49 -4.09 -0.07
C PHE B 260 30.98 -4.01 -0.39
N MET B 261 31.48 -4.99 -1.13
CA MET B 261 32.86 -4.97 -1.59
C MET B 261 33.14 -3.61 -2.25
N ILE B 262 32.10 -3.02 -2.84
CA ILE B 262 32.24 -1.73 -3.50
C ILE B 262 32.59 -0.67 -2.46
N TYR B 263 31.85 -0.67 -1.35
CA TYR B 263 32.06 0.34 -0.32
C TYR B 263 33.55 0.56 -0.06
N LEU B 264 34.34 -0.52 -0.08
CA LEU B 264 35.77 -0.47 0.24
C LEU B 264 36.64 0.35 -0.73
N PHE B 265 36.47 0.09 -2.02
CA PHE B 265 37.26 0.72 -3.07
C PHE B 265 36.99 2.23 -3.17
N TYR B 266 36.04 2.69 -2.36
CA TYR B 266 35.73 4.10 -2.22
C TYR B 266 36.47 4.60 -0.99
N PHE B 267 36.57 3.75 0.02
CA PHE B 267 37.24 4.15 1.25
C PHE B 267 38.72 4.37 1.00
N VAL B 268 39.33 3.37 0.38
CA VAL B 268 40.74 3.42 0.07
C VAL B 268 41.01 4.38 -1.07
N ALA B 269 40.04 4.58 -1.95
CA ALA B 269 40.11 5.67 -2.91
C ALA B 269 40.27 6.98 -2.14
N VAL B 270 39.34 7.22 -1.23
CA VAL B 270 39.37 8.37 -0.36
C VAL B 270 40.66 8.41 0.47
N ILE B 271 41.02 7.28 1.05
CA ILE B 271 42.31 7.17 1.72
C ILE B 271 43.43 7.78 0.86
N GLU B 272 43.49 7.33 -0.38
CA GLU B 272 44.56 7.75 -1.28
C GLU B 272 44.50 9.25 -1.54
N VAL B 273 43.42 9.74 -2.15
CA VAL B 273 43.38 11.17 -2.47
C VAL B 273 43.74 11.93 -1.24
N THR B 274 43.29 11.42 -0.10
CA THR B 274 43.50 12.08 1.17
C THR B 274 44.98 12.16 1.49
N VAL B 275 45.71 11.18 1.12
CA VAL B 275 47.14 11.11 1.44
C VAL B 275 48.05 11.57 0.30
N GLN B 276 47.53 11.57 -0.93
CA GLN B 276 48.18 12.28 -2.03
C GLN B 276 48.29 13.77 -1.72
N HIS B 277 47.94 14.12 -0.48
CA HIS B 277 47.90 15.51 -0.06
C HIS B 277 48.69 15.87 1.18
N TYR B 278 48.42 15.23 2.33
CA TYR B 278 49.38 15.32 3.45
C TYR B 278 50.76 14.76 3.08
N LEU B 279 50.92 14.45 1.80
CA LEU B 279 52.17 13.95 1.24
C LEU B 279 52.59 14.75 0.02
N LYS B 280 51.72 15.65 -0.42
CA LYS B 280 52.07 16.57 -1.49
C LYS B 280 52.25 17.98 -0.91
N VAL B 281 51.66 18.20 0.27
CA VAL B 281 51.87 19.47 0.94
C VAL B 281 53.14 19.33 1.76
N GLU B 282 53.36 18.17 2.34
CA GLU B 282 54.66 17.80 2.87
C GLU B 282 55.44 17.73 1.57
N SER B 283 56.46 18.58 1.41
CA SER B 283 57.10 18.77 0.11
C SER B 283 57.80 17.46 -0.29
N GLN B 284 56.95 16.47 -0.67
CA GLN B 284 57.42 15.15 -1.05
C GLN B 284 56.59 14.63 -2.23
N PRO B 285 56.23 15.52 -3.18
CA PRO B 285 55.46 15.11 -4.36
C PRO B 285 56.21 14.04 -5.11
N ALA B 286 57.47 13.82 -4.71
CA ALA B 286 58.19 12.64 -5.12
C ALA B 286 57.22 11.45 -4.97
N ARG B 287 56.81 11.20 -3.75
CA ARG B 287 55.94 10.07 -3.40
C ARG B 287 54.51 10.18 -3.93
N ALA B 288 53.85 11.30 -3.62
CA ALA B 288 52.44 11.47 -3.94
C ALA B 288 52.16 11.02 -5.36
N ALA B 289 52.83 11.66 -6.31
CA ALA B 289 52.63 11.36 -7.72
C ALA B 289 53.20 9.99 -8.09
N SER B 290 53.70 9.28 -7.08
CA SER B 290 54.07 7.88 -7.24
C SER B 290 52.88 7.01 -6.83
N ILE B 291 52.35 7.25 -5.63
CA ILE B 291 51.13 6.58 -5.20
C ILE B 291 49.97 6.77 -6.18
N THR B 292 49.60 8.03 -6.44
CA THR B 292 48.46 8.32 -7.30
C THR B 292 48.62 7.60 -8.62
N ARG B 293 49.87 7.58 -9.11
CA ARG B 293 50.20 6.91 -10.36
C ARG B 293 49.90 5.42 -10.25
N ALA B 294 50.16 4.87 -9.06
CA ALA B 294 49.94 3.45 -8.78
C ALA B 294 48.45 3.05 -8.73
N SER B 295 47.67 3.80 -7.96
CA SER B 295 46.27 3.46 -7.75
C SER B 295 45.52 3.29 -9.07
N ARG B 296 46.00 3.98 -10.10
CA ARG B 296 45.39 3.91 -11.42
C ARG B 296 45.43 2.50 -11.96
N ILE B 297 46.13 1.62 -11.25
CA ILE B 297 46.23 0.22 -11.66
C ILE B 297 45.78 -0.69 -10.51
N ALA B 298 46.34 -0.44 -9.33
CA ALA B 298 46.03 -1.20 -8.13
C ALA B 298 44.54 -1.41 -7.98
N PHE B 299 43.79 -0.31 -8.02
CA PHE B 299 42.36 -0.39 -7.78
C PHE B 299 41.60 -1.29 -8.76
N PRO B 300 41.50 -0.87 -10.03
CA PRO B 300 40.71 -1.62 -11.02
C PRO B 300 41.10 -3.09 -11.04
N VAL B 301 42.38 -3.35 -10.86
CA VAL B 301 42.85 -4.73 -10.88
C VAL B 301 42.31 -5.51 -9.70
N VAL B 302 42.56 -5.01 -8.50
CA VAL B 302 42.14 -5.71 -7.29
C VAL B 302 40.63 -5.85 -7.23
N PHE B 303 39.95 -5.02 -8.00
CA PHE B 303 38.50 -5.11 -8.13
C PHE B 303 38.15 -6.26 -9.04
N LEU B 304 38.64 -6.20 -10.28
CA LEU B 304 38.40 -7.26 -11.24
C LEU B 304 38.90 -8.58 -10.67
N LEU B 305 39.87 -8.48 -9.77
CA LEU B 305 40.41 -9.64 -9.10
C LEU B 305 39.46 -10.11 -8.02
N ALA B 306 39.03 -9.18 -7.18
CA ALA B 306 38.11 -9.48 -6.08
C ALA B 306 36.70 -9.80 -6.54
N ASN B 307 36.39 -9.53 -7.80
CA ASN B 307 35.10 -9.88 -8.36
C ASN B 307 35.16 -11.29 -8.91
N ILE B 308 36.28 -11.59 -9.56
CA ILE B 308 36.57 -12.93 -10.01
C ILE B 308 36.71 -13.84 -8.78
N ILE B 309 37.19 -13.26 -7.69
CA ILE B 309 37.31 -14.00 -6.45
C ILE B 309 35.93 -14.18 -5.84
N LEU B 310 35.20 -13.08 -5.72
CA LEU B 310 33.84 -13.09 -5.17
C LEU B 310 32.90 -13.88 -6.08
N ALA B 311 32.76 -13.43 -7.31
CA ALA B 311 31.87 -14.08 -8.26
C ALA B 311 32.04 -15.58 -8.15
N PHE B 312 33.28 -16.04 -8.25
CA PHE B 312 33.56 -17.46 -8.20
C PHE B 312 33.20 -18.06 -6.84
N LEU B 313 33.33 -17.26 -5.81
CA LEU B 313 33.07 -17.77 -4.48
C LEU B 313 31.59 -18.13 -4.29
N PHE B 314 30.73 -17.64 -5.19
CA PHE B 314 29.27 -17.81 -5.08
C PHE B 314 28.68 -18.75 -6.10
N PHE B 315 29.06 -18.59 -7.35
CA PHE B 315 28.53 -19.44 -8.40
C PHE B 315 29.42 -20.67 -8.64
N GLY B 316 30.73 -20.44 -8.74
CA GLY B 316 31.68 -21.49 -9.08
C GLY B 316 31.81 -22.59 -8.04
N PHE B 317 31.31 -22.33 -6.84
CA PHE B 317 31.35 -23.30 -5.73
C PHE B 317 29.95 -23.66 -5.25
N PRO C 8 -29.04 -29.26 -13.23
CA PRO C 8 -30.06 -29.76 -14.17
C PRO C 8 -30.02 -29.10 -15.57
N PRO C 9 -29.04 -29.45 -16.44
CA PRO C 9 -28.75 -28.80 -17.73
C PRO C 9 -29.70 -29.17 -18.87
N PRO C 10 -29.87 -28.26 -19.87
CA PRO C 10 -30.93 -28.37 -20.86
C PRO C 10 -30.68 -29.48 -21.86
N ILE C 11 -31.64 -30.39 -21.94
CA ILE C 11 -31.56 -31.57 -22.77
C ILE C 11 -31.56 -31.17 -24.25
N ALA C 12 -30.37 -30.97 -24.80
CA ALA C 12 -30.23 -30.49 -26.17
C ALA C 12 -30.26 -31.67 -27.12
N ASP C 13 -29.95 -31.41 -28.40
CA ASP C 13 -29.73 -32.48 -29.37
C ASP C 13 -28.34 -32.28 -29.98
N GLU C 14 -27.76 -31.10 -29.71
CA GLU C 14 -26.35 -30.81 -30.00
C GLU C 14 -25.73 -29.77 -29.04
N PRO C 15 -24.43 -29.46 -29.22
CA PRO C 15 -23.76 -28.44 -28.38
C PRO C 15 -24.59 -27.17 -28.23
N LEU C 16 -25.14 -26.98 -27.03
CA LEU C 16 -25.89 -25.77 -26.68
C LEU C 16 -25.01 -24.53 -26.70
N THR C 17 -25.36 -23.61 -27.60
CA THR C 17 -24.68 -22.31 -27.70
C THR C 17 -25.16 -21.41 -26.58
N VAL C 18 -24.22 -20.67 -26.00
CA VAL C 18 -24.53 -19.65 -25.00
C VAL C 18 -24.11 -18.28 -25.54
N ASN C 19 -25.05 -17.34 -25.60
CA ASN C 19 -24.74 -16.05 -26.19
C ASN C 19 -24.31 -15.00 -25.18
N THR C 20 -23.07 -14.51 -25.32
CA THR C 20 -22.44 -13.59 -24.37
C THR C 20 -22.46 -12.11 -24.82
N GLY C 21 -21.98 -11.22 -23.94
CA GLY C 21 -22.01 -9.79 -24.22
C GLY C 21 -21.68 -8.90 -23.03
N ILE C 22 -20.63 -8.10 -23.14
CA ILE C 22 -20.19 -7.25 -22.04
C ILE C 22 -20.38 -5.76 -22.29
N TYR C 23 -21.08 -5.08 -21.39
CA TYR C 23 -21.23 -3.64 -21.48
C TYR C 23 -20.44 -2.88 -20.41
N LEU C 24 -19.19 -2.53 -20.73
CA LEU C 24 -18.37 -1.68 -19.87
C LEU C 24 -19.17 -0.50 -19.36
N ILE C 25 -19.27 -0.41 -18.04
CA ILE C 25 -19.95 0.70 -17.40
C ILE C 25 -18.88 1.61 -16.86
N GLU C 26 -17.86 1.01 -16.25
CA GLU C 26 -16.73 1.74 -15.71
C GLU C 26 -15.41 1.08 -16.05
N CYS C 27 -14.39 1.91 -16.25
CA CYS C 27 -13.01 1.47 -16.37
C CYS C 27 -12.13 2.35 -15.49
N TYR C 28 -11.09 1.73 -14.90
CA TYR C 28 -10.25 2.49 -13.97
C TYR C 28 -9.05 1.73 -13.42
N SER C 29 -8.30 2.41 -12.54
CA SER C 29 -7.09 1.88 -11.86
C SER C 29 -6.26 0.88 -12.71
N LEU C 30 -5.92 1.32 -13.94
CA LEU C 30 -4.94 0.60 -14.72
C LEU C 30 -3.57 0.68 -14.07
N ASP C 31 -3.11 -0.44 -13.51
CA ASP C 31 -1.86 -0.48 -12.76
C ASP C 31 -0.72 -1.02 -13.63
N ASP C 32 0.09 -0.10 -14.17
CA ASP C 32 1.24 -0.46 -15.02
C ASP C 32 2.22 -1.44 -14.35
N LYS C 33 2.63 -1.14 -13.11
CA LYS C 33 3.52 -2.03 -12.35
C LYS C 33 2.92 -3.44 -12.29
N ALA C 34 1.64 -3.50 -11.93
CA ALA C 34 0.93 -4.76 -11.64
C ALA C 34 0.49 -5.49 -12.90
N GLU C 35 0.32 -4.74 -13.98
CA GLU C 35 -0.18 -5.26 -15.24
C GLU C 35 -1.63 -5.76 -15.09
N THR C 36 -2.46 -4.94 -14.46
CA THR C 36 -3.86 -5.25 -14.26
C THR C 36 -4.68 -3.99 -14.44
N PHE C 37 -5.98 -4.15 -14.55
CA PHE C 37 -6.88 -3.01 -14.49
C PHE C 37 -8.23 -3.48 -13.95
N LYS C 38 -9.00 -2.56 -13.42
CA LYS C 38 -10.29 -2.92 -12.85
C LYS C 38 -11.37 -2.48 -13.83
N VAL C 39 -12.35 -3.36 -14.05
CA VAL C 39 -13.53 -3.01 -14.85
C VAL C 39 -14.84 -3.42 -14.18
N ASN C 40 -15.82 -2.52 -14.29
CA ASN C 40 -17.20 -2.78 -13.86
C ASN C 40 -18.04 -2.73 -15.14
N ALA C 41 -18.88 -3.74 -15.34
CA ALA C 41 -19.56 -3.92 -16.62
C ALA C 41 -20.70 -4.94 -16.57
N PHE C 42 -21.58 -4.87 -17.56
CA PHE C 42 -22.68 -5.81 -17.73
C PHE C 42 -22.21 -7.11 -18.38
N LEU C 43 -22.77 -8.25 -17.95
CA LEU C 43 -22.53 -9.50 -18.66
C LEU C 43 -23.84 -10.13 -19.09
N SER C 44 -24.06 -10.18 -20.40
CA SER C 44 -25.32 -10.64 -20.95
C SER C 44 -25.17 -12.05 -21.52
N LEU C 45 -26.00 -12.98 -21.03
CA LEU C 45 -25.99 -14.36 -21.49
C LEU C 45 -27.38 -14.79 -22.01
N SER C 46 -27.43 -15.84 -22.85
CA SER C 46 -28.71 -16.39 -23.34
C SER C 46 -28.60 -17.82 -23.91
N TRP C 47 -29.70 -18.56 -23.90
CA TRP C 47 -29.69 -19.95 -24.40
C TRP C 47 -31.08 -20.60 -24.51
N LYS C 48 -31.25 -21.53 -25.45
CA LYS C 48 -32.51 -22.26 -25.55
C LYS C 48 -32.52 -23.42 -24.55
N ASP C 49 -33.31 -23.23 -23.51
CA ASP C 49 -33.59 -24.28 -22.55
C ASP C 49 -35.03 -24.68 -22.83
N ARG C 50 -35.26 -25.26 -24.01
CA ARG C 50 -36.61 -25.62 -24.50
C ARG C 50 -37.46 -26.22 -23.37
N ARG C 51 -36.76 -26.72 -22.37
CA ARG C 51 -37.31 -27.39 -21.19
C ARG C 51 -38.27 -26.53 -20.38
N LEU C 52 -38.18 -25.21 -20.52
CA LEU C 52 -39.12 -24.34 -19.82
C LEU C 52 -39.79 -23.34 -20.77
N ALA C 53 -40.19 -23.90 -21.92
CA ALA C 53 -41.10 -23.19 -22.82
C ALA C 53 -42.48 -23.09 -22.16
N PHE C 54 -43.31 -22.15 -22.57
CA PHE C 54 -44.50 -21.91 -21.77
C PHE C 54 -45.76 -21.23 -22.31
N ASP C 55 -46.36 -21.84 -23.32
CA ASP C 55 -47.76 -21.60 -23.62
C ASP C 55 -48.24 -20.17 -23.34
N PRO C 56 -47.75 -19.21 -24.14
CA PRO C 56 -48.06 -17.78 -23.92
C PRO C 56 -49.49 -17.51 -23.44
N VAL C 57 -50.43 -17.80 -24.30
CA VAL C 57 -51.84 -17.58 -24.01
C VAL C 57 -52.28 -18.37 -22.78
N ARG C 58 -51.98 -19.67 -22.78
CA ARG C 58 -52.43 -20.62 -21.76
C ARG C 58 -52.24 -20.18 -20.29
N SER C 59 -51.18 -19.42 -20.01
CA SER C 59 -50.97 -18.91 -18.66
C SER C 59 -50.18 -17.60 -18.68
N GLY C 60 -50.13 -16.93 -17.53
CA GLY C 60 -49.37 -15.72 -17.34
C GLY C 60 -49.24 -14.79 -18.54
N VAL C 61 -48.01 -14.38 -18.86
CA VAL C 61 -47.76 -13.30 -19.80
C VAL C 61 -46.60 -13.52 -20.80
N ARG C 62 -46.24 -12.45 -21.51
CA ARG C 62 -45.21 -12.45 -22.56
C ARG C 62 -43.95 -13.23 -22.17
N VAL C 63 -43.37 -12.87 -21.01
CA VAL C 63 -42.13 -13.48 -20.53
C VAL C 63 -42.12 -13.68 -19.02
N LYS C 64 -41.60 -14.82 -18.56
CA LYS C 64 -41.62 -15.17 -17.14
C LYS C 64 -40.25 -14.97 -16.45
N THR C 65 -40.28 -14.20 -15.36
CA THR C 65 -39.10 -13.87 -14.59
C THR C 65 -38.77 -14.93 -13.53
N TYR C 66 -37.55 -15.47 -13.60
CA TYR C 66 -37.05 -16.43 -12.62
C TYR C 66 -35.91 -15.89 -11.73
N GLU C 67 -35.71 -16.56 -10.59
CA GLU C 67 -34.56 -16.33 -9.75
C GLU C 67 -33.57 -17.43 -10.14
N PRO C 68 -32.27 -17.14 -10.04
CA PRO C 68 -31.17 -18.05 -10.41
C PRO C 68 -31.28 -19.47 -9.84
N GLU C 69 -31.87 -19.61 -8.66
CA GLU C 69 -32.04 -20.94 -8.06
C GLU C 69 -32.92 -21.84 -8.93
N ALA C 70 -33.96 -21.25 -9.51
CA ALA C 70 -34.91 -22.00 -10.34
C ALA C 70 -34.25 -22.57 -11.59
N ILE C 71 -33.88 -21.70 -12.53
CA ILE C 71 -33.34 -22.12 -13.82
C ILE C 71 -31.99 -22.82 -13.71
N TRP C 72 -31.65 -23.61 -14.72
CA TRP C 72 -30.27 -24.02 -14.88
C TRP C 72 -29.51 -22.91 -15.59
N ILE C 73 -28.41 -22.47 -14.97
CA ILE C 73 -27.59 -21.39 -15.54
C ILE C 73 -26.14 -21.79 -15.78
N PRO C 74 -25.59 -21.38 -16.93
CA PRO C 74 -24.25 -21.80 -17.34
C PRO C 74 -23.18 -21.10 -16.52
N GLU C 75 -22.21 -21.87 -16.04
CA GLU C 75 -21.12 -21.27 -15.27
C GLU C 75 -20.12 -20.60 -16.19
N ILE C 76 -20.14 -19.26 -16.21
CA ILE C 76 -19.23 -18.47 -17.03
C ILE C 76 -18.17 -17.78 -16.18
N ARG C 77 -17.02 -18.45 -16.06
CA ARG C 77 -15.90 -17.97 -15.27
C ARG C 77 -15.01 -17.13 -16.16
N PHE C 78 -14.53 -16.01 -15.62
CA PHE C 78 -13.58 -15.15 -16.31
C PHE C 78 -12.23 -15.80 -16.13
N VAL C 79 -11.44 -15.85 -17.18
CA VAL C 79 -10.19 -16.59 -17.18
C VAL C 79 -9.07 -15.88 -16.40
N ASN C 80 -8.66 -14.72 -16.90
CA ASN C 80 -7.57 -13.94 -16.33
C ASN C 80 -8.02 -12.95 -15.26
N VAL C 81 -8.44 -13.47 -14.12
CA VAL C 81 -8.84 -12.59 -13.03
C VAL C 81 -8.16 -12.98 -11.73
N GLU C 82 -7.80 -11.96 -10.97
CA GLU C 82 -7.17 -12.21 -9.71
C GLU C 82 -8.08 -13.08 -8.84
N ASN C 83 -9.28 -12.57 -8.54
CA ASN C 83 -10.21 -13.26 -7.66
C ASN C 83 -11.54 -13.60 -8.31
N ALA C 84 -12.36 -14.30 -7.53
CA ALA C 84 -13.73 -14.55 -7.95
C ALA C 84 -14.37 -13.23 -8.37
N ARG C 85 -14.62 -13.13 -9.69
CA ARG C 85 -15.37 -12.02 -10.25
C ARG C 85 -16.56 -11.60 -9.36
N ASP C 86 -16.69 -10.32 -9.04
CA ASP C 86 -17.66 -9.89 -8.01
C ASP C 86 -18.97 -9.31 -8.60
N ALA C 87 -19.90 -10.19 -8.95
CA ALA C 87 -21.11 -9.79 -9.66
C ALA C 87 -22.48 -10.01 -8.96
N ASP C 88 -23.39 -9.05 -9.11
CA ASP C 88 -24.76 -9.15 -8.63
C ASP C 88 -25.61 -9.39 -9.88
N VAL C 89 -26.73 -10.11 -9.75
CA VAL C 89 -27.59 -10.42 -10.92
C VAL C 89 -28.64 -9.34 -11.14
N VAL C 90 -29.01 -9.10 -12.40
CA VAL C 90 -29.92 -8.00 -12.68
C VAL C 90 -31.31 -8.43 -13.11
N ASP C 91 -31.38 -9.41 -14.00
CA ASP C 91 -32.67 -9.83 -14.56
C ASP C 91 -32.50 -11.20 -15.21
N ILE C 92 -33.48 -12.08 -15.03
CA ILE C 92 -33.51 -13.36 -15.77
C ILE C 92 -34.90 -13.47 -16.39
N SER C 93 -34.97 -13.52 -17.72
CA SER C 93 -36.26 -13.44 -18.42
C SER C 93 -36.44 -14.51 -19.51
N VAL C 94 -37.08 -15.63 -19.18
CA VAL C 94 -37.27 -16.73 -20.12
C VAL C 94 -38.34 -16.45 -21.17
N SER C 95 -37.97 -16.50 -22.43
CA SER C 95 -38.93 -16.34 -23.51
C SER C 95 -39.77 -17.60 -23.69
N PRO C 96 -40.89 -17.49 -24.44
CA PRO C 96 -41.73 -18.64 -24.74
C PRO C 96 -40.99 -19.89 -25.25
N ASP C 97 -40.25 -19.76 -26.34
CA ASP C 97 -39.65 -20.94 -26.96
C ASP C 97 -38.65 -21.66 -26.06
N GLY C 98 -38.52 -21.18 -24.84
CA GLY C 98 -37.57 -21.73 -23.89
C GLY C 98 -36.27 -20.96 -23.86
N THR C 99 -36.27 -19.78 -24.47
CA THR C 99 -35.09 -18.92 -24.59
C THR C 99 -34.87 -18.06 -23.36
N VAL C 100 -33.77 -18.27 -22.65
CA VAL C 100 -33.51 -17.55 -21.40
C VAL C 100 -32.70 -16.28 -21.63
N GLN C 101 -33.04 -15.22 -20.90
CA GLN C 101 -32.37 -13.92 -21.01
C GLN C 101 -31.72 -13.46 -19.69
N TYR C 102 -30.39 -13.61 -19.60
CA TYR C 102 -29.64 -13.38 -18.36
C TYR C 102 -28.78 -12.11 -18.43
N LEU C 103 -28.75 -11.37 -17.33
CA LEU C 103 -27.95 -10.14 -17.23
C LEU C 103 -27.42 -9.91 -15.81
N GLU C 104 -26.11 -9.70 -15.71
CA GLU C 104 -25.48 -9.43 -14.43
C GLU C 104 -24.59 -8.21 -14.57
N ARG C 105 -24.06 -7.71 -13.44
CA ARG C 105 -23.22 -6.52 -13.48
C ARG C 105 -21.97 -6.62 -12.62
N PHE C 106 -20.97 -7.32 -13.16
CA PHE C 106 -19.76 -7.67 -12.39
C PHE C 106 -18.74 -6.55 -12.29
N SER C 107 -17.83 -6.71 -11.36
CA SER C 107 -16.78 -5.77 -11.14
C SER C 107 -15.63 -6.64 -10.72
N ALA C 108 -14.69 -6.86 -11.62
CA ALA C 108 -13.54 -7.70 -11.31
C ALA C 108 -12.26 -7.10 -11.89
N ARG C 109 -11.13 -7.27 -11.20
CA ARG C 109 -9.86 -6.73 -11.71
C ARG C 109 -9.13 -7.75 -12.57
N VAL C 110 -8.94 -7.37 -13.82
CA VAL C 110 -8.46 -8.27 -14.87
C VAL C 110 -6.96 -8.27 -14.90
N LEU C 111 -6.36 -9.40 -15.25
CA LEU C 111 -4.92 -9.44 -15.37
C LEU C 111 -4.41 -9.45 -16.82
N SER C 112 -4.58 -8.35 -17.55
CA SER C 112 -4.04 -8.25 -18.91
C SER C 112 -2.59 -7.73 -18.89
N PRO C 113 -1.74 -8.33 -19.72
CA PRO C 113 -0.34 -7.89 -19.82
C PRO C 113 -0.22 -6.65 -20.71
N LEU C 114 0.91 -5.94 -20.59
CA LEU C 114 1.13 -4.77 -21.41
C LEU C 114 2.55 -4.76 -21.98
N ASP C 115 2.72 -4.07 -23.11
CA ASP C 115 4.01 -4.01 -23.81
C ASP C 115 4.60 -2.61 -23.72
N PHE C 116 5.51 -2.42 -22.76
CA PHE C 116 6.15 -1.14 -22.49
C PHE C 116 7.34 -0.84 -23.43
N ARG C 117 7.34 -1.45 -24.61
CA ARG C 117 8.47 -1.32 -25.52
C ARG C 117 8.55 0.08 -26.09
N ARG C 118 7.43 0.82 -26.05
CA ARG C 118 7.45 2.23 -26.45
C ARG C 118 7.14 3.18 -25.30
N TYR C 119 7.41 2.72 -24.07
CA TYR C 119 6.76 3.25 -22.85
C TYR C 119 5.88 4.50 -22.96
N PRO C 120 6.48 5.69 -22.91
CA PRO C 120 5.54 6.80 -22.66
C PRO C 120 4.58 6.98 -23.84
N PHE C 121 5.00 6.48 -25.01
CA PHE C 121 4.22 6.59 -26.23
C PHE C 121 3.81 5.20 -26.69
N ASP C 122 2.92 4.56 -25.94
CA ASP C 122 2.58 3.16 -26.21
C ASP C 122 1.08 2.98 -26.31
N SER C 123 0.65 2.07 -27.18
CA SER C 123 -0.76 1.74 -27.25
C SER C 123 -0.93 0.31 -26.76
N GLN C 124 -2.02 0.07 -26.03
CA GLN C 124 -2.26 -1.24 -25.42
C GLN C 124 -3.55 -1.90 -25.89
N THR C 125 -3.61 -3.21 -25.70
CA THR C 125 -4.79 -3.99 -26.06
C THR C 125 -5.09 -4.92 -24.88
N LEU C 126 -6.08 -4.54 -24.08
CA LEU C 126 -6.45 -5.28 -22.87
C LEU C 126 -7.39 -6.44 -23.18
N HIS C 127 -7.43 -7.45 -22.30
CA HIS C 127 -8.28 -8.62 -22.53
C HIS C 127 -9.19 -9.05 -21.34
N ILE C 128 -10.41 -9.46 -21.71
CA ILE C 128 -11.36 -10.08 -20.80
C ILE C 128 -11.69 -11.43 -21.42
N TYR C 129 -12.01 -12.46 -20.62
CA TYR C 129 -12.03 -13.78 -21.23
C TYR C 129 -13.28 -14.69 -21.28
N LEU C 130 -13.77 -15.18 -20.14
CA LEU C 130 -14.96 -16.06 -20.20
C LEU C 130 -14.94 -17.46 -20.81
N ILE C 131 -14.27 -18.40 -20.15
CA ILE C 131 -14.42 -19.81 -20.47
C ILE C 131 -15.73 -20.39 -19.99
N VAL C 132 -15.93 -21.67 -20.26
CA VAL C 132 -17.12 -22.37 -19.82
C VAL C 132 -16.96 -23.86 -20.11
N ARG C 133 -17.01 -24.67 -19.05
CA ARG C 133 -16.71 -26.09 -19.16
C ARG C 133 -17.97 -26.86 -19.50
N SER C 134 -17.82 -27.95 -20.25
CA SER C 134 -18.96 -28.77 -20.67
C SER C 134 -19.23 -29.90 -19.64
N VAL C 135 -20.44 -30.55 -19.76
CA VAL C 135 -20.82 -31.52 -18.70
C VAL C 135 -21.11 -32.86 -19.43
N ASP C 136 -22.24 -32.91 -20.11
CA ASP C 136 -22.69 -34.06 -20.89
C ASP C 136 -23.44 -33.58 -22.15
N THR C 137 -23.62 -32.26 -22.20
CA THR C 137 -23.77 -31.54 -23.46
C THR C 137 -22.51 -30.66 -23.58
N ARG C 138 -22.11 -30.41 -24.81
CA ARG C 138 -20.99 -29.54 -25.04
C ARG C 138 -21.49 -28.12 -24.96
N ASN C 139 -20.61 -27.23 -24.51
CA ASN C 139 -20.89 -25.79 -24.50
C ASN C 139 -19.93 -24.98 -25.35
N ILE C 140 -20.52 -24.32 -26.33
CA ILE C 140 -19.85 -23.32 -27.12
C ILE C 140 -20.49 -22.04 -26.62
N VAL C 141 -19.64 -21.03 -26.38
CA VAL C 141 -20.04 -19.65 -26.10
C VAL C 141 -19.92 -18.88 -27.42
N LEU C 142 -20.52 -17.69 -27.51
CA LEU C 142 -20.38 -16.84 -28.71
C LEU C 142 -21.01 -15.48 -28.45
N ALA C 143 -20.59 -14.42 -29.13
CA ALA C 143 -21.02 -13.04 -28.79
C ALA C 143 -22.30 -12.54 -29.50
N VAL C 144 -23.18 -11.88 -28.76
CA VAL C 144 -24.35 -11.19 -29.36
C VAL C 144 -24.13 -9.69 -29.30
N ASP C 145 -23.89 -9.12 -30.47
CA ASP C 145 -23.24 -7.82 -30.62
C ASP C 145 -24.10 -6.60 -30.28
N LEU C 146 -25.27 -6.84 -29.71
CA LEU C 146 -26.13 -5.74 -29.31
C LEU C 146 -26.03 -5.52 -27.78
N GLU C 147 -25.56 -6.54 -27.08
CA GLU C 147 -25.20 -6.44 -25.67
C GLU C 147 -23.66 -6.38 -25.53
N LYS C 148 -22.98 -6.34 -26.68
CA LYS C 148 -21.51 -6.25 -26.73
C LYS C 148 -20.99 -4.89 -27.17
N VAL C 149 -21.90 -3.96 -27.47
CA VAL C 149 -21.54 -2.59 -27.76
C VAL C 149 -21.18 -1.96 -26.40
N GLY C 150 -20.74 -2.83 -25.48
CA GLY C 150 -20.47 -2.49 -24.11
C GLY C 150 -19.33 -1.51 -23.99
N LYS C 151 -19.69 -0.29 -23.68
CA LYS C 151 -18.75 0.79 -23.47
C LYS C 151 -19.70 1.96 -23.44
N ASN C 152 -19.76 2.66 -22.35
CA ASN C 152 -20.56 3.86 -22.29
C ASN C 152 -19.83 4.98 -23.01
N ASP C 153 -20.40 6.17 -23.00
CA ASP C 153 -19.69 7.32 -23.51
C ASP C 153 -19.05 8.00 -22.31
N ASP C 154 -18.74 7.17 -21.32
CA ASP C 154 -18.21 7.63 -20.04
C ASP C 154 -17.02 6.78 -19.62
N VAL C 155 -16.74 5.70 -20.34
CA VAL C 155 -15.63 4.84 -19.98
C VAL C 155 -14.49 5.78 -19.64
N PHE C 156 -13.89 5.56 -18.49
CA PHE C 156 -12.91 6.49 -17.94
C PHE C 156 -11.47 6.11 -18.28
N LEU C 157 -10.91 5.21 -17.47
CA LEU C 157 -9.51 4.81 -17.58
C LEU C 157 -8.51 5.96 -17.61
N THR C 158 -8.24 6.50 -16.44
CA THR C 158 -7.46 7.72 -16.28
C THR C 158 -6.12 7.68 -16.99
N GLY C 159 -5.88 8.76 -17.77
CA GLY C 159 -4.57 8.90 -18.41
C GLY C 159 -4.36 8.03 -19.63
N TRP C 160 -5.44 7.43 -20.11
CA TRP C 160 -5.42 6.69 -21.36
C TRP C 160 -6.60 7.13 -22.22
N ASP C 161 -6.35 7.31 -23.50
CA ASP C 161 -7.40 7.50 -24.47
C ASP C 161 -7.90 6.10 -24.81
N ILE C 162 -9.23 5.92 -24.87
CA ILE C 162 -9.75 4.61 -25.20
C ILE C 162 -10.18 4.56 -26.64
N GLU C 163 -9.65 3.58 -27.36
CA GLU C 163 -9.85 3.51 -28.80
C GLU C 163 -11.11 2.73 -29.25
N SER C 164 -11.34 1.55 -28.67
CA SER C 164 -12.43 0.68 -29.12
C SER C 164 -12.64 -0.56 -28.24
N PHE C 165 -13.86 -0.80 -27.77
CA PHE C 165 -14.19 -2.10 -27.16
C PHE C 165 -14.90 -2.97 -28.21
N THR C 166 -14.27 -4.10 -28.56
CA THR C 166 -14.73 -5.02 -29.59
C THR C 166 -14.59 -6.47 -29.08
N ALA C 167 -14.88 -7.49 -29.89
CA ALA C 167 -14.60 -8.88 -29.46
C ALA C 167 -14.41 -9.96 -30.55
N VAL C 168 -13.62 -11.00 -30.25
CA VAL C 168 -13.33 -12.08 -31.20
C VAL C 168 -14.48 -13.08 -31.36
N VAL C 169 -15.24 -12.90 -32.42
CA VAL C 169 -16.42 -13.69 -32.63
C VAL C 169 -16.18 -15.18 -32.42
N LYS C 170 -15.21 -15.75 -33.15
CA LYS C 170 -14.93 -17.19 -33.13
C LYS C 170 -14.20 -17.61 -31.84
N PRO C 171 -14.92 -18.33 -30.94
CA PRO C 171 -14.29 -18.75 -29.70
C PRO C 171 -13.21 -19.80 -29.97
N ALA C 172 -12.38 -20.00 -28.97
CA ALA C 172 -11.43 -21.08 -29.04
C ALA C 172 -11.91 -22.17 -28.10
N ASN C 173 -12.12 -23.36 -28.65
CA ASN C 173 -12.59 -24.48 -27.85
C ASN C 173 -11.45 -25.44 -27.50
N PHE C 174 -11.19 -25.60 -26.23
CA PHE C 174 -10.08 -26.42 -25.77
C PHE C 174 -10.57 -27.80 -25.43
N ALA C 175 -9.63 -28.64 -25.12
CA ALA C 175 -9.93 -29.83 -24.36
C ALA C 175 -9.09 -29.66 -23.11
N LEU C 176 -9.77 -29.37 -22.02
CA LEU C 176 -9.08 -29.20 -20.78
C LEU C 176 -9.58 -30.21 -19.76
N GLU C 177 -8.75 -31.22 -19.49
CA GLU C 177 -9.10 -32.31 -18.56
C GLU C 177 -10.38 -33.06 -18.95
N ASP C 178 -10.29 -33.81 -20.05
CA ASP C 178 -11.40 -34.64 -20.49
C ASP C 178 -12.72 -33.90 -20.47
N ARG C 179 -12.71 -32.62 -20.84
CA ARG C 179 -13.93 -31.82 -20.98
C ARG C 179 -13.66 -30.55 -21.75
N LEU C 180 -14.18 -30.46 -22.97
CA LEU C 180 -13.94 -29.27 -23.77
C LEU C 180 -14.53 -28.06 -23.06
N GLU C 181 -13.69 -27.01 -23.02
CA GLU C 181 -14.19 -25.71 -22.58
C GLU C 181 -14.24 -24.78 -23.78
N SER C 182 -14.78 -23.58 -23.57
CA SER C 182 -14.93 -22.66 -24.67
C SER C 182 -14.67 -21.27 -24.17
N LYS C 183 -13.67 -20.62 -24.76
CA LYS C 183 -13.17 -19.33 -24.32
C LYS C 183 -13.37 -18.23 -25.38
N LEU C 184 -13.73 -17.03 -24.91
CA LEU C 184 -14.01 -15.89 -25.79
C LEU C 184 -13.03 -14.79 -25.52
N ASP C 185 -12.83 -13.88 -26.46
CA ASP C 185 -11.82 -12.83 -26.29
C ASP C 185 -12.36 -11.40 -26.42
N TYR C 186 -12.59 -10.72 -25.29
CA TYR C 186 -13.05 -9.33 -25.33
C TYR C 186 -11.91 -8.33 -25.24
N GLN C 187 -11.85 -7.44 -26.23
CA GLN C 187 -10.68 -6.60 -26.47
C GLN C 187 -10.88 -5.10 -26.22
N LEU C 188 -10.12 -4.55 -25.27
CA LEU C 188 -10.12 -3.10 -25.03
C LEU C 188 -8.80 -2.42 -25.47
N ARG C 189 -8.89 -1.65 -26.56
CA ARG C 189 -7.73 -0.97 -27.15
C ARG C 189 -7.60 0.44 -26.59
N ILE C 190 -6.41 0.74 -26.06
CA ILE C 190 -6.15 2.04 -25.45
C ILE C 190 -4.79 2.59 -25.83
N SER C 191 -4.71 3.91 -26.03
CA SER C 191 -3.43 4.57 -26.20
C SER C 191 -3.16 5.44 -24.97
N ARG C 192 -1.91 5.48 -24.52
CA ARG C 192 -1.59 6.32 -23.37
C ARG C 192 -1.62 7.78 -23.76
N GLN C 193 -2.03 8.60 -22.80
CA GLN C 193 -1.90 10.05 -22.88
C GLN C 193 -0.53 10.42 -22.38
N TYR C 194 0.46 10.18 -23.25
CA TYR C 194 1.80 10.73 -23.12
C TYR C 194 1.58 12.21 -23.18
N PHE C 195 2.40 12.92 -22.44
CA PHE C 195 2.28 14.35 -22.45
C PHE C 195 2.78 14.81 -21.12
N SER C 196 2.00 14.60 -20.09
CA SER C 196 2.41 14.90 -18.72
C SER C 196 3.83 14.36 -18.54
N TYR C 197 4.23 13.51 -19.50
CA TYR C 197 5.56 12.93 -19.55
C TYR C 197 6.62 13.92 -20.04
N ILE C 198 6.22 14.89 -20.84
CA ILE C 198 7.17 15.91 -21.33
C ILE C 198 7.52 17.00 -20.31
N PRO C 199 6.54 17.84 -19.95
CA PRO C 199 6.77 18.93 -19.00
C PRO C 199 7.38 18.44 -17.69
N ASN C 200 7.32 17.13 -17.45
CA ASN C 200 7.67 16.59 -16.15
C ASN C 200 8.82 15.59 -16.15
N ILE C 201 9.12 15.04 -17.31
CA ILE C 201 10.17 14.02 -17.43
C ILE C 201 11.10 14.24 -18.63
N ILE C 202 10.50 14.24 -19.81
CA ILE C 202 11.24 14.32 -21.05
C ILE C 202 11.99 15.62 -21.09
N LEU C 203 11.26 16.72 -21.04
CA LEU C 203 11.90 18.03 -21.04
C LEU C 203 12.86 18.21 -19.87
N PRO C 204 12.35 18.26 -18.62
CA PRO C 204 13.28 18.48 -17.49
C PRO C 204 14.53 17.58 -17.54
N MET C 205 14.36 16.35 -18.02
CA MET C 205 15.46 15.40 -18.11
C MET C 205 16.47 15.82 -19.18
N LEU C 206 15.98 16.45 -20.26
CA LEU C 206 16.81 17.04 -21.30
C LEU C 206 17.57 18.28 -20.84
N PHE C 207 16.85 19.25 -20.30
CA PHE C 207 17.44 20.49 -19.80
C PHE C 207 18.73 20.30 -18.96
N ILE C 208 18.70 19.38 -18.00
CA ILE C 208 19.86 19.12 -17.15
C ILE C 208 21.06 18.65 -17.96
N LEU C 209 20.77 17.81 -18.96
CA LEU C 209 21.79 17.25 -19.87
C LEU C 209 22.56 18.34 -20.59
N PHE C 210 21.86 19.43 -20.90
CA PHE C 210 22.44 20.58 -21.59
C PHE C 210 23.38 21.37 -20.66
N ILE C 211 22.79 21.92 -19.62
CA ILE C 211 23.59 22.52 -18.58
C ILE C 211 24.81 21.68 -18.24
N SER C 212 24.67 20.35 -18.22
CA SER C 212 25.79 19.42 -17.99
C SER C 212 26.95 19.87 -18.82
N TRP C 213 26.67 20.06 -20.11
CA TRP C 213 27.73 20.34 -21.03
C TRP C 213 27.83 21.82 -21.47
N THR C 214 27.29 22.68 -20.63
CA THR C 214 27.74 24.05 -20.55
C THR C 214 29.25 24.05 -20.24
N ALA C 215 29.69 23.06 -19.46
CA ALA C 215 31.07 22.99 -18.97
C ALA C 215 32.09 22.69 -20.08
N PHE C 216 31.65 22.90 -21.32
CA PHE C 216 32.57 22.94 -22.44
C PHE C 216 33.15 24.36 -22.61
N TRP C 217 32.28 25.35 -22.49
CA TRP C 217 32.70 26.75 -22.52
C TRP C 217 33.29 27.21 -21.18
N SER C 218 33.97 26.31 -20.50
CA SER C 218 34.53 26.61 -19.20
C SER C 218 35.89 25.98 -19.08
N THR C 219 36.75 26.59 -18.26
CA THR C 219 38.11 26.12 -18.09
C THR C 219 38.36 25.76 -16.64
N SER C 220 37.41 26.15 -15.78
CA SER C 220 37.46 25.84 -14.35
C SER C 220 37.12 24.37 -14.15
N TYR C 221 38.05 23.59 -13.62
CA TYR C 221 37.76 22.20 -13.33
C TYR C 221 36.82 22.18 -12.12
N GLU C 222 37.11 23.04 -11.11
CA GLU C 222 36.29 23.09 -9.93
C GLU C 222 34.81 23.21 -10.30
N ALA C 223 34.49 24.03 -11.31
CA ALA C 223 33.12 24.37 -11.69
C ALA C 223 32.70 23.58 -12.88
N ASN C 224 33.59 22.71 -13.37
CA ASN C 224 33.25 21.86 -14.48
C ASN C 224 32.80 20.51 -13.96
N VAL C 225 33.28 20.14 -12.79
CA VAL C 225 32.75 18.94 -12.11
C VAL C 225 31.52 19.35 -11.30
N THR C 226 31.65 20.44 -10.50
CA THR C 226 30.48 21.05 -9.87
C THR C 226 29.42 21.24 -10.95
N LEU C 227 29.75 21.02 -12.21
CA LEU C 227 28.82 21.16 -13.33
C LEU C 227 28.36 19.80 -13.85
N VAL C 228 29.17 19.15 -14.69
CA VAL C 228 28.79 17.85 -15.27
C VAL C 228 28.28 16.84 -14.23
N VAL C 229 28.92 16.82 -13.06
CA VAL C 229 28.56 15.89 -11.98
C VAL C 229 27.26 16.24 -11.26
N SER C 230 27.13 17.49 -10.82
CA SER C 230 25.89 17.95 -10.22
C SER C 230 24.66 17.58 -11.06
N THR C 231 24.78 17.59 -12.39
CA THR C 231 23.65 17.22 -13.24
C THR C 231 23.45 15.71 -13.32
N LEU C 232 24.55 14.96 -13.37
CA LEU C 232 24.45 13.51 -13.48
C LEU C 232 23.62 12.95 -12.34
N ILE C 233 23.96 13.39 -11.13
CA ILE C 233 23.14 13.07 -9.98
C ILE C 233 21.66 13.23 -10.37
N ALA C 234 21.27 14.43 -10.78
CA ALA C 234 19.88 14.79 -11.07
C ALA C 234 19.26 13.93 -12.16
N HIS C 235 20.10 13.33 -12.98
CA HIS C 235 19.63 12.40 -13.95
C HIS C 235 19.15 11.11 -13.31
N ILE C 236 19.94 10.59 -12.39
CA ILE C 236 19.57 9.40 -11.64
C ILE C 236 18.24 9.63 -10.97
N ALA C 237 18.04 10.83 -10.45
CA ALA C 237 16.78 11.21 -9.80
C ALA C 237 15.63 11.20 -10.81
N PHE C 238 15.93 11.12 -12.10
CA PHE C 238 14.90 10.88 -13.09
C PHE C 238 14.83 9.39 -13.42
N ASN C 239 15.97 8.79 -13.72
CA ASN C 239 16.03 7.35 -13.90
C ASN C 239 15.30 6.62 -12.78
N ILE C 240 15.41 7.13 -11.56
CA ILE C 240 14.74 6.50 -10.42
C ILE C 240 13.24 6.79 -10.46
N LEU C 241 12.89 8.04 -10.77
CA LEU C 241 11.49 8.46 -10.83
C LEU C 241 10.73 7.58 -11.77
N VAL C 242 11.38 7.25 -12.88
CA VAL C 242 10.75 6.55 -13.98
C VAL C 242 10.77 5.05 -13.76
N GLU C 243 11.93 4.55 -13.36
CA GLU C 243 12.11 3.13 -13.10
C GLU C 243 11.15 2.65 -12.02
N THR C 244 10.60 3.59 -11.25
CA THR C 244 9.67 3.24 -10.18
C THR C 244 8.23 2.99 -10.67
N ASN C 245 7.64 3.94 -11.38
CA ASN C 245 6.29 3.75 -11.88
C ASN C 245 6.26 2.86 -13.13
N LEU C 246 7.10 1.82 -13.13
CA LEU C 246 7.25 0.87 -14.24
C LEU C 246 7.82 -0.48 -13.77
N PRO C 247 7.43 -1.60 -14.41
CA PRO C 247 7.81 -2.97 -14.02
C PRO C 247 9.14 -3.51 -14.56
N LYS C 248 9.52 -4.68 -14.07
CA LYS C 248 10.81 -5.24 -14.44
C LYS C 248 10.73 -5.99 -15.76
N THR C 249 10.75 -5.20 -16.83
CA THR C 249 10.76 -5.71 -18.19
C THR C 249 12.03 -6.54 -18.49
N PRO C 250 11.87 -7.62 -19.25
CA PRO C 250 12.99 -8.46 -19.68
C PRO C 250 13.54 -7.95 -21.01
N TYR C 251 12.98 -6.85 -21.50
CA TYR C 251 13.37 -6.25 -22.78
C TYR C 251 13.69 -4.80 -22.52
N MET C 252 13.95 -4.04 -23.59
CA MET C 252 14.25 -2.64 -23.38
C MET C 252 13.14 -1.66 -23.76
N THR C 253 12.84 -0.77 -22.81
CA THR C 253 11.91 0.35 -22.98
C THR C 253 12.45 1.38 -23.95
N TYR C 254 11.60 2.28 -24.44
CA TYR C 254 12.08 3.39 -25.24
C TYR C 254 12.76 4.38 -24.34
N THR C 255 12.03 4.86 -23.36
CA THR C 255 12.58 5.85 -22.45
C THR C 255 13.67 5.22 -21.59
N GLY C 256 13.64 3.90 -21.45
CA GLY C 256 14.69 3.19 -20.73
C GLY C 256 15.97 3.26 -21.53
N ALA C 257 15.79 3.41 -22.83
CA ALA C 257 16.89 3.58 -23.76
C ALA C 257 17.45 4.97 -23.63
N ILE C 258 16.67 5.95 -24.08
CA ILE C 258 17.15 7.33 -24.10
C ILE C 258 17.57 7.75 -22.71
N ILE C 259 16.96 7.19 -21.67
CA ILE C 259 17.39 7.47 -20.30
C ILE C 259 18.75 6.82 -19.95
N PHE C 260 19.05 5.73 -20.65
CA PHE C 260 20.34 5.08 -20.50
C PHE C 260 21.38 5.71 -21.43
N MET C 261 21.00 5.88 -22.70
CA MET C 261 21.85 6.55 -23.70
C MET C 261 22.35 7.88 -23.11
N ILE C 262 21.51 8.48 -22.25
CA ILE C 262 21.87 9.72 -21.60
C ILE C 262 23.09 9.48 -20.72
N TYR C 263 23.03 8.44 -19.90
CA TYR C 263 24.11 8.17 -18.94
C TYR C 263 25.48 8.38 -19.60
N LEU C 264 25.61 7.97 -20.85
CA LEU C 264 26.88 8.01 -21.56
C LEU C 264 27.43 9.43 -21.83
N PHE C 265 26.58 10.31 -22.33
CA PHE C 265 26.96 11.66 -22.72
C PHE C 265 27.34 12.50 -21.51
N TYR C 266 27.18 11.90 -20.33
CA TYR C 266 27.62 12.47 -19.05
C TYR C 266 29.00 11.90 -18.73
N PHE C 267 29.20 10.62 -19.07
CA PHE C 267 30.46 9.96 -18.79
C PHE C 267 31.60 10.57 -19.62
N VAL C 268 31.35 10.66 -20.92
CA VAL C 268 32.31 11.23 -21.83
C VAL C 268 32.38 12.75 -21.68
N ALA C 269 31.30 13.36 -21.22
CA ALA C 269 31.37 14.75 -20.80
C ALA C 269 32.40 14.83 -19.70
N VAL C 270 32.19 14.04 -18.65
CA VAL C 270 33.14 13.92 -17.56
C VAL C 270 34.56 13.54 -18.02
N ILE C 271 34.65 12.52 -18.86
CA ILE C 271 35.92 12.20 -19.50
C ILE C 271 36.61 13.46 -20.02
N GLU C 272 35.90 14.25 -20.81
CA GLU C 272 36.47 15.42 -21.45
C GLU C 272 36.94 16.43 -20.43
N VAL C 273 36.05 16.97 -19.61
CA VAL C 273 36.47 18.00 -18.66
C VAL C 273 37.66 17.46 -17.91
N THR C 274 37.63 16.16 -17.66
CA THR C 274 38.67 15.51 -16.91
C THR C 274 40.00 15.60 -17.63
N VAL C 275 39.96 15.52 -18.89
CA VAL C 275 41.19 15.51 -19.69
C VAL C 275 41.54 16.88 -20.28
N GLN C 276 40.58 17.78 -20.38
CA GLN C 276 40.86 19.19 -20.62
C GLN C 276 41.74 19.75 -19.50
N HIS C 277 42.21 18.87 -18.63
CA HIS C 277 42.96 19.26 -17.46
C HIS C 277 44.31 18.59 -17.27
N TYR C 278 44.37 17.25 -17.19
CA TYR C 278 45.66 16.57 -17.34
C TYR C 278 46.31 16.84 -18.69
N LEU C 279 45.71 17.76 -19.44
CA LEU C 279 46.20 18.19 -20.75
C LEU C 279 46.30 19.71 -20.82
N LYS C 280 45.81 20.38 -19.79
CA LYS C 280 45.97 21.82 -19.68
C LYS C 280 46.99 22.14 -18.57
N VAL C 281 47.20 21.14 -17.70
CA VAL C 281 48.22 21.30 -16.68
C VAL C 281 49.53 20.79 -17.26
N GLU C 282 49.45 19.79 -18.05
CA GLU C 282 50.54 19.41 -18.94
C GLU C 282 50.50 20.61 -19.88
N SER C 283 51.58 21.39 -19.93
CA SER C 283 51.54 22.68 -20.61
C SER C 283 51.33 22.44 -22.10
N GLN C 284 50.09 22.08 -22.45
CA GLN C 284 49.67 21.75 -23.80
C GLN C 284 48.25 22.26 -24.05
N PRO C 285 47.91 23.45 -23.52
CA PRO C 285 46.59 24.05 -23.74
C PRO C 285 46.35 24.24 -25.21
N ALA C 286 47.41 24.08 -25.99
CA ALA C 286 47.27 23.91 -27.43
C ALA C 286 46.07 22.97 -27.64
N ARG C 287 46.24 21.72 -27.19
CA ARG C 287 45.25 20.66 -27.37
C ARG C 287 43.97 20.89 -26.60
N ALA C 288 44.09 21.12 -25.30
CA ALA C 288 42.92 21.19 -24.43
C ALA C 288 41.85 22.05 -25.06
N ALA C 289 42.20 23.29 -25.34
CA ALA C 289 41.23 24.25 -25.85
C ALA C 289 40.90 23.92 -27.31
N SER C 290 41.48 22.83 -27.79
CA SER C 290 41.08 22.29 -29.08
C SER C 290 39.97 21.26 -28.85
N ILE C 291 40.22 20.30 -27.96
CA ILE C 291 39.19 19.33 -27.56
C ILE C 291 37.91 19.97 -27.05
N THR C 292 38.05 20.80 -26.02
CA THR C 292 36.90 21.43 -25.40
C THR C 292 36.09 22.16 -26.47
N ARG C 293 36.81 22.82 -27.38
CA ARG C 293 36.20 23.56 -28.47
C ARG C 293 35.36 22.61 -29.32
N ALA C 294 35.88 21.40 -29.49
CA ALA C 294 35.23 20.36 -30.29
C ALA C 294 33.95 19.81 -29.66
N SER C 295 34.03 19.41 -28.40
CA SER C 295 32.91 18.77 -27.74
C SER C 295 31.63 19.61 -27.83
N ARG C 296 31.81 20.93 -27.98
CA ARG C 296 30.70 21.86 -28.10
C ARG C 296 29.86 21.59 -29.34
N ILE C 297 30.33 20.66 -30.16
CA ILE C 297 29.61 20.25 -31.37
C ILE C 297 29.42 18.73 -31.33
N ALA C 298 30.52 18.01 -31.10
CA ALA C 298 30.54 16.55 -31.06
C ALA C 298 29.37 16.02 -30.28
N PHE C 299 29.24 16.53 -29.06
CA PHE C 299 28.23 16.00 -28.17
C PHE C 299 26.78 16.16 -28.66
N PRO C 300 26.31 17.41 -28.76
CA PRO C 300 24.92 17.66 -29.15
C PRO C 300 24.55 16.96 -30.46
N VAL C 301 25.49 16.95 -31.39
CA VAL C 301 25.22 16.31 -32.65
C VAL C 301 25.04 14.80 -32.47
N VAL C 302 26.03 14.15 -31.86
CA VAL C 302 25.99 12.69 -31.69
C VAL C 302 24.79 12.28 -30.87
N PHE C 303 24.25 13.23 -30.14
CA PHE C 303 23.05 13.00 -29.37
C PHE C 303 21.84 13.05 -30.28
N LEU C 304 21.65 14.19 -30.94
CA LEU C 304 20.55 14.35 -31.86
C LEU C 304 20.63 13.25 -32.92
N LEU C 305 21.85 12.81 -33.19
CA LEU C 305 22.09 11.71 -34.12
C LEU C 305 21.65 10.39 -33.52
N ALA C 306 22.10 10.11 -32.30
CA ALA C 306 21.82 8.86 -31.61
C ALA C 306 20.37 8.78 -31.17
N ASN C 307 19.68 9.91 -31.19
CA ASN C 307 18.26 9.95 -30.87
C ASN C 307 17.42 9.63 -32.10
N ILE C 308 17.81 10.25 -33.19
CA ILE C 308 17.22 9.94 -34.45
C ILE C 308 17.55 8.48 -34.75
N ILE C 309 18.70 7.99 -34.26
CA ILE C 309 19.09 6.60 -34.48
C ILE C 309 18.24 5.74 -33.59
N LEU C 310 18.16 6.13 -32.32
CA LEU C 310 17.38 5.39 -31.32
C LEU C 310 15.90 5.50 -31.62
N ALA C 311 15.38 6.72 -31.62
CA ALA C 311 13.97 6.95 -31.90
C ALA C 311 13.51 6.09 -33.05
N PHE C 312 14.18 6.22 -34.19
CA PHE C 312 13.83 5.44 -35.36
C PHE C 312 13.91 3.93 -35.12
N LEU C 313 14.86 3.52 -34.27
CA LEU C 313 15.09 2.10 -34.02
C LEU C 313 13.91 1.47 -33.31
N PHE C 314 13.03 2.31 -32.75
CA PHE C 314 11.87 1.86 -31.95
C PHE C 314 10.52 2.07 -32.62
N PHE C 315 10.31 3.25 -33.20
CA PHE C 315 9.05 3.56 -33.84
C PHE C 315 9.08 3.28 -35.35
N GLY C 316 10.15 3.74 -36.01
CA GLY C 316 10.28 3.60 -37.45
C GLY C 316 10.38 2.17 -37.98
N PHE C 317 10.68 1.22 -37.09
CA PHE C 317 10.81 -0.20 -37.45
C PHE C 317 9.78 -1.06 -36.70
N PRO D 8 -41.51 -10.27 -8.59
CA PRO D 8 -42.96 -9.99 -8.61
C PRO D 8 -43.32 -8.49 -8.55
N PRO D 9 -43.12 -7.74 -9.67
CA PRO D 9 -43.25 -6.27 -9.76
C PRO D 9 -44.69 -5.75 -9.77
N PRO D 10 -44.93 -4.52 -9.34
CA PRO D 10 -46.27 -3.98 -9.07
C PRO D 10 -47.03 -3.68 -10.33
N ILE D 11 -48.20 -4.29 -10.43
CA ILE D 11 -49.05 -4.22 -11.60
C ILE D 11 -49.60 -2.80 -11.76
N ALA D 12 -48.88 -1.99 -12.53
CA ALA D 12 -49.24 -0.58 -12.70
C ALA D 12 -50.25 -0.42 -13.83
N ASP D 13 -50.53 0.82 -14.21
CA ASP D 13 -51.30 1.11 -15.42
C ASP D 13 -50.45 2.03 -16.30
N GLU D 14 -49.35 2.54 -15.73
CA GLU D 14 -48.30 3.26 -16.47
C GLU D 14 -46.92 3.15 -15.79
N PRO D 15 -45.89 3.74 -16.42
CA PRO D 15 -44.55 3.73 -15.85
C PRO D 15 -44.56 4.09 -14.38
N LEU D 16 -44.30 3.10 -13.54
CA LEU D 16 -44.13 3.29 -12.10
C LEU D 16 -42.93 4.17 -11.78
N THR D 17 -43.23 5.30 -11.13
CA THR D 17 -42.21 6.21 -10.62
C THR D 17 -41.61 5.67 -9.33
N VAL D 18 -40.28 5.78 -9.20
CA VAL D 18 -39.57 5.42 -7.99
C VAL D 18 -38.94 6.69 -7.46
N ASN D 19 -39.26 7.05 -6.22
CA ASN D 19 -38.70 8.27 -5.64
C ASN D 19 -37.41 8.09 -4.82
N THR D 20 -36.35 8.74 -5.28
CA THR D 20 -35.00 8.56 -4.74
C THR D 20 -34.58 9.71 -3.79
N GLY D 21 -33.42 9.57 -3.14
CA GLY D 21 -32.91 10.57 -2.22
C GLY D 21 -31.69 10.13 -1.44
N ILE D 22 -30.60 10.88 -1.54
CA ILE D 22 -29.37 10.50 -0.84
C ILE D 22 -28.96 11.42 0.30
N TYR D 23 -28.73 10.85 1.50
CA TYR D 23 -28.28 11.64 2.63
C TYR D 23 -26.82 11.36 2.99
N LEU D 24 -25.88 12.04 2.34
CA LEU D 24 -24.48 11.96 2.70
C LEU D 24 -24.26 11.98 4.21
N ILE D 25 -23.69 10.91 4.74
CA ILE D 25 -23.40 10.84 6.16
C ILE D 25 -21.92 11.10 6.34
N GLU D 26 -21.14 10.47 5.49
CA GLU D 26 -19.71 10.70 5.50
C GLU D 26 -19.19 10.95 4.09
N CYS D 27 -18.15 11.78 4.01
CA CYS D 27 -17.36 11.94 2.79
C CYS D 27 -15.87 11.88 3.15
N TYR D 28 -15.06 11.31 2.25
CA TYR D 28 -13.65 11.13 2.57
C TYR D 28 -12.81 10.53 1.44
N SER D 29 -11.52 10.32 1.74
CA SER D 29 -10.52 9.76 0.82
C SER D 29 -10.74 10.09 -0.68
N LEU D 30 -10.89 11.41 -0.94
CA LEU D 30 -10.83 11.89 -2.33
C LEU D 30 -9.42 11.71 -2.90
N ASP D 31 -9.31 10.76 -3.84
CA ASP D 31 -8.02 10.38 -4.40
C ASP D 31 -7.80 11.05 -5.75
N ASP D 32 -7.04 12.14 -5.74
CA ASP D 32 -6.76 12.90 -6.96
C ASP D 32 -6.13 12.04 -8.07
N LYS D 33 -5.10 11.25 -7.72
CA LYS D 33 -4.45 10.36 -8.70
C LYS D 33 -5.50 9.44 -9.33
N ALA D 34 -6.33 8.84 -8.47
CA ALA D 34 -7.29 7.80 -8.84
C ALA D 34 -8.56 8.35 -9.48
N GLU D 35 -8.85 9.61 -9.18
CA GLU D 35 -10.08 10.26 -9.64
C GLU D 35 -11.33 9.57 -9.06
N THR D 36 -11.27 9.28 -7.77
CA THR D 36 -12.37 8.67 -7.05
C THR D 36 -12.49 9.29 -5.68
N PHE D 37 -13.61 9.02 -5.02
CA PHE D 37 -13.77 9.38 -3.63
C PHE D 37 -14.75 8.41 -2.98
N LYS D 38 -14.66 8.28 -1.67
CA LYS D 38 -15.51 7.33 -0.97
C LYS D 38 -16.62 8.13 -0.27
N VAL D 39 -17.86 7.64 -0.39
CA VAL D 39 -19.00 8.21 0.33
C VAL D 39 -19.83 7.16 1.06
N ASN D 40 -20.20 7.49 2.28
CA ASN D 40 -21.17 6.73 3.07
C ASN D 40 -22.40 7.64 3.25
N ALA D 41 -23.59 7.10 2.98
CA ALA D 41 -24.80 7.93 2.87
C ALA D 41 -26.07 7.09 2.83
N PHE D 42 -27.21 7.74 3.09
CA PHE D 42 -28.57 7.16 3.08
C PHE D 42 -29.09 7.12 1.67
N LEU D 43 -29.77 6.03 1.31
CA LEU D 43 -30.49 5.99 0.04
C LEU D 43 -31.98 5.74 0.28
N SER D 44 -32.80 6.73 -0.05
CA SER D 44 -34.22 6.68 0.23
C SER D 44 -34.97 6.44 -1.06
N LEU D 45 -35.81 5.40 -1.07
CA LEU D 45 -36.63 5.02 -2.22
C LEU D 45 -38.11 4.92 -1.84
N SER D 46 -39.02 5.04 -2.81
CA SER D 46 -40.47 4.86 -2.57
C SER D 46 -41.31 4.62 -3.85
N TRP D 47 -42.47 3.99 -3.71
CA TRP D 47 -43.30 3.65 -4.87
C TRP D 47 -44.70 3.09 -4.51
N LYS D 48 -45.69 3.34 -5.36
CA LYS D 48 -47.01 2.77 -5.11
C LYS D 48 -47.06 1.34 -5.64
N ASP D 49 -47.05 0.41 -4.69
CA ASP D 49 -47.26 -0.99 -4.97
C ASP D 49 -48.67 -1.29 -4.47
N ARG D 50 -49.67 -0.68 -5.12
CA ARG D 50 -51.07 -0.76 -4.68
C ARG D 50 -51.43 -2.17 -4.25
N ARG D 51 -50.62 -3.11 -4.71
CA ARG D 51 -50.77 -4.55 -4.49
C ARG D 51 -50.73 -4.96 -3.03
N LEU D 52 -50.17 -4.15 -2.17
CA LEU D 52 -50.16 -4.51 -0.77
C LEU D 52 -50.72 -3.41 0.07
N ALA D 53 -51.80 -2.73 -0.46
CA ALA D 53 -52.60 -1.81 0.34
C ALA D 53 -53.28 -2.60 1.48
N PHE D 54 -53.70 -1.93 2.55
CA PHE D 54 -54.10 -2.73 3.70
C PHE D 54 -55.01 -2.19 4.80
N ASP D 55 -56.22 -1.82 4.43
CA ASP D 55 -57.32 -1.74 5.38
C ASP D 55 -56.91 -1.32 6.78
N PRO D 56 -56.49 -0.05 6.94
CA PRO D 56 -56.01 0.45 8.24
C PRO D 56 -56.73 -0.11 9.46
N VAL D 57 -57.95 0.19 9.59
CA VAL D 57 -58.79 -0.22 10.72
C VAL D 57 -58.89 -1.74 10.78
N ARG D 58 -59.23 -2.34 9.64
CA ARG D 58 -59.49 -3.78 9.55
C ARG D 58 -58.43 -4.69 10.20
N SER D 59 -57.17 -4.29 10.18
CA SER D 59 -56.13 -5.10 10.83
C SER D 59 -54.95 -4.25 11.25
N GLY D 60 -54.06 -4.84 12.05
CA GLY D 60 -52.84 -4.19 12.50
C GLY D 60 -52.90 -2.68 12.75
N VAL D 61 -51.94 -1.96 12.18
CA VAL D 61 -51.76 -0.54 12.51
C VAL D 61 -51.44 0.39 11.33
N ARG D 62 -51.06 1.62 11.68
CA ARG D 62 -50.82 2.73 10.73
C ARG D 62 -50.04 2.27 9.51
N VAL D 63 -48.90 1.61 9.75
CA VAL D 63 -47.97 1.19 8.71
C VAL D 63 -47.29 -0.15 9.03
N LYS D 64 -47.17 -1.00 8.03
CA LYS D 64 -46.69 -2.37 8.23
C LYS D 64 -45.25 -2.54 7.74
N THR D 65 -44.39 -3.03 8.64
CA THR D 65 -42.96 -3.23 8.38
C THR D 65 -42.66 -4.59 7.75
N TYR D 66 -42.01 -4.57 6.59
CA TYR D 66 -41.63 -5.80 5.90
C TYR D 66 -40.11 -5.99 5.88
N GLU D 67 -39.70 -7.24 5.61
CA GLU D 67 -38.32 -7.55 5.29
C GLU D 67 -38.22 -7.59 3.77
N PRO D 68 -37.06 -7.25 3.20
CA PRO D 68 -36.82 -7.18 1.74
C PRO D 68 -37.25 -8.42 0.95
N GLU D 69 -37.21 -9.60 1.56
CA GLU D 69 -37.63 -10.82 0.88
C GLU D 69 -39.11 -10.76 0.52
N ALA D 70 -39.91 -10.20 1.42
CA ALA D 70 -41.34 -10.11 1.20
C ALA D 70 -41.70 -9.24 0.00
N ILE D 71 -41.44 -7.94 0.11
CA ILE D 71 -41.84 -6.98 -0.91
C ILE D 71 -41.10 -7.14 -2.24
N TRP D 72 -41.69 -6.65 -3.32
CA TRP D 72 -40.91 -6.46 -4.52
C TRP D 72 -40.20 -5.13 -4.40
N ILE D 73 -38.89 -5.16 -4.59
CA ILE D 73 -38.07 -3.94 -4.48
C ILE D 73 -37.28 -3.63 -5.76
N PRO D 74 -37.22 -2.35 -6.15
CA PRO D 74 -36.60 -1.94 -7.41
C PRO D 74 -35.08 -2.01 -7.30
N GLU D 75 -34.45 -2.60 -8.31
CA GLU D 75 -33.00 -2.69 -8.30
C GLU D 75 -32.40 -1.36 -8.70
N ILE D 76 -31.84 -0.66 -7.72
CA ILE D 76 -31.21 0.65 -7.97
C ILE D 76 -29.69 0.56 -7.89
N ARG D 77 -29.07 0.37 -9.05
CA ARG D 77 -27.63 0.20 -9.13
C ARG D 77 -27.00 1.58 -9.32
N PHE D 78 -25.87 1.81 -8.65
CA PHE D 78 -25.10 3.04 -8.84
C PHE D 78 -24.28 2.86 -10.09
N VAL D 79 -24.24 3.88 -10.93
CA VAL D 79 -23.60 3.75 -12.24
C VAL D 79 -22.07 3.72 -12.18
N ASN D 80 -21.48 4.82 -11.75
CA ASN D 80 -20.03 4.98 -11.68
C ASN D 80 -19.44 4.53 -10.34
N VAL D 81 -19.39 3.23 -10.11
CA VAL D 81 -18.77 2.75 -8.89
C VAL D 81 -17.83 1.63 -9.19
N GLU D 82 -16.74 1.57 -8.43
CA GLU D 82 -15.76 0.53 -8.61
C GLU D 82 -16.39 -0.86 -8.41
N ASN D 83 -16.91 -1.08 -7.20
CA ASN D 83 -17.51 -2.37 -6.88
C ASN D 83 -18.98 -2.30 -6.49
N ALA D 84 -19.56 -3.48 -6.34
CA ALA D 84 -20.90 -3.56 -5.79
C ALA D 84 -21.01 -2.66 -4.57
N ARG D 85 -21.80 -1.61 -4.71
CA ARG D 85 -22.17 -0.72 -3.62
C ARG D 85 -22.46 -1.47 -2.32
N ASP D 86 -21.84 -1.08 -1.23
CA ASP D 86 -21.87 -1.90 -0.02
C ASP D 86 -22.86 -1.41 1.05
N ALA D 87 -24.12 -1.79 0.89
CA ALA D 87 -25.20 -1.23 1.73
C ALA D 87 -25.95 -2.23 2.63
N ASP D 88 -26.33 -1.77 3.82
CA ASP D 88 -27.18 -2.50 4.76
C ASP D 88 -28.53 -1.78 4.78
N VAL D 89 -29.61 -2.54 4.97
CA VAL D 89 -30.97 -1.97 4.95
C VAL D 89 -31.39 -1.48 6.31
N VAL D 90 -32.15 -0.38 6.34
CA VAL D 90 -32.50 0.25 7.60
C VAL D 90 -33.97 0.09 7.99
N ASP D 91 -34.89 0.27 7.05
CA ASP D 91 -36.32 0.24 7.35
C ASP D 91 -37.10 0.09 6.05
N ILE D 92 -38.14 -0.73 6.07
CA ILE D 92 -39.08 -0.80 4.95
C ILE D 92 -40.48 -0.63 5.51
N SER D 93 -41.19 0.41 5.10
CA SER D 93 -42.46 0.76 5.73
C SER D 93 -43.59 1.06 4.74
N VAL D 94 -44.42 0.04 4.43
CA VAL D 94 -45.52 0.20 3.50
C VAL D 94 -46.73 0.94 4.04
N SER D 95 -47.08 2.05 3.39
CA SER D 95 -48.26 2.83 3.73
C SER D 95 -49.54 2.10 3.30
N PRO D 96 -50.69 2.53 3.85
CA PRO D 96 -51.97 1.95 3.43
C PRO D 96 -52.19 1.91 1.92
N ASP D 97 -52.15 3.04 1.22
CA ASP D 97 -52.51 3.06 -0.20
C ASP D 97 -51.63 2.18 -1.05
N GLY D 98 -50.74 1.45 -0.40
CA GLY D 98 -49.83 0.58 -1.11
C GLY D 98 -48.49 1.23 -1.38
N THR D 99 -48.25 2.36 -0.70
CA THR D 99 -47.03 3.16 -0.86
C THR D 99 -45.88 2.64 0.00
N VAL D 100 -44.80 2.20 -0.62
CA VAL D 100 -43.67 1.63 0.12
C VAL D 100 -42.58 2.65 0.49
N GLN D 101 -42.03 2.53 1.70
CA GLN D 101 -41.00 3.47 2.21
C GLN D 101 -39.68 2.76 2.54
N TYR D 102 -38.69 2.90 1.65
CA TYR D 102 -37.43 2.16 1.73
C TYR D 102 -36.28 3.07 2.10
N LEU D 103 -35.40 2.59 2.98
CA LEU D 103 -34.19 3.33 3.38
C LEU D 103 -33.02 2.40 3.65
N GLU D 104 -31.89 2.69 3.01
CA GLU D 104 -30.66 1.93 3.23
C GLU D 104 -29.48 2.87 3.51
N ARG D 105 -28.35 2.30 3.91
CA ARG D 105 -27.20 3.13 4.24
C ARG D 105 -25.88 2.63 3.62
N PHE D 106 -25.71 2.91 2.34
CA PHE D 106 -24.58 2.41 1.57
C PHE D 106 -23.28 3.17 1.82
N SER D 107 -22.19 2.53 1.42
CA SER D 107 -20.85 3.06 1.52
C SER D 107 -20.16 2.50 0.31
N ALA D 108 -19.98 3.32 -0.71
CA ALA D 108 -19.32 2.86 -1.93
C ALA D 108 -18.37 3.92 -2.47
N ARG D 109 -17.27 3.51 -3.08
CA ARG D 109 -16.32 4.49 -3.63
C ARG D 109 -16.67 4.83 -5.06
N VAL D 110 -16.95 6.10 -5.29
CA VAL D 110 -17.48 6.59 -6.56
C VAL D 110 -16.36 6.95 -7.53
N LEU D 111 -16.60 6.83 -8.84
CA LEU D 111 -15.57 7.17 -9.80
C LEU D 111 -15.92 8.43 -10.56
N SER D 112 -15.91 9.57 -9.89
CA SER D 112 -16.11 10.85 -10.57
C SER D 112 -14.78 11.42 -11.07
N PRO D 113 -14.80 12.00 -12.28
CA PRO D 113 -13.62 12.63 -12.88
C PRO D 113 -13.41 14.05 -12.32
N LEU D 114 -12.18 14.56 -12.45
CA LEU D 114 -11.87 15.89 -11.97
C LEU D 114 -11.08 16.66 -13.04
N ASP D 115 -11.22 17.98 -13.02
CA ASP D 115 -10.54 18.85 -13.96
C ASP D 115 -9.41 19.66 -13.29
N PHE D 116 -8.19 19.14 -13.43
CA PHE D 116 -7.01 19.74 -12.82
C PHE D 116 -6.44 20.93 -13.61
N ARG D 117 -7.28 21.58 -14.42
CA ARG D 117 -6.81 22.65 -15.29
C ARG D 117 -6.37 23.90 -14.52
N ARG D 118 -6.85 23.97 -13.26
CA ARG D 118 -6.41 25.05 -12.37
C ARG D 118 -5.67 24.53 -11.13
N TYR D 119 -5.08 23.34 -11.27
CA TYR D 119 -4.75 22.47 -10.11
C TYR D 119 -4.91 23.04 -8.69
N PRO D 120 -3.90 23.75 -8.19
CA PRO D 120 -4.01 23.93 -6.73
C PRO D 120 -5.22 24.80 -6.35
N PHE D 121 -5.72 25.56 -7.37
CA PHE D 121 -6.84 26.46 -7.19
C PHE D 121 -7.97 26.02 -8.08
N ASP D 122 -8.55 24.87 -7.77
CA ASP D 122 -9.56 24.28 -8.64
C ASP D 122 -10.83 23.96 -7.86
N SER D 123 -11.97 24.14 -8.53
CA SER D 123 -13.24 23.72 -7.96
C SER D 123 -13.79 22.52 -8.74
N GLN D 124 -14.34 21.55 -8.01
CA GLN D 124 -14.79 20.32 -8.61
C GLN D 124 -16.29 20.11 -8.44
N THR D 125 -16.84 19.25 -9.30
CA THR D 125 -18.24 18.83 -9.23
C THR D 125 -18.32 17.28 -9.35
N LEU D 126 -18.51 16.61 -8.21
CA LEU D 126 -18.51 15.15 -8.17
C LEU D 126 -19.90 14.60 -8.53
N HIS D 127 -19.97 13.33 -8.93
CA HIS D 127 -21.26 12.74 -9.32
C HIS D 127 -21.57 11.35 -8.75
N ILE D 128 -22.79 11.14 -8.34
CA ILE D 128 -23.34 9.85 -7.93
C ILE D 128 -24.50 9.57 -8.89
N TYR D 129 -24.80 8.31 -9.19
CA TYR D 129 -25.71 8.11 -10.33
C TYR D 129 -27.07 7.40 -10.23
N LEU D 130 -27.12 6.10 -9.94
CA LEU D 130 -28.43 5.43 -9.85
C LEU D 130 -29.33 5.20 -11.07
N ILE D 131 -28.91 4.30 -11.97
CA ILE D 131 -29.82 3.79 -12.99
C ILE D 131 -30.82 2.80 -12.45
N VAL D 132 -31.72 2.34 -13.30
CA VAL D 132 -32.73 1.36 -12.94
C VAL D 132 -33.42 0.81 -14.20
N ARG D 133 -33.28 -0.49 -14.42
CA ARG D 133 -33.71 -1.09 -15.67
C ARG D 133 -35.18 -1.48 -15.56
N SER D 134 -35.91 -1.40 -16.66
CA SER D 134 -37.34 -1.74 -16.67
C SER D 134 -37.57 -3.24 -17.02
N VAL D 135 -38.76 -3.77 -16.83
CA VAL D 135 -38.98 -5.23 -16.98
C VAL D 135 -40.14 -5.40 -17.99
N ASP D 136 -41.35 -5.11 -17.53
CA ASP D 136 -42.57 -5.18 -18.33
C ASP D 136 -43.52 -4.05 -17.91
N THR D 137 -43.14 -3.35 -16.84
CA THR D 137 -43.55 -1.96 -16.61
C THR D 137 -42.28 -1.14 -16.79
N ARG D 138 -42.46 0.11 -17.22
CA ARG D 138 -41.34 1.01 -17.38
C ARG D 138 -41.04 1.60 -16.04
N ASN D 139 -39.77 1.88 -15.77
CA ASN D 139 -39.39 2.56 -14.53
C ASN D 139 -38.73 3.88 -14.80
N ILE D 140 -39.36 4.91 -14.25
CA ILE D 140 -38.75 6.22 -14.20
C ILE D 140 -38.39 6.38 -12.75
N VAL D 141 -37.20 6.93 -12.49
CA VAL D 141 -36.73 7.31 -11.16
C VAL D 141 -36.99 8.82 -11.08
N LEU D 142 -36.94 9.38 -9.87
CA LEU D 142 -37.03 10.84 -9.67
C LEU D 142 -36.76 11.22 -8.20
N ALA D 143 -36.31 12.44 -7.94
CA ALA D 143 -35.86 12.80 -6.58
C ALA D 143 -36.94 13.36 -5.62
N VAL D 144 -36.98 12.89 -4.36
CA VAL D 144 -37.81 13.49 -3.30
C VAL D 144 -36.97 14.31 -2.31
N ASP D 145 -37.11 15.63 -2.43
CA ASP D 145 -36.11 16.56 -1.94
C ASP D 145 -36.02 16.69 -0.44
N LEU D 146 -36.74 15.85 0.29
CA LEU D 146 -36.70 15.92 1.73
C LEU D 146 -35.79 14.82 2.30
N GLU D 147 -35.57 13.81 1.47
CA GLU D 147 -34.56 12.79 1.76
C GLU D 147 -33.33 13.04 0.88
N LYS D 148 -33.31 14.16 0.17
CA LYS D 148 -32.19 14.57 -0.69
C LYS D 148 -31.41 15.76 -0.16
N VAL D 149 -31.83 16.29 0.99
CA VAL D 149 -31.08 17.34 1.68
C VAL D 149 -29.88 16.63 2.33
N GLY D 150 -29.49 15.52 1.70
CA GLY D 150 -28.47 14.62 2.19
C GLY D 150 -27.12 15.28 2.23
N LYS D 151 -26.70 15.61 3.44
CA LYS D 151 -25.41 16.19 3.71
C LYS D 151 -25.60 16.59 5.15
N ASN D 152 -24.77 16.03 5.99
CA ASN D 152 -24.84 16.44 7.38
C ASN D 152 -24.13 17.79 7.50
N ASP D 153 -24.03 18.29 8.72
CA ASP D 153 -23.24 19.47 8.97
C ASP D 153 -21.87 18.99 9.43
N ASP D 154 -21.53 17.79 8.96
CA ASP D 154 -20.31 17.09 9.35
C ASP D 154 -19.58 16.55 8.12
N VAL D 155 -20.21 16.66 6.96
CA VAL D 155 -19.57 16.15 5.76
C VAL D 155 -18.14 16.62 5.85
N PHE D 156 -17.22 15.67 5.67
CA PHE D 156 -15.81 15.93 5.90
C PHE D 156 -15.04 16.31 4.63
N LEU D 157 -14.63 15.29 3.88
CA LEU D 157 -13.80 15.48 2.69
C LEU D 157 -12.56 16.34 2.90
N THR D 158 -11.54 15.71 3.48
CA THR D 158 -10.34 16.38 3.93
C THR D 158 -9.68 17.24 2.85
N GLY D 159 -9.33 18.47 3.19
CA GLY D 159 -8.63 19.38 2.28
C GLY D 159 -9.47 19.95 1.16
N TRP D 160 -10.79 19.77 1.24
CA TRP D 160 -11.73 20.42 0.33
C TRP D 160 -12.84 21.10 1.09
N ASP D 161 -13.16 22.32 0.67
CA ASP D 161 -14.33 23.01 1.17
C ASP D 161 -15.48 22.46 0.37
N ILE D 162 -16.60 22.12 1.02
CA ILE D 162 -17.72 21.55 0.27
C ILE D 162 -18.78 22.62 0.06
N GLU D 163 -19.18 22.79 -1.19
CA GLU D 163 -20.05 23.91 -1.52
C GLU D 163 -21.55 23.62 -1.45
N SER D 164 -21.98 22.47 -1.91
CA SER D 164 -23.42 22.15 -2.00
C SER D 164 -23.69 20.72 -2.51
N PHE D 165 -24.50 19.96 -1.85
CA PHE D 165 -25.01 18.69 -2.42
C PHE D 165 -26.40 18.96 -2.94
N THR D 166 -26.57 18.80 -4.25
CA THR D 166 -27.85 19.05 -4.93
C THR D 166 -28.11 17.90 -5.94
N ALA D 167 -29.20 17.94 -6.71
CA ALA D 167 -29.45 16.91 -7.74
C ALA D 167 -30.31 17.32 -8.94
N VAL D 168 -30.05 16.70 -10.10
CA VAL D 168 -30.76 17.01 -11.35
C VAL D 168 -32.13 16.34 -11.44
N VAL D 169 -33.16 17.14 -11.19
CA VAL D 169 -34.53 16.65 -11.08
C VAL D 169 -34.95 15.73 -12.23
N LYS D 170 -34.80 16.21 -13.46
CA LYS D 170 -35.22 15.46 -14.66
C LYS D 170 -34.25 14.35 -15.04
N PRO D 171 -34.68 13.09 -14.90
CA PRO D 171 -33.79 11.99 -15.18
C PRO D 171 -33.56 11.88 -16.68
N ALA D 172 -32.53 11.12 -17.04
CA ALA D 172 -32.30 10.83 -18.42
C ALA D 172 -32.70 9.39 -18.57
N ASN D 173 -33.63 9.14 -19.50
CA ASN D 173 -34.10 7.79 -19.78
C ASN D 173 -33.52 7.22 -21.08
N PHE D 174 -32.74 6.16 -20.95
CA PHE D 174 -32.03 5.56 -22.07
C PHE D 174 -32.84 4.47 -22.68
N ALA D 175 -32.34 3.96 -23.77
CA ALA D 175 -32.73 2.65 -24.21
C ALA D 175 -31.42 1.89 -24.22
N LEU D 176 -31.28 1.01 -23.26
CA LEU D 176 -30.08 0.23 -23.20
C LEU D 176 -30.40 -1.26 -23.31
N GLU D 177 -30.09 -1.83 -24.47
CA GLU D 177 -30.39 -3.24 -24.75
C GLU D 177 -31.88 -3.59 -24.63
N ASP D 178 -32.68 -3.07 -25.55
CA ASP D 178 -34.10 -3.38 -25.62
C ASP D 178 -34.76 -3.30 -24.25
N ARG D 179 -34.36 -2.31 -23.45
CA ARG D 179 -35.00 -2.04 -22.15
C ARG D 179 -34.61 -0.67 -21.62
N LEU D 180 -35.55 0.27 -21.61
CA LEU D 180 -35.23 1.60 -21.14
C LEU D 180 -34.79 1.52 -19.69
N GLU D 181 -33.69 2.23 -19.40
CA GLU D 181 -33.29 2.45 -18.02
C GLU D 181 -33.53 3.90 -17.70
N SER D 182 -33.30 4.27 -16.45
CA SER D 182 -33.50 5.64 -16.02
C SER D 182 -32.44 6.01 -15.01
N LYS D 183 -31.71 7.08 -15.32
CA LYS D 183 -30.52 7.50 -14.58
C LYS D 183 -30.71 8.89 -13.99
N LEU D 184 -30.26 9.07 -12.74
CA LEU D 184 -30.37 10.35 -12.04
C LEU D 184 -28.98 10.90 -11.72
N ASP D 185 -28.89 12.21 -11.50
CA ASP D 185 -27.57 12.85 -11.31
C ASP D 185 -27.42 13.57 -9.98
N TYR D 186 -26.76 12.93 -9.01
CA TYR D 186 -26.50 13.58 -7.73
C TYR D 186 -25.15 14.31 -7.69
N GLN D 187 -25.20 15.63 -7.41
CA GLN D 187 -24.05 16.54 -7.60
C GLN D 187 -23.42 17.10 -6.32
N LEU D 188 -22.12 16.82 -6.12
CA LEU D 188 -21.36 17.32 -4.97
C LEU D 188 -20.33 18.32 -5.42
N ARG D 189 -20.59 19.60 -5.15
CA ARG D 189 -19.68 20.69 -5.51
C ARG D 189 -18.65 21.01 -4.42
N ILE D 190 -17.38 20.99 -4.79
CA ILE D 190 -16.30 21.20 -3.83
C ILE D 190 -15.23 22.11 -4.39
N SER D 191 -14.66 22.98 -3.55
CA SER D 191 -13.47 23.74 -3.93
C SER D 191 -12.28 23.24 -3.10
N ARG D 192 -11.10 23.18 -3.70
CA ARG D 192 -9.93 22.74 -2.94
C ARG D 192 -9.48 23.80 -1.97
N GLN D 193 -9.00 23.34 -0.82
CA GLN D 193 -8.30 24.21 0.12
C GLN D 193 -6.84 24.30 -0.32
N TYR D 194 -6.62 25.10 -1.38
CA TYR D 194 -5.29 25.56 -1.76
C TYR D 194 -4.83 26.34 -0.58
N PHE D 195 -3.56 26.31 -0.28
CA PHE D 195 -3.04 27.05 0.84
C PHE D 195 -1.81 26.32 1.26
N SER D 196 -2.04 25.12 1.82
CA SER D 196 -0.94 24.28 2.24
C SER D 196 0.00 24.15 1.05
N TYR D 197 -0.52 24.56 -0.11
CA TYR D 197 0.24 24.61 -1.36
C TYR D 197 1.25 25.79 -1.45
N ILE D 198 1.00 26.88 -0.76
CA ILE D 198 1.93 28.01 -0.78
C ILE D 198 3.15 27.80 0.13
N PRO D 199 2.95 27.69 1.45
CA PRO D 199 4.06 27.54 2.40
C PRO D 199 4.95 26.34 2.08
N ASN D 200 4.43 25.44 1.25
CA ASN D 200 5.07 24.15 1.03
C ASN D 200 5.50 23.90 -0.40
N ILE D 201 4.92 24.64 -1.34
CA ILE D 201 5.22 24.44 -2.77
C ILE D 201 5.43 25.74 -3.53
N ILE D 202 4.41 26.58 -3.56
CA ILE D 202 4.41 27.81 -4.34
C ILE D 202 5.55 28.69 -3.88
N LEU D 203 5.51 29.04 -2.60
CA LEU D 203 6.56 29.87 -2.06
C LEU D 203 7.91 29.20 -2.19
N PRO D 204 8.15 28.08 -1.47
CA PRO D 204 9.51 27.52 -1.49
C PRO D 204 10.04 27.37 -2.90
N MET D 205 9.14 27.06 -3.84
CA MET D 205 9.54 26.87 -5.24
C MET D 205 9.96 28.18 -5.90
N LEU D 206 9.35 29.30 -5.48
CA LEU D 206 9.75 30.66 -5.88
C LEU D 206 11.09 31.10 -5.30
N PHE D 207 11.25 30.96 -3.99
CA PHE D 207 12.46 31.35 -3.28
C PHE D 207 13.73 30.85 -3.95
N ILE D 208 13.79 29.55 -4.28
CA ILE D 208 14.97 28.98 -4.96
C ILE D 208 15.26 29.69 -6.29
N LEU D 209 14.20 29.99 -7.05
CA LEU D 209 14.28 30.67 -8.35
C LEU D 209 14.99 32.02 -8.26
N PHE D 210 14.79 32.69 -7.13
CA PHE D 210 15.39 33.98 -6.92
C PHE D 210 16.87 33.82 -6.61
N ILE D 211 17.18 33.08 -5.56
CA ILE D 211 18.54 32.71 -5.26
C ILE D 211 19.29 32.29 -6.53
N SER D 212 18.61 31.54 -7.39
CA SER D 212 19.18 31.11 -8.68
C SER D 212 19.84 32.29 -9.30
N TRP D 213 19.10 33.38 -9.38
CA TRP D 213 19.57 34.52 -10.14
C TRP D 213 20.11 35.68 -9.28
N THR D 214 20.47 35.33 -8.06
CA THR D 214 21.46 36.07 -7.31
C THR D 214 22.76 36.11 -8.13
N ALA D 215 23.02 35.06 -8.90
CA ALA D 215 24.26 34.95 -9.66
C ALA D 215 24.35 35.92 -10.85
N PHE D 216 23.52 36.95 -10.81
CA PHE D 216 23.70 38.09 -11.71
C PHE D 216 24.67 39.08 -11.08
N TRP D 217 24.51 39.34 -9.78
CA TRP D 217 25.43 40.19 -9.04
C TRP D 217 26.69 39.44 -8.66
N SER D 218 27.15 38.57 -9.55
CA SER D 218 28.34 37.78 -9.26
C SER D 218 29.15 37.65 -10.53
N THR D 219 30.46 37.48 -10.37
CA THR D 219 31.38 37.37 -11.48
C THR D 219 32.14 36.05 -11.44
N SER D 220 32.02 35.35 -10.31
CA SER D 220 32.62 34.04 -10.15
C SER D 220 31.80 33.04 -10.93
N TYR D 221 32.40 32.38 -11.91
CA TYR D 221 31.70 31.35 -12.64
C TYR D 221 31.56 30.16 -11.71
N GLU D 222 32.61 29.83 -10.97
CA GLU D 222 32.59 28.70 -10.06
C GLU D 222 31.35 28.76 -9.17
N ALA D 223 31.02 29.93 -8.62
CA ALA D 223 29.93 30.10 -7.67
C ALA D 223 28.65 30.59 -8.35
N ASN D 224 28.70 30.73 -9.67
CA ASN D 224 27.54 31.14 -10.43
C ASN D 224 26.91 29.91 -10.99
N VAL D 225 27.67 28.84 -11.10
CA VAL D 225 27.08 27.56 -11.49
C VAL D 225 26.70 26.83 -10.21
N THR D 226 27.63 26.78 -9.28
CA THR D 226 27.33 26.33 -7.93
C THR D 226 26.08 27.08 -7.46
N LEU D 227 25.65 28.06 -8.16
CA LEU D 227 24.45 28.83 -7.84
C LEU D 227 23.25 28.45 -8.71
N VAL D 228 23.18 28.96 -9.94
CA VAL D 228 22.05 28.71 -10.83
C VAL D 228 21.74 27.22 -10.91
N VAL D 229 22.77 26.38 -10.93
CA VAL D 229 22.60 24.93 -11.08
C VAL D 229 22.11 24.21 -9.82
N SER D 230 22.77 24.49 -8.69
CA SER D 230 22.32 23.95 -7.42
C SER D 230 20.81 24.18 -7.16
N THR D 231 20.27 25.29 -7.64
CA THR D 231 18.84 25.58 -7.49
C THR D 231 17.96 24.83 -8.50
N LEU D 232 18.44 24.72 -9.73
CA LEU D 232 17.68 24.02 -10.74
C LEU D 232 17.38 22.60 -10.28
N ILE D 233 18.40 21.95 -9.74
CA ILE D 233 18.22 20.64 -9.12
C ILE D 233 16.99 20.64 -8.23
N ALA D 234 17.00 21.54 -7.24
CA ALA D 234 15.95 21.64 -6.22
C ALA D 234 14.59 21.95 -6.80
N HIS D 235 14.55 22.53 -8.00
CA HIS D 235 13.28 22.78 -8.68
C HIS D 235 12.69 21.47 -9.12
N ILE D 236 13.53 20.61 -9.68
CA ILE D 236 13.12 19.28 -10.09
C ILE D 236 12.51 18.54 -8.92
N ALA D 237 13.15 18.67 -7.77
CA ALA D 237 12.64 18.10 -6.52
C ALA D 237 11.26 18.66 -6.14
N PHE D 238 10.85 19.74 -6.77
CA PHE D 238 9.47 20.19 -6.59
C PHE D 238 8.64 19.68 -7.76
N ASN D 239 9.10 19.87 -8.99
CA ASN D 239 8.44 19.29 -10.14
C ASN D 239 8.10 17.82 -9.87
N ILE D 240 8.98 17.12 -9.15
CA ILE D 240 8.78 15.70 -8.85
C ILE D 240 7.78 15.55 -7.73
N LEU D 241 7.90 16.37 -6.70
CA LEU D 241 6.97 16.33 -5.57
C LEU D 241 5.52 16.50 -6.03
N VAL D 242 5.33 17.38 -7.00
CA VAL D 242 4.00 17.78 -7.46
C VAL D 242 3.47 16.80 -8.49
N GLU D 243 4.31 16.49 -9.47
CA GLU D 243 3.96 15.57 -10.53
C GLU D 243 3.54 14.21 -9.95
N THR D 244 3.86 13.99 -8.67
CA THR D 244 3.56 12.70 -8.04
C THR D 244 2.14 12.63 -7.48
N ASN D 245 1.76 13.60 -6.64
CA ASN D 245 0.38 13.61 -6.10
C ASN D 245 -0.63 14.17 -7.12
N LEU D 246 -0.47 13.78 -8.39
CA LEU D 246 -1.31 14.25 -9.47
C LEU D 246 -1.24 13.28 -10.67
N PRO D 247 -2.35 13.16 -11.44
CA PRO D 247 -2.47 12.22 -12.56
C PRO D 247 -1.96 12.67 -13.95
N LYS D 248 -1.95 11.72 -14.87
CA LYS D 248 -1.39 12.00 -16.19
C LYS D 248 -2.44 12.69 -17.06
N THR D 249 -2.59 13.99 -16.82
CA THR D 249 -3.46 14.84 -17.62
C THR D 249 -3.02 14.93 -19.08
N PRO D 250 -3.99 14.96 -20.01
CA PRO D 250 -3.74 15.08 -21.44
C PRO D 250 -3.74 16.54 -21.84
N TYR D 251 -3.91 17.39 -20.84
CA TYR D 251 -3.94 18.83 -21.04
C TYR D 251 -2.95 19.47 -20.09
N MET D 252 -2.93 20.80 -20.06
CA MET D 252 -1.98 21.46 -19.16
C MET D 252 -2.58 22.04 -17.86
N THR D 253 -1.93 21.67 -16.76
CA THR D 253 -2.23 22.17 -15.44
C THR D 253 -1.83 23.64 -15.36
N TYR D 254 -2.31 24.33 -14.33
CA TYR D 254 -1.82 25.68 -14.05
C TYR D 254 -0.42 25.62 -13.49
N THR D 255 -0.29 24.92 -12.37
CA THR D 255 1.00 24.81 -11.71
C THR D 255 1.98 23.99 -12.56
N GLY D 256 1.46 23.18 -13.47
CA GLY D 256 2.29 22.43 -14.39
C GLY D 256 2.90 23.40 -15.39
N ALA D 257 2.19 24.51 -15.57
CA ALA D 257 2.62 25.61 -16.44
C ALA D 257 3.72 26.39 -15.77
N ILE D 258 3.36 27.11 -14.71
CA ILE D 258 4.33 27.93 -13.98
C ILE D 258 5.50 27.10 -13.47
N ILE D 259 5.29 25.82 -13.18
CA ILE D 259 6.39 24.92 -12.83
C ILE D 259 7.26 24.59 -14.04
N PHE D 260 6.67 24.62 -15.23
CA PHE D 260 7.43 24.44 -16.44
C PHE D 260 8.03 25.78 -16.92
N MET D 261 7.21 26.84 -16.94
CA MET D 261 7.70 28.18 -17.29
C MET D 261 8.94 28.50 -16.47
N ILE D 262 8.98 27.97 -15.25
CA ILE D 262 10.15 28.16 -14.39
C ILE D 262 11.38 27.55 -15.04
N TYR D 263 11.29 26.30 -15.44
CA TYR D 263 12.43 25.62 -16.00
C TYR D 263 13.22 26.58 -16.91
N LEU D 264 12.52 27.45 -17.66
CA LEU D 264 13.16 28.31 -18.68
C LEU D 264 14.06 29.39 -18.10
N PHE D 265 13.58 30.06 -17.05
CA PHE D 265 14.31 31.17 -16.45
C PHE D 265 15.58 30.71 -15.72
N TYR D 266 15.77 29.39 -15.69
CA TYR D 266 16.97 28.74 -15.17
C TYR D 266 17.89 28.46 -16.34
N PHE D 267 17.33 28.12 -17.47
CA PHE D 267 18.12 27.81 -18.64
C PHE D 267 18.81 29.06 -19.14
N VAL D 268 18.02 30.12 -19.30
CA VAL D 268 18.56 31.39 -19.77
C VAL D 268 19.40 32.09 -18.69
N ALA D 269 19.08 31.80 -17.44
CA ALA D 269 19.97 32.20 -16.35
C ALA D 269 21.33 31.57 -16.60
N VAL D 270 21.34 30.25 -16.70
CA VAL D 270 22.54 29.49 -17.03
C VAL D 270 23.18 29.95 -18.34
N ILE D 271 22.36 30.14 -19.37
CA ILE D 271 22.85 30.76 -20.60
C ILE D 271 23.68 32.01 -20.30
N GLU D 272 23.11 32.91 -19.50
CA GLU D 272 23.77 34.17 -19.24
C GLU D 272 25.08 33.97 -18.48
N VAL D 273 25.04 33.38 -17.28
CA VAL D 273 26.28 33.23 -16.51
C VAL D 273 27.32 32.58 -17.39
N THR D 274 26.84 31.64 -18.21
CA THR D 274 27.70 30.92 -19.11
C THR D 274 28.40 31.87 -20.07
N VAL D 275 27.69 32.85 -20.54
CA VAL D 275 28.22 33.77 -21.55
C VAL D 275 28.81 35.06 -20.97
N GLN D 276 28.43 35.40 -19.74
CA GLN D 276 29.16 36.41 -18.97
C GLN D 276 30.62 35.97 -18.76
N HIS D 277 30.99 34.89 -19.43
CA HIS D 277 32.30 34.31 -19.26
C HIS D 277 33.11 34.08 -20.52
N TYR D 278 32.61 33.32 -21.50
CA TYR D 278 33.22 33.36 -22.84
C TYR D 278 33.17 34.75 -23.46
N LEU D 279 32.76 35.73 -22.64
CA LEU D 279 32.69 37.14 -23.03
C LEU D 279 33.41 38.01 -22.02
N LYS D 280 33.83 37.42 -20.92
CA LYS D 280 34.64 38.13 -19.94
C LYS D 280 36.08 37.61 -20.00
N VAL D 281 36.26 36.38 -20.51
CA VAL D 281 37.61 35.87 -20.74
C VAL D 281 38.09 36.36 -22.10
N GLU D 282 37.15 36.45 -23.06
CA GLU D 282 37.39 37.23 -24.28
C GLU D 282 37.43 38.63 -23.68
N SER D 283 38.57 39.31 -23.80
CA SER D 283 38.78 40.54 -23.04
C SER D 283 37.80 41.59 -23.54
N GLN D 284 36.51 41.41 -23.12
CA GLN D 284 35.43 42.28 -23.52
C GLN D 284 34.46 42.44 -22.34
N PRO D 285 35.00 42.56 -21.11
CA PRO D 285 34.15 42.78 -19.93
C PRO D 285 33.33 44.04 -20.09
N ALA D 286 33.67 44.81 -21.11
CA ALA D 286 32.80 45.87 -21.57
C ALA D 286 31.38 45.30 -21.60
N ARG D 287 31.17 44.30 -22.45
CA ARG D 287 29.87 43.68 -22.66
C ARG D 287 29.36 42.88 -21.46
N ALA D 288 30.17 41.93 -21.00
CA ALA D 288 29.74 40.99 -19.96
C ALA D 288 29.04 41.73 -18.87
N ALA D 289 29.73 42.68 -18.25
CA ALA D 289 29.17 43.42 -17.14
C ALA D 289 28.06 44.38 -17.62
N SER D 290 27.77 44.33 -18.92
CA SER D 290 26.62 45.04 -19.45
C SER D 290 25.41 44.09 -19.45
N ILE D 291 25.61 42.89 -20.00
CA ILE D 291 24.59 41.84 -19.96
C ILE D 291 24.17 41.48 -18.53
N THR D 292 25.15 41.10 -17.70
CA THR D 292 24.87 40.67 -16.34
C THR D 292 24.07 41.75 -15.63
N ARG D 293 24.45 43.01 -15.89
CA ARG D 293 23.77 44.17 -15.32
C ARG D 293 22.31 44.18 -15.76
N ALA D 294 22.09 43.81 -17.01
CA ALA D 294 20.75 43.78 -17.60
C ALA D 294 19.85 42.70 -16.99
N SER D 295 20.35 41.47 -16.93
CA SER D 295 19.56 40.31 -16.51
C SER D 295 18.92 40.55 -15.13
N ARG D 296 19.55 41.43 -14.35
CA ARG D 296 19.06 41.80 -13.02
C ARG D 296 17.70 42.49 -13.09
N ILE D 297 17.26 42.81 -14.31
CA ILE D 297 15.94 43.40 -14.56
C ILE D 297 15.12 42.54 -15.52
N ALA D 298 15.73 42.22 -16.66
CA ALA D 298 15.12 41.38 -17.70
C ALA D 298 14.39 40.20 -17.09
N PHE D 299 15.12 39.44 -16.30
CA PHE D 299 14.56 38.20 -15.77
C PHE D 299 13.31 38.38 -14.91
N PRO D 300 13.45 39.01 -13.74
CA PRO D 300 12.33 39.16 -12.81
C PRO D 300 11.12 39.79 -13.50
N VAL D 301 11.37 40.75 -14.38
CA VAL D 301 10.27 41.40 -15.08
C VAL D 301 9.52 40.44 -16.02
N VAL D 302 10.26 39.83 -16.94
CA VAL D 302 9.65 38.92 -17.89
C VAL D 302 8.96 37.76 -17.16
N PHE D 303 9.38 37.51 -15.93
CA PHE D 303 8.75 36.48 -15.13
C PHE D 303 7.42 37.02 -14.63
N LEU D 304 7.49 38.14 -13.94
CA LEU D 304 6.28 38.79 -13.42
C LEU D 304 5.32 39.11 -14.58
N LEU D 305 5.91 39.31 -15.74
CA LEU D 305 5.13 39.54 -16.94
C LEU D 305 4.51 38.26 -17.47
N ALA D 306 5.32 37.22 -17.58
CA ALA D 306 4.88 35.91 -18.04
C ALA D 306 3.98 35.18 -17.04
N ASN D 307 3.94 35.66 -15.81
CA ASN D 307 3.05 35.09 -14.82
C ASN D 307 1.70 35.78 -14.90
N ILE D 308 1.75 37.08 -15.13
CA ILE D 308 0.55 37.87 -15.39
C ILE D 308 -0.02 37.46 -16.73
N ILE D 309 0.84 37.04 -17.62
CA ILE D 309 0.39 36.50 -18.90
C ILE D 309 -0.22 35.10 -18.71
N LEU D 310 0.54 34.21 -18.08
CA LEU D 310 0.10 32.86 -17.80
C LEU D 310 -1.10 32.87 -16.88
N ALA D 311 -0.92 33.40 -15.66
CA ALA D 311 -2.00 33.44 -14.68
C ALA D 311 -3.30 33.85 -15.36
N PHE D 312 -3.26 34.95 -16.09
CA PHE D 312 -4.45 35.45 -16.75
C PHE D 312 -4.95 34.50 -17.82
N LEU D 313 -4.01 33.81 -18.46
CA LEU D 313 -4.38 32.89 -19.53
C LEU D 313 -5.22 31.70 -19.04
N PHE D 314 -5.23 31.48 -17.72
CA PHE D 314 -5.90 30.34 -17.10
C PHE D 314 -7.16 30.73 -16.32
N PHE D 315 -7.05 31.76 -15.48
CA PHE D 315 -8.17 32.18 -14.64
C PHE D 315 -8.98 33.27 -15.34
N GLY D 316 -8.29 34.27 -15.88
CA GLY D 316 -8.96 35.42 -16.48
C GLY D 316 -9.77 35.10 -17.73
N PHE D 317 -9.53 33.94 -18.33
CA PHE D 317 -10.25 33.51 -19.54
C PHE D 317 -11.05 32.23 -19.32
N PRO E 8 -40.07 -7.58 14.33
CA PRO E 8 -41.07 -7.70 15.41
C PRO E 8 -40.68 -6.97 16.73
N PRO E 9 -40.74 -5.61 16.77
CA PRO E 9 -40.23 -4.77 17.87
C PRO E 9 -41.12 -4.76 19.14
N PRO E 10 -40.53 -4.48 20.31
CA PRO E 10 -41.19 -4.68 21.61
C PRO E 10 -42.26 -3.64 21.88
N ILE E 11 -43.46 -4.13 22.14
CA ILE E 11 -44.63 -3.30 22.31
C ILE E 11 -44.50 -2.50 23.61
N ALA E 12 -43.98 -1.29 23.49
CA ALA E 12 -43.71 -0.47 24.65
C ALA E 12 -44.95 0.35 25.00
N ASP E 13 -44.81 1.28 25.94
CA ASP E 13 -45.83 2.27 26.22
C ASP E 13 -45.21 3.66 26.05
N GLU E 14 -43.87 3.69 25.93
CA GLU E 14 -43.11 4.88 25.54
C GLU E 14 -41.78 4.57 24.82
N PRO E 15 -41.04 5.60 24.39
CA PRO E 15 -39.72 5.40 23.77
C PRO E 15 -38.86 4.41 24.51
N LEU E 16 -38.67 3.23 23.90
CA LEU E 16 -37.80 2.18 24.43
C LEU E 16 -36.33 2.60 24.44
N THR E 17 -35.76 2.66 25.63
CA THR E 17 -34.35 2.96 25.83
C THR E 17 -33.54 1.72 25.50
N VAL E 18 -32.44 1.93 24.79
CA VAL E 18 -31.44 0.88 24.54
C VAL E 18 -30.12 1.23 25.22
N ASN E 19 -29.63 0.36 26.10
CA ASN E 19 -28.42 0.68 26.87
C ASN E 19 -27.14 0.17 26.20
N THR E 20 -26.27 1.11 25.83
CA THR E 20 -25.05 0.82 25.06
C THR E 20 -23.79 0.74 25.93
N GLY E 21 -22.67 0.35 25.32
CA GLY E 21 -21.40 0.22 26.02
C GLY E 21 -20.27 -0.43 25.22
N ILE E 22 -19.17 0.29 25.03
CA ILE E 22 -18.06 -0.25 24.27
C ILE E 22 -16.79 -0.59 25.08
N TYR E 23 -16.31 -1.82 24.92
CA TYR E 23 -15.07 -2.22 25.58
C TYR E 23 -13.92 -2.40 24.61
N LEU E 24 -13.19 -1.31 24.33
CA LEU E 24 -11.94 -1.38 23.55
C LEU E 24 -11.08 -2.56 23.98
N ILE E 25 -10.84 -3.47 23.06
CA ILE E 25 -9.98 -4.60 23.31
C ILE E 25 -8.66 -4.35 22.59
N GLU E 26 -8.76 -3.82 21.36
CA GLU E 26 -7.58 -3.39 20.63
C GLU E 26 -7.70 -2.01 20.00
N CYS E 27 -6.58 -1.30 19.93
CA CYS E 27 -6.49 -0.07 19.17
C CYS E 27 -5.21 -0.13 18.33
N TYR E 28 -5.29 0.51 17.10
CA TYR E 28 -4.15 0.43 16.21
C TYR E 28 -4.30 1.18 14.90
N SER E 29 -3.27 1.09 14.05
CA SER E 29 -3.19 1.72 12.73
C SER E 29 -3.92 3.08 12.61
N LEU E 30 -3.55 3.97 13.55
CA LEU E 30 -3.96 5.37 13.42
C LEU E 30 -3.26 6.03 12.22
N ASP E 31 -4.04 6.30 11.19
CA ASP E 31 -3.49 6.81 9.93
C ASP E 31 -3.69 8.33 9.86
N ASP E 32 -2.64 9.07 10.19
CA ASP E 32 -2.67 10.53 10.11
C ASP E 32 -3.08 11.09 8.73
N LYS E 33 -2.45 10.61 7.65
CA LYS E 33 -2.79 11.03 6.29
C LYS E 33 -4.30 10.83 6.06
N ALA E 34 -4.79 9.65 6.42
CA ALA E 34 -6.17 9.21 6.15
C ALA E 34 -7.22 9.78 7.10
N GLU E 35 -6.76 10.14 8.30
CA GLU E 35 -7.61 10.63 9.38
C GLU E 35 -8.59 9.54 9.84
N THR E 36 -8.06 8.34 10.05
CA THR E 36 -8.84 7.20 10.50
C THR E 36 -8.01 6.41 11.49
N PHE E 37 -8.66 5.47 12.16
CA PHE E 37 -7.95 4.51 12.97
C PHE E 37 -8.79 3.24 13.11
N LYS E 38 -8.15 2.12 13.42
CA LYS E 38 -8.88 0.88 13.51
C LYS E 38 -9.04 0.51 14.99
N VAL E 39 -10.25 0.10 15.36
CA VAL E 39 -10.54 -0.41 16.71
C VAL E 39 -11.31 -1.73 16.71
N ASN E 40 -10.88 -2.62 17.61
CA ASN E 40 -11.56 -3.86 17.88
C ASN E 40 -11.99 -3.76 19.33
N ALA E 41 -13.26 -4.05 19.62
CA ALA E 41 -13.89 -3.76 20.90
C ALA E 41 -15.23 -4.45 21.06
N PHE E 42 -15.69 -4.53 22.32
CA PHE E 42 -17.01 -5.08 22.67
C PHE E 42 -18.11 -4.05 22.50
N LEU E 43 -19.29 -4.50 22.07
CA LEU E 43 -20.46 -3.63 22.07
C LEU E 43 -21.59 -4.26 22.86
N SER E 44 -21.95 -3.62 23.98
CA SER E 44 -22.94 -4.15 24.90
C SER E 44 -24.22 -3.38 24.78
N LEU E 45 -25.31 -4.10 24.51
CA LEU E 45 -26.65 -3.54 24.38
C LEU E 45 -27.66 -4.18 25.37
N SER E 46 -28.76 -3.49 25.67
CA SER E 46 -29.82 -4.07 26.51
C SER E 46 -31.16 -3.30 26.42
N TRP E 47 -32.27 -3.97 26.74
CA TRP E 47 -33.61 -3.37 26.64
C TRP E 47 -34.73 -4.25 27.20
N LYS E 48 -35.80 -3.63 27.72
CA LYS E 48 -36.97 -4.38 28.18
C LYS E 48 -37.88 -4.74 27.00
N ASP E 49 -37.82 -6.01 26.65
CA ASP E 49 -38.72 -6.58 25.70
C ASP E 49 -39.68 -7.44 26.52
N ARG E 50 -40.50 -6.80 27.33
CA ARG E 50 -41.40 -7.46 28.30
C ARG E 50 -42.09 -8.65 27.67
N ARG E 51 -42.11 -8.62 26.34
CA ARG E 51 -42.72 -9.60 25.47
C ARG E 51 -42.17 -11.02 25.63
N LEU E 52 -40.98 -11.14 26.19
CA LEU E 52 -40.46 -12.48 26.40
C LEU E 52 -39.97 -12.65 27.81
N ALA E 53 -40.79 -12.11 28.74
CA ALA E 53 -40.61 -12.43 30.16
C ALA E 53 -40.94 -13.91 30.38
N PHE E 54 -40.46 -14.50 31.47
CA PHE E 54 -40.57 -15.95 31.52
C PHE E 54 -40.50 -16.74 32.84
N ASP E 55 -41.44 -16.47 33.73
CA ASP E 55 -41.81 -17.42 34.77
C ASP E 55 -40.63 -18.26 35.29
N PRO E 56 -39.68 -17.61 36.00
CA PRO E 56 -38.48 -18.30 36.49
C PRO E 56 -38.69 -19.74 36.93
N VAL E 57 -39.46 -19.90 37.97
CA VAL E 57 -39.73 -21.21 38.56
C VAL E 57 -40.43 -22.12 37.54
N ARG E 58 -41.49 -21.59 36.94
CA ARG E 58 -42.37 -22.35 36.05
C ARG E 58 -41.67 -23.19 34.96
N SER E 59 -40.53 -22.71 34.44
CA SER E 59 -39.79 -23.46 33.44
C SER E 59 -38.30 -23.13 33.50
N GLY E 60 -37.50 -23.94 32.80
CA GLY E 60 -36.07 -23.70 32.69
C GLY E 60 -35.33 -23.11 33.89
N VAL E 61 -34.55 -22.05 33.64
CA VAL E 61 -33.62 -21.52 34.64
C VAL E 61 -33.54 -19.98 34.73
N ARG E 62 -32.54 -19.51 35.49
CA ARG E 62 -32.35 -18.10 35.78
C ARG E 62 -32.53 -17.20 34.55
N VAL E 63 -31.81 -17.53 33.47
CA VAL E 63 -31.82 -16.74 32.25
C VAL E 63 -31.74 -17.63 31.01
N LYS E 64 -32.48 -17.24 29.97
CA LYS E 64 -32.60 -18.05 28.76
C LYS E 64 -31.78 -17.46 27.60
N THR E 65 -30.94 -18.30 27.01
CA THR E 65 -30.07 -17.92 25.90
C THR E 65 -30.73 -18.07 24.53
N TYR E 66 -30.76 -16.98 23.76
CA TYR E 66 -31.32 -16.97 22.41
C TYR E 66 -30.25 -16.78 21.32
N GLU E 67 -30.61 -17.13 20.10
CA GLU E 67 -29.84 -16.76 18.94
C GLU E 67 -30.52 -15.52 18.37
N PRO E 68 -29.76 -14.63 17.72
CA PRO E 68 -30.24 -13.38 17.13
C PRO E 68 -31.50 -13.48 16.25
N GLU E 69 -31.69 -14.62 15.57
CA GLU E 69 -32.86 -14.82 14.72
C GLU E 69 -34.14 -14.80 15.54
N ALA E 70 -34.08 -15.36 16.75
CA ALA E 70 -35.23 -15.43 17.64
C ALA E 70 -35.74 -14.06 18.09
N ILE E 71 -34.96 -13.40 18.94
CA ILE E 71 -35.34 -12.10 19.50
C ILE E 71 -35.43 -10.97 18.47
N TRP E 72 -36.17 -9.93 18.83
CA TRP E 72 -36.06 -8.68 18.10
C TRP E 72 -34.86 -7.92 18.65
N ILE E 73 -33.94 -7.53 17.76
CA ILE E 73 -32.73 -6.80 18.14
C ILE E 73 -32.60 -5.45 17.44
N PRO E 74 -32.18 -4.42 18.19
CA PRO E 74 -32.13 -3.05 17.67
C PRO E 74 -30.95 -2.88 16.72
N GLU E 75 -31.20 -2.24 15.59
CA GLU E 75 -30.15 -2.02 14.62
C GLU E 75 -29.30 -0.85 15.07
N ILE E 76 -28.10 -1.16 15.56
CA ILE E 76 -27.14 -0.12 16.00
C ILE E 76 -25.98 0.08 15.04
N ARG E 77 -26.14 1.03 14.13
CA ARG E 77 -25.17 1.29 13.09
C ARG E 77 -24.21 2.33 13.62
N PHE E 78 -22.91 2.13 13.37
CA PHE E 78 -21.88 3.11 13.71
C PHE E 78 -21.93 4.17 12.63
N VAL E 79 -21.84 5.42 13.05
CA VAL E 79 -22.02 6.55 12.13
C VAL E 79 -20.84 6.81 11.17
N ASN E 80 -19.70 7.17 11.76
CA ASN E 80 -18.50 7.49 11.01
C ASN E 80 -17.62 6.26 10.74
N VAL E 81 -18.07 5.37 9.88
CA VAL E 81 -17.24 4.23 9.55
C VAL E 81 -17.11 4.04 8.06
N GLU E 82 -15.93 3.62 7.61
CA GLU E 82 -15.71 3.40 6.20
C GLU E 82 -16.70 2.36 5.71
N ASN E 83 -16.64 1.15 6.27
CA ASN E 83 -17.51 0.06 5.82
C ASN E 83 -18.41 -0.51 6.90
N ALA E 84 -19.27 -1.43 6.44
CA ALA E 84 -20.08 -2.18 7.39
C ALA E 84 -19.19 -2.70 8.51
N ARG E 85 -19.37 -2.11 9.73
CA ARG E 85 -18.73 -2.61 10.94
C ARG E 85 -18.67 -4.13 11.01
N ASP E 86 -17.51 -4.71 11.30
CA ASP E 86 -17.33 -6.16 11.13
C ASP E 86 -17.35 -6.95 12.44
N ALA E 87 -18.55 -7.30 12.87
CA ALA E 87 -18.75 -7.87 14.21
C ALA E 87 -19.35 -9.28 14.27
N ASP E 88 -18.86 -10.10 15.20
CA ASP E 88 -19.41 -11.42 15.49
C ASP E 88 -20.12 -11.31 16.82
N VAL E 89 -21.19 -12.09 17.03
CA VAL E 89 -21.99 -12.05 18.28
C VAL E 89 -21.46 -12.97 19.37
N VAL E 90 -21.56 -12.56 20.62
CA VAL E 90 -20.94 -13.33 21.70
C VAL E 90 -21.92 -14.02 22.63
N ASP E 91 -22.97 -13.30 23.03
CA ASP E 91 -23.94 -13.84 23.97
C ASP E 91 -25.23 -13.00 23.92
N ILE E 92 -26.37 -13.67 23.95
CA ILE E 92 -27.67 -13.01 24.13
C ILE E 92 -28.36 -13.68 25.28
N SER E 93 -28.67 -12.94 26.34
CA SER E 93 -29.22 -13.52 27.58
C SER E 93 -30.42 -12.74 28.15
N VAL E 94 -31.64 -13.21 27.86
CA VAL E 94 -32.86 -12.54 28.31
C VAL E 94 -33.17 -12.79 29.78
N SER E 95 -33.28 -11.72 30.56
CA SER E 95 -33.68 -11.82 31.95
C SER E 95 -35.19 -12.10 32.11
N PRO E 96 -35.60 -12.56 33.30
CA PRO E 96 -37.02 -12.78 33.55
C PRO E 96 -37.91 -11.61 33.14
N ASP E 97 -37.69 -10.42 33.67
CA ASP E 97 -38.64 -9.32 33.46
C ASP E 97 -38.78 -8.92 32.00
N GLY E 98 -38.09 -9.65 31.13
CA GLY E 98 -38.11 -9.38 29.70
C GLY E 98 -36.93 -8.56 29.26
N THR E 99 -35.95 -8.44 30.15
CA THR E 99 -34.75 -7.65 29.93
C THR E 99 -33.68 -8.41 29.14
N VAL E 100 -33.34 -7.93 27.94
CA VAL E 100 -32.40 -8.64 27.08
C VAL E 100 -30.95 -8.18 27.28
N GLN E 101 -30.01 -9.11 27.24
CA GLN E 101 -28.58 -8.81 27.44
C GLN E 101 -27.70 -9.21 26.23
N TYR E 102 -27.33 -8.23 25.41
CA TYR E 102 -26.64 -8.46 24.15
C TYR E 102 -25.18 -8.05 24.20
N LEU E 103 -24.31 -8.87 23.61
CA LEU E 103 -22.87 -8.56 23.53
C LEU E 103 -22.23 -9.01 22.23
N GLU E 104 -21.56 -8.11 21.54
CA GLU E 104 -20.86 -8.45 20.30
C GLU E 104 -19.42 -7.96 20.38
N ARG E 105 -18.59 -8.32 19.39
CA ARG E 105 -17.18 -7.93 19.40
C ARG E 105 -16.66 -7.42 18.05
N PHE E 106 -16.98 -6.17 17.74
CA PHE E 106 -16.75 -5.65 16.40
C PHE E 106 -15.33 -5.19 16.18
N SER E 107 -14.98 -5.03 14.92
CA SER E 107 -13.69 -4.54 14.53
C SER E 107 -13.97 -3.70 13.30
N ALA E 108 -13.93 -2.38 13.46
CA ALA E 108 -14.23 -1.50 12.33
C ALA E 108 -13.30 -0.29 12.31
N ARG E 109 -12.93 0.19 11.13
CA ARG E 109 -12.05 1.36 11.08
C ARG E 109 -12.88 2.63 11.05
N VAL E 110 -12.66 3.46 12.06
CA VAL E 110 -13.43 4.68 12.30
C VAL E 110 -12.87 5.88 11.56
N LEU E 111 -13.72 6.83 11.18
CA LEU E 111 -13.23 7.99 10.47
C LEU E 111 -13.30 9.24 11.32
N SER E 112 -12.49 9.30 12.36
CA SER E 112 -12.40 10.51 13.17
C SER E 112 -11.37 11.49 12.57
N PRO E 113 -11.70 12.79 12.57
CA PRO E 113 -10.80 13.85 12.12
C PRO E 113 -9.74 14.19 13.17
N LEU E 114 -8.66 14.84 12.75
CA LEU E 114 -7.63 15.22 13.69
C LEU E 114 -7.16 16.66 13.41
N ASP E 115 -6.65 17.32 14.45
CA ASP E 115 -6.23 18.71 14.35
C ASP E 115 -4.72 18.81 14.44
N PHE E 116 -4.08 18.94 13.30
CA PHE E 116 -2.61 18.99 13.20
C PHE E 116 -2.02 20.39 13.44
N ARG E 117 -2.76 21.24 14.15
CA ARG E 117 -2.36 22.62 14.33
C ARG E 117 -1.13 22.74 15.22
N ARG E 118 -0.86 21.65 16.01
CA ARG E 118 0.37 21.61 16.79
C ARG E 118 1.29 20.46 16.37
N TYR E 119 1.17 20.03 15.11
CA TYR E 119 1.59 18.69 14.67
C TYR E 119 2.39 17.81 15.64
N PRO E 120 3.71 17.98 15.71
CA PRO E 120 4.40 16.87 16.38
C PRO E 120 4.04 16.80 17.87
N PHE E 121 3.52 17.91 18.39
CA PHE E 121 3.14 18.03 19.79
C PHE E 121 1.65 18.30 19.89
N ASP E 122 0.84 17.31 19.53
CA ASP E 122 -0.60 17.51 19.42
C ASP E 122 -1.34 16.46 20.22
N SER E 123 -2.47 16.84 20.82
CA SER E 123 -3.30 15.89 21.50
C SER E 123 -4.61 15.76 20.72
N GLN E 124 -5.11 14.53 20.61
CA GLN E 124 -6.29 14.26 19.81
C GLN E 124 -7.47 13.71 20.61
N THR E 125 -8.67 13.85 20.05
CA THR E 125 -9.88 13.32 20.64
C THR E 125 -10.65 12.57 19.55
N LEU E 126 -10.56 11.24 19.57
CA LEU E 126 -11.17 10.42 18.54
C LEU E 126 -12.63 10.12 18.87
N HIS E 127 -13.44 9.78 17.86
CA HIS E 127 -14.89 9.51 18.07
C HIS E 127 -15.43 8.19 17.47
N ILE E 128 -16.30 7.54 18.23
CA ILE E 128 -17.09 6.40 17.78
C ILE E 128 -18.56 6.80 17.98
N TYR E 129 -19.48 6.31 17.17
CA TYR E 129 -20.80 6.94 17.19
C TYR E 129 -22.11 6.20 17.56
N LEU E 130 -22.57 5.24 16.76
CA LEU E 130 -23.82 4.56 17.11
C LEU E 130 -25.20 5.25 17.10
N ILE E 131 -25.69 5.57 15.90
CA ILE E 131 -27.09 5.95 15.74
C ILE E 131 -28.03 4.78 15.84
N VAL E 132 -29.33 5.09 15.76
CA VAL E 132 -30.37 4.07 15.79
C VAL E 132 -31.71 4.67 15.40
N ARG E 133 -32.28 4.16 14.31
CA ARG E 133 -33.48 4.74 13.73
C ARG E 133 -34.75 4.16 14.38
N SER E 134 -35.79 4.97 14.51
CA SER E 134 -37.03 4.51 15.16
C SER E 134 -38.02 3.95 14.12
N VAL E 135 -39.05 3.22 14.56
CA VAL E 135 -39.93 2.50 13.61
C VAL E 135 -41.37 3.02 13.86
N ASP E 136 -41.95 2.55 14.96
CA ASP E 136 -43.29 2.93 15.40
C ASP E 136 -43.33 3.01 16.93
N THR E 137 -42.22 2.63 17.54
CA THR E 137 -41.83 3.12 18.87
C THR E 137 -40.61 3.97 18.60
N ARG E 138 -40.37 4.95 19.44
CA ARG E 138 -39.18 5.75 19.32
C ARG E 138 -38.04 5.04 20.03
N ASN E 139 -36.82 5.26 19.53
CA ASN E 139 -35.63 4.71 20.16
C ASN E 139 -34.68 5.78 20.63
N ILE E 140 -34.45 5.77 21.93
CA ILE E 140 -33.40 6.55 22.52
C ILE E 140 -32.38 5.48 22.87
N VAL E 141 -31.11 5.81 22.64
CA VAL E 141 -29.94 5.03 23.09
C VAL E 141 -29.39 5.74 24.33
N LEU E 142 -28.55 5.06 25.11
CA LEU E 142 -27.91 5.68 26.29
C LEU E 142 -26.84 4.74 26.87
N ALA E 143 -25.84 5.27 27.58
CA ALA E 143 -24.69 4.44 28.02
C ALA E 143 -24.84 3.76 29.39
N VAL E 144 -24.44 2.49 29.49
CA VAL E 144 -24.35 1.79 30.79
C VAL E 144 -22.88 1.60 31.16
N ASP E 145 -22.45 2.39 32.13
CA ASP E 145 -21.04 2.68 32.35
C ASP E 145 -20.21 1.54 32.93
N LEU E 146 -20.76 0.33 32.99
CA LEU E 146 -20.02 -0.80 33.54
C LEU E 146 -19.56 -1.70 32.41
N GLU E 147 -20.20 -1.52 31.25
CA GLU E 147 -19.74 -2.12 30.01
C GLU E 147 -19.09 -1.03 29.13
N LYS E 148 -18.99 0.19 29.69
CA LYS E 148 -18.35 1.33 29.00
C LYS E 148 -16.99 1.69 29.54
N VAL E 149 -16.53 0.98 30.56
CA VAL E 149 -15.18 1.13 31.08
C VAL E 149 -14.26 0.45 30.05
N GLY E 150 -14.74 0.43 28.81
CA GLY E 150 -14.13 -0.26 27.70
C GLY E 150 -12.79 0.34 27.36
N LYS E 151 -11.75 -0.39 27.73
CA LYS E 151 -10.37 -0.03 27.45
C LYS E 151 -9.66 -1.04 28.33
N ASN E 152 -8.88 -1.93 27.71
CA ASN E 152 -8.09 -2.82 28.49
C ASN E 152 -6.89 -2.05 29.06
N ASP E 153 -6.02 -2.77 29.76
CA ASP E 153 -4.79 -2.16 30.21
C ASP E 153 -3.75 -2.55 29.18
N ASP E 154 -4.23 -2.74 27.97
CA ASP E 154 -3.42 -3.18 26.85
C ASP E 154 -3.66 -2.34 25.60
N VAL E 155 -4.66 -1.43 25.66
CA VAL E 155 -4.97 -0.60 24.51
C VAL E 155 -3.62 -0.14 23.98
N PHE E 156 -3.42 -0.32 22.69
CA PHE E 156 -2.11 -0.09 22.09
C PHE E 156 -1.97 1.30 21.47
N LEU E 157 -2.46 1.43 20.24
CA LEU E 157 -2.31 2.67 19.46
C LEU E 157 -0.88 3.20 19.38
N THR E 158 -0.10 2.59 18.50
CA THR E 158 1.32 2.83 18.39
C THR E 158 1.68 4.30 18.24
N GLY E 159 2.63 4.74 19.14
CA GLY E 159 3.16 6.08 18.98
C GLY E 159 2.25 7.15 19.53
N TRP E 160 1.18 6.71 20.20
CA TRP E 160 0.31 7.61 20.94
C TRP E 160 0.14 7.14 22.38
N ASP E 161 0.19 8.09 23.30
CA ASP E 161 -0.15 7.83 24.69
C ASP E 161 -1.66 7.96 24.71
N ILE E 162 -2.33 7.04 25.38
CA ILE E 162 -3.79 7.12 25.45
C ILE E 162 -4.24 7.65 26.78
N GLU E 163 -5.04 8.71 26.76
CA GLU E 163 -5.39 9.43 27.98
C GLU E 163 -6.65 8.91 28.71
N SER E 164 -7.70 8.63 27.97
CA SER E 164 -8.97 8.24 28.60
C SER E 164 -10.05 7.83 27.58
N PHE E 165 -10.67 6.69 27.76
CA PHE E 165 -11.88 6.34 26.99
C PHE E 165 -13.10 6.59 27.85
N THR E 166 -13.92 7.54 27.41
CA THR E 166 -15.09 8.02 28.14
C THR E 166 -16.26 8.13 27.15
N ALA E 167 -17.45 8.60 27.56
CA ALA E 167 -18.59 8.85 26.61
C ALA E 167 -19.64 9.89 27.02
N VAL E 168 -20.28 10.51 26.01
CA VAL E 168 -21.27 11.56 26.28
C VAL E 168 -22.64 11.00 26.64
N VAL E 169 -22.94 11.05 27.93
CA VAL E 169 -24.15 10.43 28.46
C VAL E 169 -25.40 10.80 27.68
N LYS E 170 -25.65 12.09 27.50
CA LYS E 170 -26.87 12.60 26.85
C LYS E 170 -26.79 12.48 25.33
N PRO E 171 -27.61 11.59 24.74
CA PRO E 171 -27.57 11.41 23.29
C PRO E 171 -28.15 12.62 22.58
N ALA E 172 -27.86 12.70 21.30
CA ALA E 172 -28.48 13.72 20.47
C ALA E 172 -29.48 13.02 19.62
N ASN E 173 -30.74 13.42 19.74
CA ASN E 173 -31.84 12.84 18.98
C ASN E 173 -32.26 13.71 17.78
N PHE E 174 -32.05 13.18 16.58
CA PHE E 174 -32.32 13.90 15.34
C PHE E 174 -33.71 13.65 14.87
N ALA E 175 -34.07 14.35 13.85
CA ALA E 175 -35.14 13.91 13.02
C ALA E 175 -34.49 13.78 11.66
N LEU E 176 -34.30 12.53 11.26
CA LEU E 176 -33.69 12.28 9.99
C LEU E 176 -34.64 11.51 9.08
N GLU E 177 -35.21 12.20 8.10
CA GLU E 177 -36.19 11.60 7.18
C GLU E 177 -37.41 11.02 7.88
N ASP E 178 -38.24 11.90 8.44
CA ASP E 178 -39.49 11.51 9.07
C ASP E 178 -39.31 10.30 9.99
N ARG E 179 -38.19 10.26 10.71
CA ARG E 179 -37.95 9.23 11.73
C ARG E 179 -36.80 9.62 12.64
N LEU E 180 -37.11 9.94 13.90
CA LEU E 180 -36.05 10.35 14.81
C LEU E 180 -35.06 9.21 14.96
N GLU E 181 -33.78 9.61 14.86
CA GLU E 181 -32.71 8.68 15.24
C GLU E 181 -32.08 9.16 16.54
N SER E 182 -31.17 8.36 17.09
CA SER E 182 -30.54 8.70 18.34
C SER E 182 -29.09 8.29 18.29
N LYS E 183 -28.22 9.27 18.46
CA LYS E 183 -26.77 9.12 18.30
C LYS E 183 -26.00 9.37 19.60
N LEU E 184 -24.98 8.53 19.85
CA LEU E 184 -24.18 8.61 21.08
C LEU E 184 -22.75 8.95 20.72
N ASP E 185 -21.98 9.50 21.65
CA ASP E 185 -20.61 9.95 21.36
C ASP E 185 -19.53 9.31 22.24
N TYR E 186 -18.84 8.29 21.70
CA TYR E 186 -17.74 7.62 22.42
C TYR E 186 -16.40 8.26 22.13
N GLN E 187 -15.72 8.74 23.17
CA GLN E 187 -14.54 9.60 23.04
C GLN E 187 -13.23 8.93 23.47
N LEU E 188 -12.27 8.88 22.55
CA LEU E 188 -10.93 8.40 22.86
C LEU E 188 -9.89 9.53 22.81
N ARG E 189 -9.38 9.92 23.97
CA ARG E 189 -8.42 11.01 24.06
C ARG E 189 -6.98 10.46 24.02
N ILE E 190 -6.18 11.00 23.10
CA ILE E 190 -4.80 10.57 22.93
C ILE E 190 -3.83 11.73 22.71
N SER E 191 -2.62 11.62 23.29
CA SER E 191 -1.57 12.58 22.99
C SER E 191 -0.51 11.86 22.18
N ARG E 192 0.08 12.54 21.19
CA ARG E 192 1.16 11.91 20.43
C ARG E 192 2.41 11.77 21.26
N GLN E 193 3.15 10.70 20.99
CA GLN E 193 4.50 10.56 21.51
C GLN E 193 5.47 11.27 20.58
N TYR E 194 5.48 12.60 20.66
CA TYR E 194 6.50 13.42 20.03
C TYR E 194 7.75 12.94 20.72
N PHE E 195 8.85 13.00 19.95
CA PHE E 195 10.09 12.59 20.52
C PHE E 195 10.91 12.08 19.38
N SER E 196 10.58 10.85 18.89
CA SER E 196 11.23 10.31 17.71
C SER E 196 11.29 11.40 16.65
N TYR E 197 10.52 12.47 16.88
CA TYR E 197 10.50 13.65 16.03
C TYR E 197 11.73 14.55 16.23
N ILE E 198 12.35 14.51 17.41
CA ILE E 198 13.54 15.31 17.66
C ILE E 198 14.82 14.74 17.05
N PRO E 199 15.26 13.56 17.52
CA PRO E 199 16.51 12.92 17.06
C PRO E 199 16.51 12.70 15.54
N ASN E 200 15.33 12.80 14.94
CA ASN E 200 15.16 12.43 13.56
C ASN E 200 14.68 13.55 12.64
N ILE E 201 14.12 14.61 13.22
CA ILE E 201 13.55 15.70 12.43
C ILE E 201 13.92 17.08 12.95
N ILE E 202 13.50 17.34 14.18
CA ILE E 202 13.66 18.64 14.80
C ILE E 202 15.14 18.96 14.88
N LEU E 203 15.87 18.10 15.58
CA LEU E 203 17.31 18.29 15.71
C LEU E 203 18.00 18.31 14.35
N PRO E 204 18.06 17.17 13.65
CA PRO E 204 18.80 17.17 12.39
C PRO E 204 18.42 18.37 11.49
N MET E 205 17.16 18.78 11.53
CA MET E 205 16.71 19.88 10.69
C MET E 205 17.33 21.20 11.14
N LEU E 206 17.54 21.33 12.45
CA LEU E 206 18.23 22.48 13.05
C LEU E 206 19.72 22.50 12.69
N PHE E 207 20.42 21.40 12.98
CA PHE E 207 21.85 21.28 12.72
C PHE E 207 22.29 21.80 11.33
N ILE E 208 21.59 21.40 10.27
CA ILE E 208 21.91 21.87 8.93
C ILE E 208 21.82 23.40 8.85
N LEU E 209 20.78 23.96 9.47
CA LEU E 209 20.52 25.41 9.44
C LEU E 209 21.70 26.20 9.97
N PHE E 210 22.38 25.60 10.94
CA PHE E 210 23.52 26.22 11.58
C PHE E 210 24.73 26.21 10.64
N ILE E 211 25.17 25.01 10.32
CA ILE E 211 26.20 24.86 9.31
C ILE E 211 25.94 25.81 8.12
N SER E 212 24.67 25.97 7.73
CA SER E 212 24.29 26.87 6.64
C SER E 212 25.01 28.16 6.86
N TRP E 213 24.90 28.69 8.08
CA TRP E 213 25.40 30.02 8.36
C TRP E 213 26.73 30.06 9.14
N THR E 214 27.45 28.95 9.07
CA THR E 214 28.90 28.95 9.25
C THR E 214 29.48 29.93 8.24
N ALA E 215 28.89 30.00 7.04
CA ALA E 215 29.40 30.80 5.94
C ALA E 215 29.35 32.31 6.18
N PHE E 216 29.18 32.68 7.45
CA PHE E 216 29.39 34.04 7.86
C PHE E 216 30.86 34.28 8.20
N TRP E 217 31.47 33.31 8.89
CA TRP E 217 32.90 33.34 9.18
C TRP E 217 33.72 32.87 7.98
N SER E 218 33.28 33.21 6.78
CA SER E 218 33.96 32.79 5.58
C SER E 218 33.93 33.93 4.58
N THR E 219 34.94 33.97 3.71
CA THR E 219 35.04 35.01 2.70
C THR E 219 35.04 34.38 1.30
N SER E 220 35.18 33.06 1.26
CA SER E 220 35.14 32.31 0.01
C SER E 220 33.71 32.26 -0.47
N TYR E 221 33.42 32.84 -1.63
CA TYR E 221 32.08 32.73 -2.20
C TYR E 221 31.89 31.27 -2.65
N GLU E 222 32.93 30.70 -3.27
CA GLU E 222 32.86 29.33 -3.76
C GLU E 222 32.36 28.38 -2.66
N ALA E 223 32.88 28.57 -1.45
CA ALA E 223 32.59 27.67 -0.34
C ALA E 223 31.51 28.24 0.55
N ASN E 224 30.99 29.39 0.17
CA ASN E 224 29.90 29.98 0.92
C ASN E 224 28.59 29.65 0.25
N VAL E 225 28.64 29.37 -1.03
CA VAL E 225 27.45 28.85 -1.69
C VAL E 225 27.48 27.33 -1.54
N THR E 226 28.60 26.69 -1.88
CA THR E 226 28.82 25.29 -1.56
C THR E 226 28.42 25.07 -0.11
N LEU E 227 28.15 26.16 0.63
CA LEU E 227 27.77 26.05 2.02
C LEU E 227 26.28 26.30 2.21
N VAL E 228 25.85 27.57 2.20
CA VAL E 228 24.43 27.92 2.43
C VAL E 228 23.49 27.12 1.51
N VAL E 229 23.90 26.90 0.27
CA VAL E 229 23.07 26.21 -0.69
C VAL E 229 23.02 24.70 -0.42
N SER E 230 24.17 24.06 -0.28
CA SER E 230 24.20 22.63 0.01
C SER E 230 23.27 22.25 1.18
N THR E 231 23.10 23.16 2.14
CA THR E 231 22.21 22.88 3.28
C THR E 231 20.74 23.10 2.94
N LEU E 232 20.47 24.15 2.17
CA LEU E 232 19.09 24.46 1.79
C LEU E 232 18.45 23.24 1.13
N ILE E 233 19.17 22.67 0.16
CA ILE E 233 18.77 21.41 -0.43
C ILE E 233 18.30 20.47 0.68
N ALA E 234 19.19 20.16 1.62
CA ALA E 234 18.93 19.19 2.71
C ALA E 234 17.73 19.56 3.58
N HIS E 235 17.37 20.83 3.58
CA HIS E 235 16.20 21.25 4.29
C HIS E 235 14.97 20.76 3.56
N ILE E 236 14.95 20.95 2.25
CA ILE E 236 13.83 20.48 1.46
C ILE E 236 13.63 19.02 1.77
N ALA E 237 14.75 18.30 1.86
CA ALA E 237 14.72 16.86 2.10
C ALA E 237 14.10 16.57 3.47
N PHE E 238 13.92 17.60 4.26
CA PHE E 238 13.16 17.43 5.50
C PHE E 238 11.71 17.88 5.27
N ASN E 239 11.56 19.08 4.69
CA ASN E 239 10.25 19.56 4.31
C ASN E 239 9.48 18.48 3.54
N ILE E 240 10.19 17.73 2.70
CA ILE E 240 9.57 16.65 1.93
C ILE E 240 9.26 15.46 2.84
N LEU E 241 10.20 15.11 3.72
CA LEU E 241 10.03 13.98 4.65
C LEU E 241 8.80 14.14 5.50
N VAL E 242 8.56 15.38 5.89
CA VAL E 242 7.50 15.71 6.82
C VAL E 242 6.17 15.91 6.11
N GLU E 243 6.21 16.70 5.06
CA GLU E 243 5.02 16.98 4.25
C GLU E 243 4.35 15.68 3.77
N THR E 244 5.13 14.60 3.77
CA THR E 244 4.67 13.31 3.26
C THR E 244 3.83 12.56 4.28
N ASN E 245 4.37 12.34 5.48
CA ASN E 245 3.59 11.67 6.52
C ASN E 245 2.58 12.59 7.23
N LEU E 246 1.93 13.44 6.43
CA LEU E 246 0.93 14.41 6.89
C LEU E 246 0.00 14.87 5.75
N PRO E 247 -1.26 15.20 6.07
CA PRO E 247 -2.32 15.56 5.11
C PRO E 247 -2.40 17.04 4.66
N LYS E 248 -3.27 17.30 3.69
CA LYS E 248 -3.33 18.63 3.08
C LYS E 248 -4.26 19.52 3.89
N THR E 249 -3.71 19.99 5.01
CA THR E 249 -4.37 20.94 5.89
C THR E 249 -4.68 22.25 5.17
N PRO E 250 -5.83 22.84 5.47
CA PRO E 250 -6.25 24.14 4.95
C PRO E 250 -5.81 25.25 5.87
N TYR E 251 -5.09 24.88 6.93
CA TYR E 251 -4.59 25.81 7.93
C TYR E 251 -3.09 25.59 8.07
N MET E 252 -2.46 26.25 9.04
CA MET E 252 -1.03 26.05 9.20
C MET E 252 -0.63 25.19 10.40
N THR E 253 0.24 24.24 10.13
CA THR E 253 0.86 23.39 11.14
C THR E 253 1.86 24.17 11.98
N TYR E 254 2.28 23.61 13.10
CA TYR E 254 3.36 24.22 13.85
C TYR E 254 4.65 24.00 13.12
N THR E 255 4.98 22.74 12.91
CA THR E 255 6.21 22.37 12.25
C THR E 255 6.20 22.82 10.81
N GLY E 256 5.01 23.05 10.27
CA GLY E 256 4.94 23.56 8.91
C GLY E 256 5.36 25.02 8.88
N ALA E 257 5.20 25.66 10.03
CA ALA E 257 5.59 27.03 10.24
C ALA E 257 7.10 27.09 10.36
N ILE E 258 7.62 26.56 11.47
CA ILE E 258 9.05 26.59 11.71
C ILE E 258 9.82 25.96 10.55
N ILE E 259 9.23 24.99 9.86
CA ILE E 259 9.86 24.44 8.67
C ILE E 259 9.85 25.43 7.51
N PHE E 260 8.87 26.32 7.53
CA PHE E 260 8.77 27.34 6.51
C PHE E 260 9.56 28.57 6.92
N MET E 261 9.40 28.97 8.17
CA MET E 261 10.18 30.09 8.70
C MET E 261 11.67 29.84 8.44
N ILE E 262 12.04 28.56 8.41
CA ILE E 262 13.42 28.19 8.16
C ILE E 262 13.80 28.62 6.77
N TYR E 263 12.95 28.30 5.81
CA TYR E 263 13.26 28.62 4.42
C TYR E 263 13.88 30.03 4.31
N LEU E 264 13.33 30.99 5.05
CA LEU E 264 13.75 32.38 4.95
C LEU E 264 15.21 32.67 5.35
N PHE E 265 15.62 32.13 6.49
CA PHE E 265 16.94 32.37 7.08
C PHE E 265 18.02 31.75 6.22
N TYR E 266 17.58 31.04 5.17
CA TYR E 266 18.46 30.49 4.15
C TYR E 266 18.53 31.47 3.00
N PHE E 267 17.41 32.12 2.74
CA PHE E 267 17.32 33.05 1.64
C PHE E 267 18.18 34.28 1.90
N VAL E 268 17.95 34.86 3.06
CA VAL E 268 18.69 36.03 3.45
C VAL E 268 20.13 35.69 3.84
N ALA E 269 20.36 34.45 4.23
CA ALA E 269 21.72 33.94 4.37
C ALA E 269 22.37 34.05 2.99
N VAL E 270 21.73 33.42 2.02
CA VAL E 270 22.16 33.50 0.63
C VAL E 270 22.24 34.96 0.16
N ILE E 271 21.20 35.74 0.41
CA ILE E 271 21.29 37.17 0.15
C ILE E 271 22.61 37.77 0.62
N GLU E 272 22.96 37.52 1.88
CA GLU E 272 24.14 38.12 2.46
C GLU E 272 25.41 37.64 1.78
N VAL E 273 25.69 36.33 1.79
CA VAL E 273 26.94 35.86 1.20
C VAL E 273 27.04 36.42 -0.19
N THR E 274 25.88 36.53 -0.82
CA THR E 274 25.79 37.00 -2.19
C THR E 274 26.26 38.43 -2.27
N VAL E 275 25.96 39.20 -1.30
CA VAL E 275 26.29 40.62 -1.29
C VAL E 275 27.58 40.96 -0.54
N GLN E 276 28.01 40.07 0.34
CA GLN E 276 29.37 40.13 0.88
C GLN E 276 30.40 40.01 -0.27
N HIS E 277 29.89 40.04 -1.49
CA HIS E 277 30.72 39.84 -2.66
C HIS E 277 30.64 40.91 -3.74
N TYR E 278 29.46 41.19 -4.29
CA TYR E 278 29.31 42.43 -5.08
C TYR E 278 29.58 43.68 -4.26
N LEU E 279 30.08 43.46 -3.04
CA LEU E 279 30.46 44.53 -2.12
C LEU E 279 31.87 44.33 -1.60
N LYS E 280 32.46 43.18 -1.92
CA LYS E 280 33.85 42.93 -1.58
C LYS E 280 34.70 42.98 -2.86
N VAL E 281 34.03 42.83 -3.99
CA VAL E 281 34.70 42.96 -5.27
C VAL E 281 34.64 44.42 -5.67
N GLU E 282 33.56 45.06 -5.36
CA GLU E 282 33.50 46.51 -5.35
C GLU E 282 34.43 46.80 -4.18
N SER E 283 35.54 47.49 -4.43
CA SER E 283 36.59 47.59 -3.43
C SER E 283 36.07 48.38 -2.23
N GLN E 284 35.21 47.71 -1.44
CA GLN E 284 34.57 48.30 -0.27
C GLN E 284 34.47 47.26 0.84
N PRO E 285 35.53 46.41 1.01
CA PRO E 285 35.53 45.40 2.06
C PRO E 285 35.37 46.06 3.42
N ALA E 286 35.47 47.38 3.40
CA ALA E 286 35.02 48.15 4.53
C ALA E 286 33.69 47.58 4.99
N ARG E 287 32.70 47.70 4.12
CA ARG E 287 31.33 47.27 4.41
C ARG E 287 31.17 45.75 4.54
N ALA E 288 31.62 45.01 3.52
CA ALA E 288 31.39 43.56 3.47
C ALA E 288 31.67 42.93 4.82
N ALA E 289 32.91 43.07 5.28
CA ALA E 289 33.32 42.47 6.52
C ALA E 289 32.67 43.15 7.73
N SER E 290 31.80 44.11 7.45
CA SER E 290 30.97 44.70 8.48
C SER E 290 29.64 43.94 8.51
N ILE E 291 29.02 43.79 7.34
CA ILE E 291 27.81 43.00 7.21
C ILE E 291 28.00 41.56 7.70
N THR E 292 28.96 40.86 7.10
CA THR E 292 29.19 39.46 7.43
C THR E 292 29.40 39.32 8.93
N ARG E 293 30.10 40.30 9.51
CA ARG E 293 30.38 40.33 10.94
C ARG E 293 29.06 40.41 11.69
N ALA E 294 28.12 41.18 11.13
CA ALA E 294 26.80 41.38 11.72
C ALA E 294 25.92 40.14 11.71
N SER E 295 25.81 39.51 10.54
CA SER E 295 24.91 38.37 10.38
C SER E 295 25.18 37.26 11.39
N ARG E 296 26.41 37.21 11.90
CA ARG E 296 26.81 36.22 12.87
C ARG E 296 26.07 36.40 14.17
N ILE E 297 25.29 37.46 14.26
CA ILE E 297 24.44 37.73 15.42
C ILE E 297 22.99 37.91 14.99
N ALA E 298 22.78 38.78 14.00
CA ALA E 298 21.45 39.05 13.45
C ALA E 298 20.64 37.79 13.25
N PHE E 299 21.23 36.84 12.54
CA PHE E 299 20.50 35.64 12.19
C PHE E 299 20.03 34.80 13.37
N PRO E 300 20.97 34.19 14.10
CA PRO E 300 20.62 33.31 15.22
C PRO E 300 19.65 33.97 16.18
N VAL E 301 19.84 35.27 16.41
CA VAL E 301 18.96 35.99 17.32
C VAL E 301 17.54 36.08 16.77
N VAL E 302 17.41 36.61 15.55
CA VAL E 302 16.10 36.77 14.93
C VAL E 302 15.38 35.44 14.76
N PHE E 303 16.15 34.37 14.75
CA PHE E 303 15.61 33.03 14.72
C PHE E 303 15.07 32.66 16.11
N LEU E 304 15.94 32.67 17.10
CA LEU E 304 15.55 32.34 18.45
C LEU E 304 14.41 33.28 18.86
N LEU E 305 14.41 34.46 18.25
CA LEU E 305 13.36 35.45 18.50
C LEU E 305 12.08 35.06 17.81
N ALA E 306 12.18 34.73 16.52
CA ALA E 306 11.04 34.33 15.69
C ALA E 306 10.49 32.95 16.07
N ASN E 307 11.26 32.19 16.84
CA ASN E 307 10.78 30.89 17.33
C ASN E 307 10.03 31.06 18.62
N ILE E 308 10.55 31.93 19.47
CA ILE E 308 9.86 32.34 20.67
C ILE E 308 8.58 33.08 20.26
N ILE E 309 8.63 33.76 19.11
CA ILE E 309 7.47 34.47 18.58
C ILE E 309 6.49 33.46 18.01
N LEU E 310 7.01 32.59 17.17
CA LEU E 310 6.21 31.52 16.57
C LEU E 310 5.71 30.53 17.61
N ALA E 311 6.64 29.86 18.27
CA ALA E 311 6.29 28.88 19.29
C ALA E 311 5.15 29.43 20.15
N PHE E 312 5.33 30.63 20.67
CA PHE E 312 4.33 31.23 21.54
C PHE E 312 3.01 31.47 20.80
N LEU E 313 3.14 31.79 19.53
CA LEU E 313 1.96 32.10 18.73
C LEU E 313 1.05 30.89 18.57
N PHE E 314 1.56 29.70 18.88
CA PHE E 314 0.83 28.43 18.69
C PHE E 314 0.42 27.75 19.99
N PHE E 315 1.34 27.66 20.95
CA PHE E 315 1.02 26.99 22.19
C PHE E 315 0.54 27.98 23.26
N GLY E 316 1.24 29.10 23.37
CA GLY E 316 0.97 30.09 24.41
C GLY E 316 -0.36 30.80 24.28
N PHE E 317 -0.98 30.70 23.09
CA PHE E 317 -2.28 31.31 22.83
C PHE E 317 -3.34 30.27 22.47
#